data_8REX
#
_entry.id   8REX
#
_cell.length_a   1.00
_cell.length_b   1.00
_cell.length_c   1.00
_cell.angle_alpha   90.00
_cell.angle_beta   90.00
_cell.angle_gamma   90.00
#
_symmetry.space_group_name_H-M   'P 1'
#
loop_
_entity.id
_entity.type
_entity.pdbx_description
1 polymer 'Transforming growth factor beta-1 proprotein'
2 polymer 'Transforming growth factor beta activator LRRC32'
3 polymer 'mFab LMT-12, Light Chain'
4 polymer 'mFab LMT-12, Heavy Chain'
5 branched 2-acetamido-2-deoxy-beta-D-glucopyranose-(1-4)-2-acetamido-2-deoxy-beta-D-glucopyranose
6 non-polymer 2-acetamido-2-deoxy-beta-D-glucopyranose
#
loop_
_entity_poly.entity_id
_entity_poly.type
_entity_poly.pdbx_seq_one_letter_code
_entity_poly.pdbx_strand_id
1 'polypeptide(L)'
;MPPSGLRLLPLLLPLPWLLVLTPGRPAAGLSTCKTIDMELVKRKRIEAIRGQILSKLRLASPPSQGEVPPGPLPEAVLAL
YNSTRDRVAGESADPEPEPEADYYAKEVTRVLMVDRNNAIYEKTKDISHSIYMFFNTSDIREAVPEPPLLSRAELRLQRL
KSSVEQHVELYQKYSNNSWRYLGNRLLTPTDTPEWLSFDVTGVVRQWLNQGDGIQGFRFSAHCSCDSKDNKLHVEINGIS
PKRRGDLGTIHDMNRPFLLLMATPLERAQHLHSSRHRRALDTNYCFSSTEKNCCVRQLYIDFRKDLGWKWIHEPKGYHAN
FCLGPCPYIWSLDTQYSKVLALYNQHNPGASASPCCVPQALEPLPIVYYVGRKPKVEQLSNMIVRSCKCS
;
A,B,C,D
2 'polypeptide(L)'
;MSHQILLLLAMLTLGLAISQRREQVPCRTVNKEALCHGLGLLQVPSVLSLDIQALYLSGNQLQSILVSPLGFYTALRHLD
LSDNQISFLQAGVFQALPYLEHLNLAHNRLATGMALNSGGLGRLPLLVSLDLSGNSLHGNLVERLLGETPRLRTLSLAEN
SLTRLARHTFWGMPAVEQLDLHSNVLMDIEDGAFEALPHLTHLNLSRNSLTCISDFSLQQLQVLDLSCNSIEAFQTAPEP
QAQFQLAWLDLRENKLLHFPDLAVFPRLIYLNVSNNLIQLPAGLPRGSEDLHAPSEGWSASPLSNPSRNASTHPLSQLLN
LDLSYNEIELVPASFLEHLTSLRFLNLSRNCLRSFEARQVDSLPCLVLLDLSHNVLEALELGTKVLGSLQTLLLQDNALQ
ELPPYTFASLASLQRLNLQGNQVSPCGGPAEPGPPGCVDFSGIPTLHVLNMAGNSMGMLRAGSFLHTPLTELDLSTNPGL
DVATGALVGLEASLEVLELQGNGLTVLRVDLPCFLRLKRLNLAENQLSHLPAWTRAVSLEVLDLRNNSFSLLPGNAMGGL
ETSLRRLYLQGNPLSCCGNGWLAAQLHQGRVDVDATQDLICRFGSQEELSLSLVRPEDCEKGGLKNVNLEAAAENLYFQG
AAWSHPQFEKGAAWSHPQFEKGAAWSHPQFEKGAA
;
E
3 'polypeptide(L)'
;MGWSCIILFLVATATGVHSQPALTQLSSMSGSPGQTVTITCTGSSSNIGGGYYLNWYQQLPGAAPKLVIYNANNRASGVP
DRFSGSKSGNLASLTITGLQAEDEAVYFCGCYDSSLSSVVFGGGTHLTVLGQPKAAPSVTLFPPSSEELQANKATLVCLI
SDFYPGAVTVAWKADSSPVKAGVETTTPSKQSNNKYAASSYLSLTPEQWKSHRSYSCQVTHEGSTVEKTVAPTECS
;
F,I
4 'polypeptide(L)'
;MGWSCIILFLVATATGVHSEVQLVESGGGLVQPGGSLRLSCAASGFTFSSYYMYWVRQAPGKGLEWVSGTSIGGGSTWYA
DSVKGRFTISRDNAKNTLYLQMNNLKSEDTAVYYCAKDLNSRSYKGMGDWGQGTQVTVSSASTKGPSVFPLAPSSKSTSG
GTAALGCLVKDYFPEPVTVSWNSGALTSGVHTFPAVLQSSGLYSLSSVVTVPSSSLGTQTYICNVNHKPSNTKVDKKVEP
KSCDKTH
;
G,H
#
loop_
_chem_comp.id
_chem_comp.type
_chem_comp.name
_chem_comp.formula
NAG D-saccharide, beta linking 2-acetamido-2-deoxy-beta-D-glucopyranose 'C8 H15 N O6'
#
# COMPACT_ATOMS: atom_id res chain seq x y z
N LEU A 30 -31.11 20.15 12.43
CA LEU A 30 -29.89 19.40 12.13
C LEU A 30 -29.57 18.40 13.24
N SER A 31 -29.68 17.12 12.91
CA SER A 31 -29.41 16.06 13.87
C SER A 31 -28.74 14.91 13.12
N THR A 32 -27.45 14.70 13.37
CA THR A 32 -26.74 13.60 12.75
C THR A 32 -27.28 12.28 13.26
N CYS A 33 -27.75 11.43 12.35
CA CYS A 33 -28.32 10.15 12.74
C CYS A 33 -27.24 9.26 13.34
N LYS A 34 -27.63 8.48 14.35
CA LYS A 34 -26.65 7.78 15.17
C LYS A 34 -26.02 6.61 14.42
N THR A 35 -26.83 5.62 14.05
CA THR A 35 -26.33 4.45 13.35
C THR A 35 -27.28 4.09 12.22
N ILE A 36 -26.70 3.53 11.15
CA ILE A 36 -27.51 3.00 10.06
C ILE A 36 -28.23 1.75 10.55
N ASP A 37 -29.42 1.50 10.00
CA ASP A 37 -30.21 0.35 10.40
C ASP A 37 -29.48 -0.94 10.01
N MET A 38 -29.29 -1.82 10.99
CA MET A 38 -28.35 -2.93 10.83
C MET A 38 -28.91 -4.02 9.91
N GLU A 39 -30.23 -4.23 9.94
CA GLU A 39 -30.82 -5.27 9.10
C GLU A 39 -30.76 -4.89 7.61
N LEU A 40 -30.90 -3.60 7.30
CA LEU A 40 -30.79 -3.15 5.91
C LEU A 40 -29.40 -3.43 5.34
N VAL A 41 -28.36 -3.00 6.05
CA VAL A 41 -27.00 -3.24 5.57
C VAL A 41 -26.68 -4.74 5.64
N LYS A 42 -27.35 -5.48 6.53
CA LYS A 42 -27.14 -6.92 6.58
C LYS A 42 -27.65 -7.60 5.32
N ARG A 43 -28.89 -7.31 4.89
CA ARG A 43 -29.33 -7.89 3.61
C ARG A 43 -28.57 -7.32 2.43
N LYS A 44 -28.12 -6.07 2.48
CA LYS A 44 -27.30 -5.55 1.39
C LYS A 44 -26.00 -6.34 1.26
N ARG A 45 -25.34 -6.61 2.38
CA ARG A 45 -24.11 -7.40 2.36
C ARG A 45 -24.39 -8.84 1.97
N ILE A 46 -25.55 -9.37 2.37
CA ILE A 46 -25.90 -10.76 2.01
C ILE A 46 -26.08 -10.88 0.50
N GLU A 47 -26.78 -9.93 -0.12
CA GLU A 47 -26.96 -9.97 -1.56
C GLU A 47 -25.64 -9.76 -2.29
N ALA A 48 -24.79 -8.86 -1.78
CA ALA A 48 -23.48 -8.67 -2.38
C ALA A 48 -22.61 -9.91 -2.23
N ILE A 49 -22.77 -10.64 -1.13
CA ILE A 49 -22.04 -11.88 -0.91
C ILE A 49 -22.52 -12.96 -1.88
N ARG A 50 -23.83 -13.02 -2.11
CA ARG A 50 -24.36 -13.94 -3.12
C ARG A 50 -23.78 -13.64 -4.50
N GLY A 51 -23.74 -12.35 -4.87
CA GLY A 51 -23.13 -11.96 -6.13
C GLY A 51 -21.66 -12.32 -6.19
N GLN A 52 -20.93 -12.12 -5.08
CA GLN A 52 -19.52 -12.47 -5.03
C GLN A 52 -19.31 -13.98 -5.20
N ILE A 53 -20.09 -14.79 -4.50
CA ILE A 53 -19.99 -16.24 -4.62
C ILE A 53 -20.28 -16.72 -6.04
N LEU A 54 -21.34 -16.21 -6.67
CA LEU A 54 -21.60 -16.58 -8.06
C LEU A 54 -20.56 -16.04 -9.03
N SER A 55 -19.92 -14.91 -8.73
CA SER A 55 -18.92 -14.36 -9.63
C SER A 55 -17.56 -15.04 -9.49
N LYS A 56 -17.24 -15.55 -8.31
CA LYS A 56 -15.97 -16.25 -8.11
C LYS A 56 -15.91 -17.54 -8.92
N LEU A 57 -17.03 -18.21 -9.08
CA LEU A 57 -17.09 -19.52 -9.71
C LEU A 57 -17.33 -19.44 -11.21
N ARG A 58 -17.33 -18.24 -11.79
CA ARG A 58 -17.66 -18.00 -13.20
C ARG A 58 -19.03 -18.56 -13.54
N LEU A 59 -19.97 -18.44 -12.60
CA LEU A 59 -21.32 -18.96 -12.75
C LEU A 59 -22.32 -17.81 -12.77
N ALA A 60 -23.56 -18.14 -13.14
CA ALA A 60 -24.66 -17.20 -13.11
C ALA A 60 -25.94 -17.81 -12.55
N SER A 61 -25.94 -19.10 -12.23
CA SER A 61 -27.12 -19.78 -11.71
C SER A 61 -26.65 -20.86 -10.76
N PRO A 62 -27.44 -21.20 -9.74
CA PRO A 62 -27.03 -22.26 -8.82
C PRO A 62 -27.18 -23.63 -9.46
N PRO A 63 -26.08 -24.35 -9.66
CA PRO A 63 -26.16 -25.68 -10.27
C PRO A 63 -26.79 -26.69 -9.33
N SER A 64 -27.40 -27.71 -9.92
CA SER A 64 -28.08 -28.75 -9.18
C SER A 64 -27.64 -30.12 -9.68
N GLN A 65 -28.13 -31.16 -9.03
CA GLN A 65 -27.80 -32.53 -9.39
C GLN A 65 -29.03 -33.26 -9.92
N PRO A 72 -23.82 -38.68 1.61
CA PRO A 72 -22.98 -39.87 1.40
C PRO A 72 -21.77 -39.57 0.52
N LEU A 73 -21.40 -38.30 0.42
CA LEU A 73 -20.25 -37.91 -0.38
C LEU A 73 -18.95 -38.43 0.26
N PRO A 74 -17.99 -38.85 -0.57
CA PRO A 74 -16.91 -39.70 -0.07
C PRO A 74 -15.94 -38.98 0.85
N GLU A 75 -15.04 -39.78 1.45
CA GLU A 75 -14.11 -39.27 2.44
C GLU A 75 -12.86 -38.64 1.83
N ALA A 76 -12.62 -38.83 0.54
CA ALA A 76 -11.45 -38.22 -0.10
C ALA A 76 -11.57 -36.70 -0.11
N VAL A 77 -12.77 -36.20 -0.45
CA VAL A 77 -12.97 -34.75 -0.40
C VAL A 77 -12.98 -34.25 1.03
N LEU A 78 -13.37 -35.08 1.99
CA LEU A 78 -13.21 -34.70 3.40
C LEU A 78 -11.74 -34.52 3.76
N ALA A 79 -10.89 -35.44 3.32
CA ALA A 79 -9.46 -35.31 3.59
C ALA A 79 -8.89 -34.06 2.92
N LEU A 80 -9.28 -33.81 1.67
CA LEU A 80 -8.78 -32.63 0.95
C LEU A 80 -9.26 -31.35 1.61
N TYR A 81 -10.53 -31.29 2.01
CA TYR A 81 -11.08 -30.10 2.64
C TYR A 81 -10.46 -29.85 4.00
N ASN A 82 -10.27 -30.90 4.80
CA ASN A 82 -9.64 -30.76 6.11
C ASN A 82 -8.19 -30.34 5.98
N SER A 83 -7.50 -30.83 4.94
CA SER A 83 -6.13 -30.40 4.69
C SER A 83 -6.10 -28.94 4.23
N THR A 84 -7.12 -28.51 3.50
CA THR A 84 -7.16 -27.13 3.01
C THR A 84 -7.43 -26.15 4.15
N ARG A 85 -8.26 -26.55 5.12
CA ARG A 85 -8.61 -25.65 6.22
C ARG A 85 -7.39 -25.29 7.06
N ASP A 86 -6.66 -26.29 7.53
CA ASP A 86 -5.55 -26.06 8.42
C ASP A 86 -4.35 -25.51 7.66
N ARG A 87 -3.49 -24.79 8.37
CA ARG A 87 -2.26 -24.25 7.79
C ARG A 87 -1.10 -24.32 8.76
N ASP A 102 -6.56 -13.36 -10.32
CA ASP A 102 -6.43 -13.97 -9.00
C ASP A 102 -7.73 -13.84 -8.22
N TYR A 103 -8.72 -13.20 -8.83
CA TYR A 103 -9.99 -12.97 -8.14
C TYR A 103 -10.79 -14.25 -8.00
N TYR A 104 -10.93 -15.02 -9.08
CA TYR A 104 -11.97 -16.04 -9.16
C TYR A 104 -11.60 -17.27 -8.34
N ALA A 105 -12.60 -18.12 -8.11
CA ALA A 105 -12.39 -19.38 -7.40
C ALA A 105 -11.49 -20.29 -8.22
N LYS A 106 -10.58 -20.97 -7.53
CA LYS A 106 -9.49 -21.69 -8.18
C LYS A 106 -9.39 -23.10 -7.62
N GLU A 107 -9.32 -24.08 -8.52
CA GLU A 107 -9.44 -25.49 -8.15
C GLU A 107 -8.30 -25.93 -7.23
N VAL A 108 -8.64 -26.77 -6.26
CA VAL A 108 -7.66 -27.32 -5.33
C VAL A 108 -7.71 -28.84 -5.40
N THR A 109 -6.53 -29.46 -5.41
CA THR A 109 -6.42 -30.90 -5.54
C THR A 109 -5.10 -31.34 -4.92
N ARG A 110 -5.12 -32.49 -4.24
CA ARG A 110 -3.94 -33.02 -3.58
C ARG A 110 -3.38 -34.21 -4.36
N VAL A 111 -2.05 -34.30 -4.37
CA VAL A 111 -1.35 -35.49 -4.85
C VAL A 111 -0.42 -35.98 -3.76
N LEU A 112 -0.43 -37.28 -3.52
CA LEU A 112 0.24 -37.83 -2.35
C LEU A 112 1.71 -38.14 -2.66
N MET A 113 2.42 -38.49 -1.59
CA MET A 113 3.80 -38.95 -1.70
C MET A 113 3.89 -40.24 -2.52
N VAL A 114 5.01 -40.39 -3.22
CA VAL A 114 5.43 -41.73 -3.64
C VAL A 114 5.74 -42.54 -2.40
N ASP A 115 5.15 -43.73 -2.30
CA ASP A 115 5.15 -44.51 -1.07
C ASP A 115 6.59 -44.88 -0.66
N ARG A 116 6.78 -45.03 0.65
CA ARG A 116 8.12 -45.27 1.19
C ARG A 116 8.68 -46.62 0.77
N ASN A 117 7.80 -47.59 0.50
CA ASN A 117 8.25 -48.90 0.05
C ASN A 117 8.75 -48.90 -1.39
N ASN A 118 8.57 -47.79 -2.11
CA ASN A 118 9.06 -47.70 -3.49
C ASN A 118 10.58 -47.76 -3.52
N ALA A 119 11.11 -48.26 -4.64
CA ALA A 119 12.55 -48.46 -4.81
C ALA A 119 13.28 -47.20 -5.24
N ILE A 120 12.69 -46.03 -5.04
CA ILE A 120 13.37 -44.79 -5.41
C ILE A 120 14.06 -44.14 -4.21
N TYR A 121 13.63 -44.44 -2.99
CA TYR A 121 14.23 -43.89 -1.79
C TYR A 121 15.44 -44.67 -1.30
N GLU A 122 15.66 -45.89 -1.82
CA GLU A 122 16.75 -46.72 -1.31
C GLU A 122 18.12 -46.24 -1.75
N LYS A 123 18.19 -45.37 -2.77
CA LYS A 123 19.48 -44.86 -3.22
C LYS A 123 20.13 -43.98 -2.16
N THR A 124 19.33 -43.21 -1.43
CA THR A 124 19.84 -42.27 -0.44
C THR A 124 19.42 -42.60 0.98
N LYS A 125 19.07 -43.85 1.25
CA LYS A 125 18.69 -44.24 2.61
C LYS A 125 19.84 -44.17 3.59
N ASP A 126 21.09 -44.22 3.10
CA ASP A 126 22.24 -44.10 3.98
C ASP A 126 22.32 -42.72 4.61
N ILE A 127 21.74 -41.71 3.97
CA ILE A 127 21.65 -40.38 4.57
C ILE A 127 20.61 -40.40 5.67
N SER A 128 21.02 -40.03 6.88
CA SER A 128 20.13 -40.05 8.05
C SER A 128 19.95 -38.65 8.62
N HIS A 129 20.39 -37.63 7.89
CA HIS A 129 20.17 -36.25 8.33
C HIS A 129 19.21 -35.51 7.42
N SER A 130 18.42 -36.21 6.60
CA SER A 130 17.45 -35.58 5.72
C SER A 130 16.29 -36.53 5.49
N ILE A 131 15.16 -35.96 5.11
CA ILE A 131 13.99 -36.72 4.67
C ILE A 131 13.75 -36.37 3.21
N TYR A 132 13.61 -37.40 2.38
CA TYR A 132 13.51 -37.24 0.94
C TYR A 132 12.07 -37.47 0.51
N MET A 133 11.46 -36.45 -0.07
CA MET A 133 10.04 -36.47 -0.44
C MET A 133 9.94 -36.41 -1.95
N PHE A 134 9.66 -37.54 -2.59
CA PHE A 134 9.57 -37.63 -4.05
C PHE A 134 8.11 -37.72 -4.46
N PHE A 135 7.75 -36.96 -5.50
CA PHE A 135 6.38 -36.91 -5.98
C PHE A 135 6.32 -37.31 -7.45
N ASN A 136 5.29 -38.08 -7.80
CA ASN A 136 5.09 -38.51 -9.17
C ASN A 136 4.52 -37.37 -9.98
N THR A 137 5.30 -36.88 -10.95
CA THR A 137 4.87 -35.74 -11.75
C THR A 137 3.67 -36.09 -12.64
N SER A 138 3.50 -37.37 -12.95
CA SER A 138 2.36 -37.78 -13.76
C SER A 138 1.04 -37.52 -13.05
N ASP A 139 0.99 -37.77 -11.74
CA ASP A 139 -0.24 -37.52 -11.00
C ASP A 139 -0.47 -36.02 -10.85
N ILE A 140 0.60 -35.25 -10.74
CA ILE A 140 0.48 -33.79 -10.70
C ILE A 140 -0.10 -33.26 -12.00
N ARG A 141 0.39 -33.77 -13.14
CA ARG A 141 -0.15 -33.36 -14.43
C ARG A 141 -1.58 -33.87 -14.63
N GLU A 142 -1.92 -35.01 -14.03
CA GLU A 142 -3.31 -35.46 -14.07
C GLU A 142 -4.22 -34.51 -13.31
N ALA A 143 -3.74 -33.97 -12.19
CA ALA A 143 -4.52 -32.98 -11.45
C ALA A 143 -4.52 -31.64 -12.18
N VAL A 144 -3.37 -31.23 -12.68
CA VAL A 144 -3.21 -29.95 -13.36
C VAL A 144 -2.72 -30.23 -14.78
N PRO A 145 -3.63 -30.28 -15.76
CA PRO A 145 -3.23 -30.69 -17.12
C PRO A 145 -2.22 -29.77 -17.79
N GLU A 146 -2.28 -28.46 -17.56
CA GLU A 146 -1.30 -27.57 -18.16
C GLU A 146 -0.74 -26.60 -17.14
N PRO A 147 0.50 -26.16 -17.31
CA PRO A 147 1.17 -25.31 -16.30
C PRO A 147 0.44 -24.02 -15.99
N PRO A 148 0.13 -23.15 -16.97
CA PRO A 148 -0.17 -21.75 -16.62
C PRO A 148 -1.42 -21.56 -15.77
N LEU A 149 -2.34 -22.52 -15.78
CA LEU A 149 -3.52 -22.42 -14.91
C LEU A 149 -3.21 -22.73 -13.45
N LEU A 150 -2.11 -23.43 -13.18
CA LEU A 150 -1.69 -23.61 -11.80
C LEU A 150 -1.17 -22.29 -11.25
N SER A 151 -1.51 -22.01 -9.99
CA SER A 151 -1.15 -20.73 -9.39
C SER A 151 -0.41 -20.86 -8.08
N ARG A 152 -0.74 -21.83 -7.25
CA ARG A 152 -0.04 -22.01 -5.98
C ARG A 152 0.06 -23.49 -5.65
N ALA A 153 1.26 -23.91 -5.26
CA ALA A 153 1.51 -25.27 -4.81
C ALA A 153 2.00 -25.22 -3.37
N GLU A 154 1.41 -26.06 -2.52
CA GLU A 154 1.71 -26.04 -1.09
C GLU A 154 2.07 -27.45 -0.64
N LEU A 155 3.23 -27.57 0.01
CA LEU A 155 3.71 -28.85 0.52
C LEU A 155 3.41 -28.96 2.01
N ARG A 156 2.78 -30.06 2.40
CA ARG A 156 2.34 -30.26 3.78
C ARG A 156 3.14 -31.38 4.42
N LEU A 157 3.55 -31.17 5.67
CA LEU A 157 4.37 -32.12 6.41
C LEU A 157 3.83 -32.24 7.82
N GLN A 158 3.38 -33.42 8.20
CA GLN A 158 2.87 -33.63 9.55
C GLN A 158 4.00 -34.11 10.45
N ARG A 159 4.17 -33.45 11.60
CA ARG A 159 5.13 -33.85 12.61
C ARG A 159 4.37 -34.48 13.76
N LEU A 160 4.60 -35.76 14.01
CA LEU A 160 3.83 -36.47 15.03
C LEU A 160 4.17 -35.98 16.42
N LYS A 161 5.47 -35.88 16.74
CA LYS A 161 5.90 -35.43 18.06
C LYS A 161 7.36 -35.02 17.97
N SER A 162 7.68 -33.87 18.56
CA SER A 162 9.06 -33.40 18.61
C SER A 162 9.28 -32.67 19.93
N SER A 163 10.54 -32.64 20.36
CA SER A 163 10.89 -32.02 21.64
C SER A 163 12.17 -31.19 21.57
N VAL A 164 12.62 -30.79 20.39
CA VAL A 164 13.92 -30.14 20.23
C VAL A 164 13.78 -28.95 19.28
N GLU A 165 14.65 -27.96 19.46
CA GLU A 165 14.79 -26.84 18.53
C GLU A 165 15.55 -27.33 17.31
N GLN A 166 14.83 -27.68 16.26
CA GLN A 166 15.42 -28.10 14.99
C GLN A 166 15.04 -27.10 13.91
N HIS A 167 16.05 -26.60 13.21
CA HIS A 167 15.85 -25.63 12.13
C HIS A 167 16.09 -26.36 10.81
N VAL A 168 15.02 -26.48 10.01
CA VAL A 168 15.02 -27.35 8.83
C VAL A 168 15.18 -26.51 7.57
N GLU A 169 15.40 -27.17 6.43
CA GLU A 169 15.49 -26.50 5.13
C GLU A 169 14.72 -27.34 4.11
N LEU A 170 14.66 -26.86 2.87
CA LEU A 170 13.98 -27.58 1.80
C LEU A 170 14.70 -27.34 0.49
N TYR A 171 14.80 -28.40 -0.33
CA TYR A 171 15.50 -28.36 -1.60
C TYR A 171 14.68 -29.12 -2.64
N GLN A 172 15.15 -29.12 -3.89
CA GLN A 172 14.62 -30.06 -4.89
C GLN A 172 15.77 -30.63 -5.71
N LYS A 173 15.41 -31.56 -6.59
CA LYS A 173 16.37 -32.47 -7.21
C LYS A 173 17.28 -31.78 -8.22
N TYR A 174 16.71 -31.24 -9.30
CA TYR A 174 17.41 -30.88 -10.54
C TYR A 174 18.07 -32.04 -11.27
N SER A 175 17.95 -33.27 -10.76
CA SER A 175 18.41 -34.49 -11.42
C SER A 175 19.91 -34.54 -11.64
N ASN A 176 20.65 -33.49 -11.28
CA ASN A 176 22.10 -33.56 -11.21
C ASN A 176 22.58 -34.06 -9.86
N ASN A 177 21.66 -34.36 -8.94
CA ASN A 177 21.92 -34.42 -7.50
C ASN A 177 22.51 -33.12 -6.99
N SER A 178 22.13 -32.00 -7.60
CA SER A 178 22.51 -30.67 -7.17
C SER A 178 21.24 -29.88 -6.88
N TRP A 179 21.13 -29.33 -5.68
CA TRP A 179 19.86 -28.90 -5.12
C TRP A 179 19.80 -27.39 -5.03
N ARG A 180 18.61 -26.83 -5.26
CA ARG A 180 18.40 -25.40 -5.04
C ARG A 180 17.73 -25.19 -3.69
N TYR A 181 17.94 -24.01 -3.12
CA TYR A 181 17.31 -23.64 -1.87
C TYR A 181 15.87 -23.19 -2.12
N LEU A 182 14.95 -23.69 -1.29
CA LEU A 182 13.55 -23.30 -1.37
C LEU A 182 13.12 -22.40 -0.22
N GLY A 183 13.35 -22.84 1.02
CA GLY A 183 12.94 -22.09 2.17
C GLY A 183 13.05 -22.88 3.46
N ASN A 184 13.41 -22.21 4.54
CA ASN A 184 13.61 -22.86 5.83
C ASN A 184 12.40 -22.66 6.73
N ARG A 185 12.44 -23.32 7.89
CA ARG A 185 11.37 -23.22 8.87
C ARG A 185 11.96 -23.55 10.24
N LEU A 186 11.75 -22.67 11.20
CA LEU A 186 12.24 -22.93 12.55
C LEU A 186 11.16 -23.63 13.37
N LEU A 187 11.44 -24.85 13.79
CA LEU A 187 10.44 -25.70 14.41
C LEU A 187 10.71 -25.74 15.91
N THR A 188 9.72 -25.34 16.69
CA THR A 188 9.71 -25.39 18.14
C THR A 188 9.13 -26.71 18.62
N PRO A 189 9.54 -27.19 19.80
CA PRO A 189 8.95 -28.40 20.37
C PRO A 189 7.45 -28.22 20.62
N THR A 190 6.70 -29.28 20.41
CA THR A 190 5.26 -29.26 20.60
C THR A 190 4.78 -30.63 21.08
N ASP A 191 3.61 -30.64 21.71
CA ASP A 191 3.00 -31.86 22.21
C ASP A 191 1.83 -32.31 21.35
N THR A 192 1.58 -31.67 20.22
CA THR A 192 0.48 -31.99 19.33
C THR A 192 0.99 -32.09 17.90
N PRO A 193 0.33 -32.88 17.05
CA PRO A 193 0.71 -32.90 15.63
C PRO A 193 0.55 -31.53 14.98
N GLU A 194 1.51 -31.18 14.13
CA GLU A 194 1.56 -29.89 13.47
C GLU A 194 1.87 -30.08 11.99
N TRP A 195 1.17 -29.34 11.14
CA TRP A 195 1.47 -29.34 9.72
C TRP A 195 2.42 -28.20 9.38
N LEU A 196 3.03 -28.31 8.20
CA LEU A 196 3.93 -27.28 7.69
C LEU A 196 3.50 -26.90 6.28
N SER A 197 4.00 -25.77 5.81
CA SER A 197 3.67 -25.24 4.50
C SER A 197 4.89 -24.59 3.88
N PHE A 198 5.30 -25.07 2.72
CA PHE A 198 6.40 -24.49 1.96
C PHE A 198 5.88 -24.02 0.61
N ASP A 199 6.36 -22.86 0.16
CA ASP A 199 5.96 -22.32 -1.13
C ASP A 199 6.73 -23.04 -2.23
N VAL A 200 6.03 -23.89 -2.97
CA VAL A 200 6.66 -24.68 -4.03
C VAL A 200 5.92 -24.44 -5.34
N THR A 201 5.37 -23.24 -5.50
CA THR A 201 4.69 -22.87 -6.74
C THR A 201 5.62 -22.95 -7.94
N GLY A 202 6.79 -22.30 -7.82
CA GLY A 202 7.77 -22.36 -8.90
C GLY A 202 8.30 -23.77 -9.12
N VAL A 203 8.35 -24.56 -8.06
CA VAL A 203 8.80 -25.94 -8.17
C VAL A 203 7.85 -26.76 -9.05
N VAL A 204 6.56 -26.68 -8.76
CA VAL A 204 5.62 -27.48 -9.54
C VAL A 204 5.44 -26.87 -10.93
N ARG A 205 5.63 -25.57 -11.07
CA ARG A 205 5.65 -24.97 -12.41
C ARG A 205 6.81 -25.51 -13.24
N GLN A 206 7.98 -25.68 -12.62
CA GLN A 206 9.11 -26.28 -13.33
C GLN A 206 8.86 -27.75 -13.62
N TRP A 207 8.18 -28.45 -12.70
CA TRP A 207 7.90 -29.86 -12.90
C TRP A 207 6.90 -30.09 -14.01
N LEU A 208 5.97 -29.16 -14.19
CA LEU A 208 5.00 -29.28 -15.28
C LEU A 208 5.63 -28.94 -16.63
N ASN A 209 6.67 -28.12 -16.64
CA ASN A 209 7.39 -27.79 -17.86
C ASN A 209 8.42 -28.85 -18.23
N GLN A 210 8.34 -30.02 -17.61
CA GLN A 210 9.30 -31.10 -17.85
C GLN A 210 8.52 -32.39 -18.05
N GLY A 211 9.22 -33.39 -18.57
CA GLY A 211 8.60 -34.67 -18.83
C GLY A 211 8.14 -35.35 -17.57
N ASP A 212 7.14 -36.21 -17.73
CA ASP A 212 6.61 -36.94 -16.58
C ASP A 212 7.65 -37.89 -16.02
N GLY A 213 7.76 -37.92 -14.71
CA GLY A 213 8.76 -38.75 -14.06
C GLY A 213 8.64 -38.68 -12.56
N ILE A 214 9.78 -38.79 -11.89
CA ILE A 214 9.86 -38.73 -10.44
C ILE A 214 10.86 -37.66 -10.06
N GLN A 215 10.37 -36.53 -9.60
CA GLN A 215 11.20 -35.45 -9.06
C GLN A 215 10.67 -35.08 -7.68
N GLY A 216 11.58 -34.77 -6.76
CA GLY A 216 11.21 -34.66 -5.37
C GLY A 216 12.05 -33.66 -4.59
N PHE A 217 11.81 -33.65 -3.28
CA PHE A 217 12.33 -32.67 -2.34
C PHE A 217 13.35 -33.30 -1.39
N ARG A 218 14.01 -32.44 -0.63
CA ARG A 218 14.86 -32.85 0.48
C ARG A 218 14.50 -32.03 1.70
N PHE A 219 14.37 -32.70 2.84
CA PHE A 219 14.05 -32.05 4.12
C PHE A 219 15.29 -32.18 5.01
N SER A 220 16.23 -31.26 4.85
CA SER A 220 17.53 -31.33 5.51
C SER A 220 17.59 -30.38 6.69
N ALA A 221 18.22 -30.82 7.77
CA ALA A 221 18.47 -29.95 8.90
C ALA A 221 19.47 -28.87 8.53
N HIS A 222 19.38 -27.73 9.21
CA HIS A 222 20.39 -26.71 9.05
C HIS A 222 21.72 -27.21 9.59
N CYS A 223 22.77 -27.01 8.80
CA CYS A 223 24.11 -27.47 9.17
C CYS A 223 25.07 -26.31 8.87
N SER A 224 25.29 -25.47 9.88
CA SER A 224 26.18 -24.34 9.72
C SER A 224 27.62 -24.82 9.56
N CYS A 225 28.47 -23.91 9.07
CA CYS A 225 29.85 -24.29 8.77
C CYS A 225 30.69 -24.51 10.02
N ASP A 226 30.20 -24.09 11.19
CA ASP A 226 30.87 -24.38 12.45
C ASP A 226 30.45 -25.72 13.05
N SER A 227 29.30 -26.25 12.64
CA SER A 227 28.80 -27.54 13.12
C SER A 227 28.25 -28.29 11.91
N LYS A 228 29.10 -29.09 11.27
CA LYS A 228 28.74 -29.77 10.04
C LYS A 228 28.21 -31.17 10.35
N ASP A 229 27.36 -31.68 9.45
CA ASP A 229 26.77 -33.01 9.53
C ASP A 229 25.87 -33.15 10.76
N ASN A 230 25.09 -32.10 11.03
CA ASN A 230 24.12 -32.15 12.11
C ASN A 230 22.98 -33.10 11.76
N LYS A 231 22.64 -33.98 12.70
CA LYS A 231 21.60 -34.96 12.47
C LYS A 231 20.22 -34.32 12.55
N LEU A 232 19.30 -34.80 11.71
CA LEU A 232 17.94 -34.27 11.66
C LEU A 232 17.14 -34.89 12.80
N HIS A 233 16.90 -34.11 13.86
CA HIS A 233 16.21 -34.61 15.04
C HIS A 233 14.70 -34.44 14.97
N VAL A 234 14.16 -33.90 13.87
CA VAL A 234 12.72 -33.69 13.73
C VAL A 234 12.14 -34.83 12.91
N GLU A 235 10.93 -35.26 13.24
CA GLU A 235 10.29 -36.41 12.63
C GLU A 235 9.08 -35.97 11.82
N ILE A 236 8.94 -36.57 10.64
CA ILE A 236 7.84 -36.28 9.72
C ILE A 236 7.00 -37.54 9.57
N ASN A 237 5.69 -37.40 9.72
CA ASN A 237 4.80 -38.54 9.65
C ASN A 237 4.83 -39.16 8.25
N GLY A 238 4.72 -40.47 8.19
CA GLY A 238 4.71 -41.19 6.94
C GLY A 238 6.07 -41.56 6.40
N ILE A 239 7.16 -41.18 7.07
CA ILE A 239 8.50 -41.53 6.62
C ILE A 239 9.22 -42.33 7.70
N SER A 240 9.42 -41.70 8.85
CA SER A 240 10.17 -42.35 9.91
C SER A 240 9.27 -43.33 10.66
N PRO A 241 9.76 -44.56 10.93
CA PRO A 241 8.99 -45.58 11.64
C PRO A 241 8.76 -45.22 13.11
N ASN A 254 -2.21 -38.59 5.80
CA ASN A 254 -1.20 -38.63 6.85
C ASN A 254 0.22 -38.38 6.31
N ARG A 255 0.58 -39.05 5.22
CA ARG A 255 1.88 -38.84 4.62
C ARG A 255 1.91 -37.50 3.89
N PRO A 256 3.09 -36.93 3.67
CA PRO A 256 3.17 -35.61 3.01
C PRO A 256 2.58 -35.63 1.61
N PHE A 257 2.03 -34.48 1.22
CA PHE A 257 1.35 -34.36 -0.07
C PHE A 257 1.49 -32.93 -0.56
N LEU A 258 1.33 -32.76 -1.86
CA LEU A 258 1.31 -31.46 -2.49
C LEU A 258 -0.13 -30.95 -2.54
N LEU A 259 -0.31 -29.67 -2.23
CA LEU A 259 -1.62 -29.04 -2.32
C LEU A 259 -1.55 -28.01 -3.45
N LEU A 260 -2.31 -28.23 -4.51
CA LEU A 260 -2.20 -27.45 -5.73
C LEU A 260 -3.41 -26.52 -5.87
N MET A 261 -3.15 -25.21 -5.95
CA MET A 261 -4.16 -24.22 -6.26
C MET A 261 -4.05 -23.89 -7.75
N ALA A 262 -4.96 -24.45 -8.54
CA ALA A 262 -4.92 -24.29 -9.99
C ALA A 262 -6.23 -23.71 -10.49
N THR A 263 -6.15 -22.87 -11.51
CA THR A 263 -7.35 -22.42 -12.19
C THR A 263 -8.00 -23.61 -12.89
N PRO A 264 -9.30 -23.85 -12.71
CA PRO A 264 -9.92 -25.02 -13.32
C PRO A 264 -9.88 -24.97 -14.84
N LEU A 265 -9.75 -26.15 -15.45
CA LEU A 265 -9.69 -26.26 -16.91
C LEU A 265 -11.02 -25.92 -17.57
N GLU A 266 -12.15 -26.16 -16.90
CA GLU A 266 -13.45 -25.92 -17.49
C GLU A 266 -13.73 -24.44 -17.71
N ARG A 267 -13.41 -23.61 -16.71
CA ARG A 267 -13.77 -22.19 -16.76
C ARG A 267 -12.71 -21.32 -17.43
N ALA A 268 -11.50 -21.82 -17.63
CA ALA A 268 -10.44 -21.03 -18.25
C ALA A 268 -9.43 -21.90 -18.96
N LEU B 280 -2.95 -2.22 -11.04
CA LEU B 280 -2.50 -2.56 -9.71
C LEU B 280 -1.01 -2.24 -9.54
N ASP B 281 -0.53 -1.27 -10.30
CA ASP B 281 0.85 -0.80 -10.17
C ASP B 281 0.95 0.57 -10.81
N THR B 282 2.16 1.15 -10.69
CA THR B 282 2.37 2.50 -11.19
C THR B 282 2.77 2.51 -12.68
N ASN B 283 3.35 1.42 -13.18
CA ASN B 283 3.80 1.40 -14.57
C ASN B 283 2.65 1.26 -15.54
N TYR B 284 1.57 0.58 -15.13
CA TYR B 284 0.43 0.38 -16.02
C TYR B 284 -0.27 1.70 -16.35
N CYS B 285 -0.45 2.56 -15.35
CA CYS B 285 -1.16 3.82 -15.54
C CYS B 285 -0.27 5.05 -15.55
N PHE B 286 1.05 4.88 -15.44
CA PHE B 286 1.96 5.98 -15.75
C PHE B 286 2.30 6.02 -17.23
N SER B 287 2.25 4.87 -17.89
CA SER B 287 2.32 4.79 -19.35
C SER B 287 0.87 4.79 -19.87
N SER B 288 0.46 5.91 -20.45
CA SER B 288 -0.90 6.17 -20.94
C SER B 288 -1.92 6.13 -19.80
N THR B 289 -3.18 6.44 -20.11
CA THR B 289 -4.24 6.54 -19.13
C THR B 289 -5.24 5.41 -19.34
N GLU B 290 -5.53 4.68 -18.28
CA GLU B 290 -6.54 3.63 -18.28
C GLU B 290 -7.70 4.09 -17.40
N LYS B 291 -8.91 4.05 -17.94
CA LYS B 291 -10.07 4.72 -17.32
C LYS B 291 -10.71 3.83 -16.26
N ASN B 292 -9.94 3.51 -15.23
CA ASN B 292 -10.42 2.73 -14.10
C ASN B 292 -9.51 3.04 -12.92
N CYS B 293 -9.65 2.29 -11.83
CA CYS B 293 -9.01 2.60 -10.56
C CYS B 293 -7.50 2.36 -10.63
N CYS B 294 -6.74 3.43 -10.80
CA CYS B 294 -5.28 3.31 -10.77
C CYS B 294 -4.66 4.65 -10.43
N VAL B 295 -3.34 4.64 -10.29
CA VAL B 295 -2.60 5.76 -9.74
C VAL B 295 -2.50 6.89 -10.76
N ARG B 296 -2.57 8.13 -10.28
CA ARG B 296 -2.34 9.31 -11.08
C ARG B 296 -1.22 10.12 -10.46
N GLN B 297 -0.43 10.79 -11.31
CA GLN B 297 0.73 11.52 -10.84
C GLN B 297 0.30 12.75 -10.04
N LEU B 298 0.93 12.95 -8.89
CA LEU B 298 0.65 14.11 -8.05
C LEU B 298 1.93 14.43 -7.27
N TYR B 299 2.66 15.43 -7.74
CA TYR B 299 3.85 15.91 -7.05
C TYR B 299 3.46 17.01 -6.08
N ILE B 300 3.59 16.75 -4.79
CA ILE B 300 3.21 17.69 -3.75
C ILE B 300 4.46 18.45 -3.32
N ASP B 301 4.58 19.68 -3.77
CA ASP B 301 5.68 20.53 -3.34
C ASP B 301 5.36 21.09 -1.96
N PHE B 302 6.40 21.24 -1.13
CA PHE B 302 6.19 21.82 0.19
C PHE B 302 6.38 23.33 0.20
N ARG B 303 7.17 23.87 -0.72
CA ARG B 303 7.45 25.30 -0.75
C ARG B 303 6.29 26.12 -1.28
N LYS B 304 5.66 25.69 -2.37
CA LYS B 304 4.64 26.48 -3.07
C LYS B 304 3.27 25.82 -3.07
N ASP B 305 3.22 24.49 -3.06
CA ASP B 305 1.92 23.81 -3.12
C ASP B 305 1.28 23.72 -1.74
N LEU B 306 2.08 23.55 -0.69
CA LEU B 306 1.57 23.46 0.66
C LEU B 306 1.90 24.68 1.52
N GLY B 307 2.81 25.52 1.08
CA GLY B 307 3.18 26.70 1.84
C GLY B 307 3.89 26.42 3.14
N TRP B 308 4.70 25.36 3.17
CA TRP B 308 5.48 25.00 4.35
C TRP B 308 6.92 25.43 4.16
N LYS B 309 7.50 25.98 5.23
CA LYS B 309 8.85 26.50 5.19
C LYS B 309 9.81 25.74 6.09
N TRP B 310 9.36 24.68 6.75
CA TRP B 310 10.14 24.02 7.79
C TRP B 310 10.75 22.70 7.39
N ILE B 311 10.09 21.92 6.52
CA ILE B 311 10.68 20.67 6.04
C ILE B 311 11.81 21.03 5.09
N HIS B 312 13.05 20.92 5.57
CA HIS B 312 14.21 21.29 4.76
C HIS B 312 14.35 20.36 3.57
N GLU B 313 14.35 19.05 3.81
CA GLU B 313 14.37 18.06 2.73
C GLU B 313 13.39 16.94 3.08
N PRO B 314 12.68 16.38 2.09
CA PRO B 314 12.71 16.71 0.67
C PRO B 314 11.91 17.96 0.33
N LYS B 315 12.26 18.63 -0.76
CA LYS B 315 11.49 19.78 -1.22
C LYS B 315 10.07 19.39 -1.60
N GLY B 316 9.90 18.22 -2.20
CA GLY B 316 8.57 17.73 -2.54
C GLY B 316 8.67 16.28 -2.93
N TYR B 317 7.52 15.63 -3.00
CA TYR B 317 7.47 14.21 -3.29
C TYR B 317 6.20 13.91 -4.09
N HIS B 318 6.13 12.69 -4.59
CA HIS B 318 5.02 12.23 -5.44
C HIS B 318 4.07 11.43 -4.55
N ALA B 319 3.05 12.09 -4.03
CA ALA B 319 2.04 11.40 -3.23
C ALA B 319 1.25 10.42 -4.09
N ASN B 320 0.95 10.81 -5.33
CA ASN B 320 0.42 9.93 -6.37
C ASN B 320 -0.91 9.30 -5.95
N PHE B 321 -1.92 10.15 -5.81
CA PHE B 321 -3.26 9.69 -5.49
C PHE B 321 -3.79 8.77 -6.59
N CYS B 322 -4.83 8.02 -6.26
CA CYS B 322 -5.46 7.19 -7.27
C CYS B 322 -6.97 7.31 -7.17
N LEU B 323 -7.61 7.38 -8.33
CA LEU B 323 -9.03 7.63 -8.46
C LEU B 323 -9.59 6.78 -9.59
N GLY B 324 -10.77 6.20 -9.37
CA GLY B 324 -11.34 5.32 -10.36
C GLY B 324 -12.82 5.08 -10.22
N PRO B 325 -13.47 4.80 -11.35
CA PRO B 325 -14.92 4.53 -11.35
C PRO B 325 -15.26 3.07 -11.08
N CYS B 326 -14.31 2.31 -10.53
CA CYS B 326 -14.30 0.84 -10.49
C CYS B 326 -15.63 0.21 -10.09
N PRO B 327 -16.30 -0.47 -11.04
CA PRO B 327 -17.58 -1.12 -10.73
C PRO B 327 -17.38 -2.50 -10.13
N TYR B 328 -18.48 -3.24 -9.97
CA TYR B 328 -18.38 -4.63 -9.51
C TYR B 328 -17.72 -5.50 -10.58
N ILE B 329 -17.27 -6.67 -10.15
CA ILE B 329 -16.58 -7.59 -11.06
C ILE B 329 -17.54 -8.15 -12.10
N TRP B 330 -18.80 -8.41 -11.71
CA TRP B 330 -19.76 -8.95 -12.65
C TRP B 330 -20.30 -7.91 -13.62
N SER B 331 -20.17 -6.63 -13.30
CA SER B 331 -20.55 -5.55 -14.20
C SER B 331 -19.42 -5.13 -15.13
N LEU B 332 -18.21 -5.65 -14.94
CA LEU B 332 -17.08 -5.28 -15.76
C LEU B 332 -17.05 -6.06 -17.07
N LEU B 340 -9.27 -8.45 -14.14
CA LEU B 340 -8.12 -7.56 -14.15
C LEU B 340 -7.36 -7.68 -12.83
N ALA B 341 -6.15 -7.10 -12.77
CA ALA B 341 -5.35 -7.13 -11.56
C ALA B 341 -5.92 -6.25 -10.46
N LEU B 342 -6.80 -5.30 -10.81
CA LEU B 342 -7.40 -4.43 -9.82
C LEU B 342 -8.26 -5.20 -8.82
N TYR B 343 -8.97 -6.21 -9.28
CA TYR B 343 -9.94 -6.91 -8.46
C TYR B 343 -9.37 -8.12 -7.75
N ASN B 344 -8.06 -8.12 -7.47
CA ASN B 344 -7.44 -9.23 -6.76
C ASN B 344 -7.99 -9.35 -5.34
N GLN B 345 -8.18 -8.22 -4.67
CA GLN B 345 -8.67 -8.17 -3.30
C GLN B 345 -10.01 -7.45 -3.24
N HIS B 346 -10.88 -7.73 -4.21
CA HIS B 346 -12.16 -7.03 -4.30
C HIS B 346 -13.18 -7.66 -3.37
N ASN B 347 -14.01 -6.82 -2.75
CA ASN B 347 -15.05 -7.27 -1.85
C ASN B 347 -16.30 -6.39 -1.94
N PRO B 348 -17.37 -6.85 -2.58
CA PRO B 348 -18.65 -6.13 -2.54
C PRO B 348 -19.49 -6.40 -1.30
N GLY B 349 -19.32 -7.55 -0.66
CA GLY B 349 -20.03 -7.89 0.55
C GLY B 349 -19.40 -7.39 1.82
N ALA B 350 -18.34 -6.59 1.72
CA ALA B 350 -17.65 -6.05 2.88
C ALA B 350 -17.60 -4.53 2.90
N SER B 351 -17.92 -3.86 1.79
CA SER B 351 -17.96 -2.41 1.74
C SER B 351 -19.32 -1.98 1.22
N ALA B 352 -19.69 -0.74 1.55
CA ALA B 352 -20.95 -0.19 1.05
C ALA B 352 -20.93 -0.08 -0.47
N SER B 353 -19.81 0.37 -1.03
CA SER B 353 -19.62 0.42 -2.47
C SER B 353 -18.14 0.21 -2.75
N PRO B 354 -17.81 -0.47 -3.84
CA PRO B 354 -16.39 -0.60 -4.22
C PRO B 354 -15.76 0.76 -4.49
N CYS B 355 -14.53 0.91 -4.04
CA CYS B 355 -13.84 2.19 -4.11
C CYS B 355 -12.41 1.99 -4.59
N CYS B 356 -11.70 3.09 -4.73
CA CYS B 356 -10.35 3.10 -5.29
C CYS B 356 -9.38 3.38 -4.14
N VAL B 357 -8.98 2.31 -3.45
CA VAL B 357 -8.25 2.43 -2.19
C VAL B 357 -6.82 1.92 -2.36
N PRO B 358 -5.82 2.63 -1.82
CA PRO B 358 -4.43 2.17 -1.96
C PRO B 358 -4.17 0.81 -1.34
N GLN B 359 -3.32 0.04 -2.01
CA GLN B 359 -2.89 -1.27 -1.52
C GLN B 359 -1.42 -1.24 -1.10
N ALA B 360 -0.54 -0.79 -1.99
CA ALA B 360 0.89 -0.72 -1.70
C ALA B 360 1.28 0.72 -1.42
N LEU B 361 1.80 0.99 -0.22
CA LEU B 361 2.16 2.32 0.21
C LEU B 361 3.65 2.37 0.55
N GLU B 362 4.30 3.46 0.12
CA GLU B 362 5.74 3.62 0.28
C GLU B 362 6.01 4.74 1.26
N PRO B 363 6.77 4.51 2.32
CA PRO B 363 7.04 5.56 3.30
C PRO B 363 7.95 6.66 2.75
N LEU B 364 7.93 7.80 3.43
CA LEU B 364 8.74 8.95 3.06
C LEU B 364 9.56 9.42 4.27
N PRO B 365 10.84 9.69 4.09
CA PRO B 365 11.61 10.39 5.13
C PRO B 365 11.65 11.88 4.91
N ILE B 366 11.67 12.64 6.01
CA ILE B 366 11.79 14.10 5.94
C ILE B 366 12.86 14.55 6.93
N VAL B 367 13.43 15.71 6.64
CA VAL B 367 14.42 16.36 7.50
C VAL B 367 13.88 17.72 7.88
N TYR B 368 13.57 17.91 9.16
CA TYR B 368 13.02 19.16 9.66
C TYR B 368 13.57 19.46 11.04
N TYR B 369 13.49 20.72 11.44
CA TYR B 369 14.11 21.19 12.66
C TYR B 369 13.07 21.40 13.76
N VAL B 370 13.33 20.82 14.93
CA VAL B 370 12.63 21.18 16.16
C VAL B 370 13.65 21.84 17.07
N GLY B 371 13.64 23.17 17.13
CA GLY B 371 14.70 23.85 17.83
C GLY B 371 15.99 23.81 17.01
N ARG B 372 17.11 23.64 17.71
CA ARG B 372 18.42 23.65 17.07
C ARG B 372 18.85 22.29 16.56
N LYS B 373 18.12 21.21 16.87
CA LYS B 373 18.53 19.87 16.49
C LYS B 373 17.83 19.45 15.20
N PRO B 374 18.58 19.18 14.12
CA PRO B 374 17.96 18.66 12.89
C PRO B 374 17.48 17.24 13.08
N LYS B 375 16.17 17.05 13.01
CA LYS B 375 15.54 15.76 13.29
C LYS B 375 15.13 15.10 11.98
N VAL B 376 15.52 13.84 11.81
CA VAL B 376 15.21 13.06 10.63
C VAL B 376 14.21 11.98 11.01
N GLU B 377 13.03 12.02 10.41
CA GLU B 377 11.99 11.04 10.70
C GLU B 377 11.48 10.45 9.39
N GLN B 378 11.01 9.21 9.47
CA GLN B 378 10.40 8.53 8.34
C GLN B 378 8.91 8.36 8.62
N LEU B 379 8.08 8.83 7.69
CA LEU B 379 6.64 8.74 7.80
C LEU B 379 6.15 7.58 6.94
N SER B 380 5.45 6.64 7.57
CA SER B 380 4.91 5.52 6.82
C SER B 380 3.65 5.94 6.08
N ASN B 381 3.38 5.27 4.95
CA ASN B 381 2.13 5.42 4.18
C ASN B 381 1.96 6.85 3.66
N MET B 382 2.98 7.34 2.97
CA MET B 382 2.96 8.62 2.27
C MET B 382 2.70 8.51 0.78
N ILE B 383 3.33 7.57 0.09
CA ILE B 383 3.29 7.48 -1.37
C ILE B 383 2.42 6.30 -1.75
N VAL B 384 1.41 6.55 -2.58
CA VAL B 384 0.54 5.50 -3.09
C VAL B 384 1.18 4.96 -4.36
N ARG B 385 1.71 3.74 -4.28
CA ARG B 385 2.36 3.15 -5.44
C ARG B 385 1.38 2.35 -6.30
N SER B 386 0.37 1.75 -5.68
CA SER B 386 -0.61 0.98 -6.43
C SER B 386 -1.90 0.97 -5.64
N CYS B 387 -3.02 0.70 -6.32
CA CYS B 387 -4.28 0.63 -5.62
C CYS B 387 -5.26 -0.28 -6.35
N LYS B 388 -6.23 -0.77 -5.58
CA LYS B 388 -7.09 -1.88 -5.93
C LYS B 388 -8.55 -1.47 -5.86
N CYS B 389 -9.42 -2.41 -6.22
CA CYS B 389 -10.86 -2.26 -6.05
C CYS B 389 -11.30 -3.00 -4.80
N SER B 390 -12.40 -2.55 -4.21
CA SER B 390 -12.89 -3.14 -2.97
C SER B 390 -14.41 -3.19 -2.92
N CYS C 33 -21.93 5.94 -13.17
CA CYS C 33 -20.63 6.24 -13.75
C CYS C 33 -19.54 6.26 -12.67
N LYS C 34 -19.91 6.76 -11.48
CA LYS C 34 -19.00 6.91 -10.34
C LYS C 34 -17.76 7.73 -10.70
N THR C 35 -17.99 8.86 -11.36
CA THR C 35 -16.91 9.73 -11.80
C THR C 35 -16.93 11.04 -11.00
N ILE C 36 -15.76 11.51 -10.59
CA ILE C 36 -15.62 12.79 -9.91
C ILE C 36 -14.45 13.53 -10.56
N ASP C 37 -14.43 14.85 -10.37
CA ASP C 37 -13.46 15.73 -11.01
C ASP C 37 -12.02 15.40 -10.60
N MET C 38 -11.08 15.80 -11.44
CA MET C 38 -9.66 15.64 -11.15
C MET C 38 -9.15 16.69 -10.17
N GLU C 39 -9.38 17.97 -10.47
CA GLU C 39 -8.72 19.06 -9.75
C GLU C 39 -9.22 19.17 -8.32
N LEU C 40 -10.45 18.76 -8.04
CA LEU C 40 -10.92 18.74 -6.63
C LEU C 40 -10.12 17.68 -5.89
N VAL C 41 -10.00 16.48 -6.46
CA VAL C 41 -9.32 15.35 -5.76
C VAL C 41 -7.87 15.71 -5.51
N LYS C 42 -7.24 16.42 -6.39
CA LYS C 42 -5.86 16.80 -6.09
C LYS C 42 -5.77 17.74 -4.88
N ARG C 43 -6.59 18.80 -4.81
CA ARG C 43 -6.59 19.70 -3.63
C ARG C 43 -7.14 18.99 -2.40
N LYS C 44 -8.15 18.16 -2.53
CA LYS C 44 -8.60 17.42 -1.36
C LYS C 44 -7.45 16.55 -0.85
N ARG C 45 -6.71 15.84 -1.72
CA ARG C 45 -5.56 15.07 -1.20
C ARG C 45 -4.47 16.00 -0.69
N ILE C 46 -4.14 17.11 -1.33
CA ILE C 46 -3.00 17.94 -0.85
C ILE C 46 -3.32 18.42 0.56
N GLU C 47 -4.56 18.81 0.81
CA GLU C 47 -5.00 19.19 2.15
C GLU C 47 -4.92 17.98 3.08
N ALA C 48 -5.33 16.78 2.64
CA ALA C 48 -5.35 15.62 3.56
C ALA C 48 -3.91 15.21 3.79
N ILE C 49 -3.06 15.55 2.83
CA ILE C 49 -1.64 15.27 3.01
C ILE C 49 -1.05 16.26 4.02
N ARG C 50 -1.46 17.53 3.94
CA ARG C 50 -1.08 18.49 4.98
C ARG C 50 -1.52 18.00 6.36
N GLY C 51 -2.77 17.54 6.47
CA GLY C 51 -3.26 17.02 7.74
C GLY C 51 -2.54 15.77 8.19
N GLN C 52 -2.22 14.88 7.25
CA GLN C 52 -1.60 13.61 7.59
C GLN C 52 -0.15 13.80 8.04
N ILE C 53 0.61 14.66 7.35
CA ILE C 53 1.95 15.01 7.80
C ILE C 53 1.96 15.75 9.12
N LEU C 54 1.00 16.65 9.35
CA LEU C 54 0.93 17.31 10.65
C LEU C 54 0.45 16.39 11.77
N SER C 55 -0.28 15.33 11.44
CA SER C 55 -0.76 14.41 12.46
C SER C 55 0.25 13.32 12.80
N LYS C 56 1.00 12.83 11.80
CA LYS C 56 2.03 11.79 12.06
C LYS C 56 3.12 12.39 12.93
N LEU C 57 3.58 13.59 12.62
CA LEU C 57 4.61 14.24 13.41
C LEU C 57 4.11 14.71 14.77
N ARG C 58 2.81 14.58 15.04
CA ARG C 58 2.17 15.09 16.26
C ARG C 58 2.44 16.57 16.46
N LEU C 59 2.39 17.33 15.36
CA LEU C 59 2.56 18.77 15.39
C LEU C 59 1.19 19.42 15.30
N ALA C 60 0.78 20.11 16.37
CA ALA C 60 -0.43 20.90 16.30
C ALA C 60 -0.23 22.17 15.50
N SER C 61 1.02 22.56 15.26
CA SER C 61 1.35 23.73 14.45
C SER C 61 2.70 23.49 13.81
N PRO C 62 2.98 24.14 12.68
CA PRO C 62 4.34 24.10 12.12
C PRO C 62 5.34 24.63 13.11
N PRO C 63 6.51 24.01 13.23
CA PRO C 63 7.52 24.50 14.17
C PRO C 63 8.07 25.86 13.74
N SER C 64 8.43 26.67 14.73
CA SER C 64 8.99 27.98 14.45
C SER C 64 10.38 27.83 13.85
N GLN C 65 10.67 28.63 12.82
CA GLN C 65 11.94 28.54 12.11
C GLN C 65 12.93 29.64 12.53
N GLY C 66 12.62 30.39 13.58
CA GLY C 66 13.57 31.39 14.06
C GLY C 66 14.82 30.77 14.65
N GLU C 67 14.66 29.68 15.40
CA GLU C 67 15.80 29.00 16.02
C GLU C 67 16.31 27.87 15.11
N VAL C 68 16.60 28.24 13.87
CA VAL C 68 17.18 27.34 12.89
C VAL C 68 18.52 27.92 12.45
N PRO C 69 19.63 27.19 12.61
CA PRO C 69 20.92 27.73 12.20
C PRO C 69 20.99 27.87 10.69
N PRO C 70 21.76 28.84 10.19
CA PRO C 70 21.89 29.01 8.74
C PRO C 70 22.83 27.97 8.15
N GLY C 71 22.95 28.03 6.82
CA GLY C 71 23.81 27.13 6.10
C GLY C 71 23.13 25.83 5.77
N PRO C 72 23.80 24.97 4.99
CA PRO C 72 23.21 23.70 4.61
C PRO C 72 23.20 22.72 5.79
N LEU C 73 22.56 21.58 5.56
CA LEU C 73 22.52 20.54 6.57
C LEU C 73 23.92 19.97 6.83
N PRO C 74 24.19 19.51 8.05
CA PRO C 74 25.47 18.86 8.33
C PRO C 74 25.62 17.59 7.53
N GLU C 75 26.87 17.23 7.23
CA GLU C 75 27.15 16.07 6.38
C GLU C 75 26.69 14.77 7.04
N ALA C 76 26.69 14.69 8.37
CA ALA C 76 26.14 13.52 9.04
C ALA C 76 24.63 13.40 8.81
N VAL C 77 23.92 14.52 8.90
CA VAL C 77 22.48 14.50 8.67
C VAL C 77 22.17 14.22 7.21
N LEU C 78 22.99 14.76 6.29
CA LEU C 78 22.82 14.46 4.88
C LEU C 78 23.06 12.99 4.59
N ALA C 79 24.09 12.39 5.18
CA ALA C 79 24.35 10.97 4.99
C ALA C 79 23.24 10.13 5.59
N LEU C 80 22.71 10.51 6.75
CA LEU C 80 21.60 9.79 7.36
C LEU C 80 20.35 9.88 6.48
N TYR C 81 20.08 11.04 5.90
CA TYR C 81 18.91 11.18 5.04
C TYR C 81 19.07 10.41 3.75
N ASN C 82 20.28 10.40 3.18
CA ASN C 82 20.55 9.58 2.00
C ASN C 82 20.37 8.11 2.31
N SER C 83 20.80 7.68 3.50
CA SER C 83 20.65 6.29 3.91
C SER C 83 19.19 5.91 4.09
N THR C 84 18.39 6.79 4.71
CA THR C 84 17.00 6.44 4.95
C THR C 84 16.16 6.59 3.69
N ARG C 85 16.64 7.33 2.69
CA ARG C 85 15.98 7.30 1.39
C ARG C 85 16.20 5.98 0.66
N ASP C 86 17.35 5.34 0.85
CA ASP C 86 17.69 4.11 0.14
C ASP C 86 16.77 2.96 0.54
N ALA C 101 0.21 -0.19 15.92
CA ALA C 101 -0.07 1.21 15.57
C ALA C 101 1.20 1.93 15.13
N ASP C 102 1.67 1.60 13.92
CA ASP C 102 2.81 2.27 13.32
C ASP C 102 2.40 3.47 12.49
N TYR C 103 1.30 4.13 12.85
CA TYR C 103 0.80 5.27 12.11
C TYR C 103 1.80 6.41 12.11
N TYR C 104 2.31 6.78 13.28
CA TYR C 104 3.02 8.04 13.44
C TYR C 104 4.46 7.92 12.97
N ALA C 105 5.10 9.08 12.80
CA ALA C 105 6.45 9.13 12.28
C ALA C 105 7.46 8.79 13.36
N LYS C 106 8.45 7.99 12.99
CA LYS C 106 9.51 7.55 13.89
C LYS C 106 10.83 8.16 13.44
N GLU C 107 11.60 8.67 14.40
CA GLU C 107 12.86 9.31 14.06
C GLU C 107 13.88 8.27 13.61
N VAL C 108 14.88 8.73 12.88
CA VAL C 108 15.90 7.86 12.30
C VAL C 108 17.25 8.23 12.88
N THR C 109 17.97 7.24 13.37
CA THR C 109 19.30 7.45 13.93
C THR C 109 20.21 6.33 13.45
N ARG C 110 21.38 6.70 12.94
CA ARG C 110 22.36 5.75 12.42
C ARG C 110 23.43 5.51 13.47
N VAL C 111 23.64 4.25 13.83
CA VAL C 111 24.75 3.85 14.68
C VAL C 111 25.66 2.92 13.88
N LEU C 112 26.93 3.28 13.80
CA LEU C 112 27.89 2.53 13.01
C LEU C 112 28.46 1.37 13.82
N MET C 113 29.01 0.39 13.11
CA MET C 113 29.60 -0.77 13.76
C MET C 113 30.90 -0.39 14.45
N VAL C 114 31.36 -1.27 15.34
CA VAL C 114 32.67 -1.07 15.95
C VAL C 114 33.72 -1.22 14.87
N ASP C 115 34.72 -0.33 14.90
CA ASP C 115 35.73 -0.26 13.85
C ASP C 115 36.53 -1.57 13.80
N ARG C 116 37.02 -1.88 12.59
CA ARG C 116 37.68 -3.16 12.36
C ARG C 116 38.96 -3.29 13.17
N ASN C 117 39.67 -2.17 13.38
CA ASN C 117 40.93 -2.18 14.15
C ASN C 117 40.69 -2.11 15.66
N ASN C 118 39.78 -2.97 16.13
CA ASN C 118 39.42 -3.05 17.53
C ASN C 118 39.80 -4.41 18.09
N ALA C 119 40.06 -4.45 19.40
CA ALA C 119 40.47 -5.67 20.07
C ALA C 119 39.39 -6.72 20.13
N ILE C 120 38.12 -6.34 19.92
CA ILE C 120 37.05 -7.32 19.93
C ILE C 120 37.08 -8.22 18.68
N TYR C 121 37.69 -7.75 17.59
CA TYR C 121 37.72 -8.52 16.36
C TYR C 121 38.93 -9.43 16.23
N GLU C 122 39.98 -9.20 17.02
CA GLU C 122 41.21 -9.99 16.88
C GLU C 122 41.12 -11.29 17.68
N LYS C 123 39.97 -11.95 17.62
CA LYS C 123 39.80 -13.28 18.18
C LYS C 123 39.15 -14.26 17.22
N THR C 124 38.41 -13.80 16.22
CA THR C 124 37.83 -14.65 15.19
C THR C 124 38.14 -14.20 13.78
N LYS C 125 38.92 -13.13 13.62
CA LYS C 125 39.26 -12.62 12.28
C LYS C 125 40.45 -13.36 11.69
N ASP C 126 40.38 -14.69 11.67
CA ASP C 126 41.40 -15.51 11.03
C ASP C 126 40.75 -16.48 10.05
N ILE C 127 39.52 -16.89 10.35
CA ILE C 127 38.74 -17.69 9.42
C ILE C 127 38.23 -16.80 8.29
N SER C 128 37.94 -17.43 7.15
CA SER C 128 37.49 -16.71 5.97
C SER C 128 36.09 -17.14 5.52
N HIS C 129 35.43 -18.01 6.25
CA HIS C 129 34.10 -18.47 5.89
C HIS C 129 32.98 -17.68 6.58
N SER C 130 33.32 -16.64 7.34
CA SER C 130 32.32 -15.81 7.97
C SER C 130 32.87 -14.40 8.16
N ILE C 131 31.96 -13.43 8.17
CA ILE C 131 32.29 -12.03 8.42
C ILE C 131 31.64 -11.63 9.73
N TYR C 132 32.43 -11.03 10.62
CA TYR C 132 32.00 -10.74 11.99
C TYR C 132 31.81 -9.24 12.14
N MET C 133 30.60 -8.86 12.54
CA MET C 133 30.23 -7.46 12.75
C MET C 133 29.79 -7.31 14.20
N PHE C 134 30.41 -6.36 14.91
CA PHE C 134 30.15 -6.14 16.31
C PHE C 134 29.69 -4.70 16.54
N PHE C 135 28.65 -4.54 17.34
CA PHE C 135 28.02 -3.25 17.56
C PHE C 135 28.09 -2.87 19.03
N ASN C 136 28.27 -1.59 19.28
CA ASN C 136 28.37 -1.05 20.63
C ASN C 136 26.95 -0.76 21.12
N THR C 137 26.55 -1.42 22.20
CA THR C 137 25.19 -1.26 22.70
C THR C 137 25.00 0.06 23.43
N SER C 138 26.09 0.69 23.90
CA SER C 138 25.97 1.99 24.55
C SER C 138 25.50 3.05 23.57
N ASP C 139 26.03 3.04 22.34
CA ASP C 139 25.59 3.99 21.33
C ASP C 139 24.15 3.71 20.91
N ILE C 140 23.75 2.43 20.87
CA ILE C 140 22.37 2.08 20.55
C ILE C 140 21.43 2.59 21.62
N ARG C 141 21.80 2.44 22.89
CA ARG C 141 20.97 2.96 23.98
C ARG C 141 20.95 4.49 23.96
N GLU C 142 22.05 5.12 23.57
CA GLU C 142 22.05 6.57 23.43
C GLU C 142 21.09 7.00 22.32
N ALA C 143 21.02 6.20 21.25
CA ALA C 143 20.05 6.47 20.20
C ALA C 143 18.62 6.22 20.66
N VAL C 144 18.39 5.06 21.27
CA VAL C 144 17.06 4.68 21.77
C VAL C 144 17.14 4.47 23.27
N PRO C 145 16.87 5.49 24.10
CA PRO C 145 16.98 5.31 25.54
C PRO C 145 15.94 4.40 26.15
N GLU C 146 14.81 4.21 25.49
CA GLU C 146 13.73 3.39 26.03
C GLU C 146 13.39 2.29 25.02
N PRO C 147 13.70 1.03 25.34
CA PRO C 147 13.55 -0.07 24.36
C PRO C 147 12.14 -0.26 23.82
N PRO C 148 11.05 0.04 24.57
CA PRO C 148 9.72 -0.02 23.93
C PRO C 148 9.53 0.98 22.79
N LEU C 149 10.35 2.02 22.71
CA LEU C 149 10.22 3.00 21.65
C LEU C 149 10.84 2.56 20.33
N LEU C 150 11.63 1.50 20.33
CA LEU C 150 12.26 1.01 19.10
C LEU C 150 11.19 0.37 18.23
N SER C 151 10.73 1.09 17.21
CA SER C 151 9.73 0.53 16.31
C SER C 151 10.33 -0.53 15.40
N ARG C 152 11.48 -0.24 14.81
CA ARG C 152 12.09 -1.17 13.87
C ARG C 152 13.58 -0.87 13.78
N ALA C 153 14.37 -1.94 13.64
CA ALA C 153 15.82 -1.82 13.52
C ALA C 153 16.25 -2.57 12.26
N GLU C 154 17.19 -1.97 11.53
CA GLU C 154 17.60 -2.47 10.22
C GLU C 154 19.11 -2.44 10.09
N LEU C 155 19.69 -3.59 9.80
CA LEU C 155 21.13 -3.73 9.60
C LEU C 155 21.39 -3.82 8.11
N ARG C 156 22.22 -2.92 7.58
CA ARG C 156 22.48 -2.85 6.15
C ARG C 156 23.92 -3.20 5.84
N LEU C 157 24.12 -3.86 4.70
CA LEU C 157 25.41 -4.33 4.23
C LEU C 157 25.67 -3.76 2.84
N GLN C 158 26.92 -3.51 2.51
CA GLN C 158 27.28 -3.04 1.17
C GLN C 158 28.36 -3.94 0.59
N ARG C 159 28.06 -4.56 -0.55
CA ARG C 159 29.02 -5.39 -1.25
C ARG C 159 29.80 -4.58 -2.27
N LEU C 160 31.05 -4.96 -2.50
CA LEU C 160 31.88 -4.23 -3.45
C LEU C 160 31.53 -4.61 -4.89
N LYS C 161 31.77 -5.86 -5.25
CA LYS C 161 31.51 -6.34 -6.61
C LYS C 161 31.40 -7.85 -6.53
N SER C 162 30.21 -8.39 -6.76
CA SER C 162 29.95 -9.82 -6.66
C SER C 162 29.59 -10.34 -8.05
N SER C 163 30.51 -11.06 -8.67
CA SER C 163 30.29 -11.69 -9.96
C SER C 163 29.81 -13.13 -9.83
N VAL C 164 29.65 -13.62 -8.60
CA VAL C 164 29.22 -14.99 -8.35
C VAL C 164 28.02 -14.97 -7.42
N GLU C 165 27.17 -15.98 -7.57
CA GLU C 165 25.98 -16.13 -6.75
C GLU C 165 26.32 -16.90 -5.48
N GLN C 166 25.99 -16.33 -4.33
CA GLN C 166 26.28 -16.96 -3.05
C GLN C 166 25.08 -16.82 -2.13
N HIS C 167 24.69 -17.92 -1.50
CA HIS C 167 23.63 -17.90 -0.51
C HIS C 167 24.24 -17.59 0.85
N VAL C 168 23.98 -16.40 1.37
CA VAL C 168 24.64 -15.92 2.57
C VAL C 168 23.68 -16.03 3.74
N GLU C 169 24.21 -15.74 4.93
CA GLU C 169 23.62 -16.17 6.18
C GLU C 169 24.02 -15.23 7.30
N LEU C 170 23.08 -14.96 8.21
CA LEU C 170 23.28 -14.01 9.29
C LEU C 170 22.86 -14.61 10.63
N TYR C 171 23.69 -14.45 11.65
CA TYR C 171 23.42 -14.92 12.99
C TYR C 171 23.59 -13.78 14.00
N GLN C 172 23.24 -14.06 15.26
CA GLN C 172 23.42 -13.15 16.38
C GLN C 172 24.39 -13.78 17.37
N LYS C 173 25.27 -12.97 17.94
CA LYS C 173 26.16 -13.48 18.99
C LYS C 173 25.34 -13.68 20.25
N TYR C 174 24.86 -14.91 20.43
CA TYR C 174 23.93 -15.23 21.50
C TYR C 174 24.72 -15.52 22.79
N SER C 175 24.05 -16.10 23.78
CA SER C 175 24.67 -16.43 25.05
C SER C 175 25.77 -17.48 24.86
N ASN C 176 26.66 -17.55 25.86
CA ASN C 176 27.90 -18.32 25.79
C ASN C 176 28.70 -17.88 24.58
N ASN C 177 28.77 -18.73 23.56
CA ASN C 177 29.33 -18.35 22.27
C ASN C 177 28.43 -18.90 21.17
N SER C 178 27.24 -19.39 21.53
CA SER C 178 26.31 -19.91 20.55
C SER C 178 25.72 -18.79 19.72
N TRP C 179 25.05 -19.17 18.63
CA TRP C 179 24.49 -18.20 17.69
C TRP C 179 23.05 -18.58 17.37
N ARG C 180 22.23 -17.58 17.07
CA ARG C 180 20.83 -17.78 16.76
C ARG C 180 20.55 -17.38 15.32
N TYR C 181 19.71 -18.16 14.64
CA TYR C 181 19.23 -17.80 13.31
C TYR C 181 18.51 -16.47 13.30
N LEU C 182 18.83 -15.63 12.31
CA LEU C 182 18.09 -14.41 12.05
C LEU C 182 17.42 -14.42 10.69
N GLY C 183 18.18 -14.62 9.61
CA GLY C 183 17.60 -14.62 8.29
C GLY C 183 18.68 -14.77 7.24
N ASN C 184 18.26 -15.20 6.06
CA ASN C 184 19.17 -15.43 4.94
C ASN C 184 18.63 -14.78 3.69
N ARG C 185 19.54 -14.32 2.83
CA ARG C 185 19.19 -13.72 1.55
C ARG C 185 20.10 -14.28 0.47
N LEU C 186 19.53 -14.97 -0.50
CA LEU C 186 20.30 -15.40 -1.66
C LEU C 186 20.76 -14.18 -2.46
N LEU C 187 22.03 -14.18 -2.84
CA LEU C 187 22.64 -13.03 -3.50
C LEU C 187 22.92 -13.37 -4.95
N THR C 188 22.15 -12.77 -5.85
CA THR C 188 22.44 -12.86 -7.27
C THR C 188 23.68 -12.02 -7.60
N PRO C 189 24.43 -12.40 -8.64
CA PRO C 189 25.61 -11.59 -9.01
C PRO C 189 25.20 -10.20 -9.49
N THR C 190 26.10 -9.25 -9.28
CA THR C 190 25.83 -7.85 -9.57
C THR C 190 27.04 -7.21 -10.23
N ASP C 191 26.81 -6.03 -10.82
CA ASP C 191 27.87 -5.22 -11.41
C ASP C 191 28.12 -3.91 -10.68
N THR C 192 27.28 -3.56 -9.72
CA THR C 192 27.38 -2.33 -8.94
C THR C 192 27.24 -2.67 -7.47
N PRO C 193 27.79 -1.85 -6.57
CA PRO C 193 27.55 -2.07 -5.15
C PRO C 193 26.08 -2.03 -4.79
N GLU C 194 25.67 -2.94 -3.92
CA GLU C 194 24.27 -3.13 -3.57
C GLU C 194 24.12 -3.10 -2.06
N TRP C 195 23.06 -2.44 -1.58
CA TRP C 195 22.80 -2.31 -0.15
C TRP C 195 21.87 -3.44 0.28
N LEU C 196 22.31 -4.21 1.28
CA LEU C 196 21.46 -5.26 1.84
C LEU C 196 20.61 -4.70 2.97
N SER C 197 19.80 -5.57 3.58
CA SER C 197 18.92 -5.16 4.65
C SER C 197 18.50 -6.40 5.43
N PHE C 198 18.67 -6.34 6.75
CA PHE C 198 18.22 -7.40 7.63
C PHE C 198 17.38 -6.79 8.75
N ASP C 199 16.26 -7.44 9.05
CA ASP C 199 15.36 -7.02 10.10
C ASP C 199 15.88 -7.59 11.42
N VAL C 200 16.58 -6.76 12.19
CA VAL C 200 17.18 -7.20 13.45
C VAL C 200 16.49 -6.49 14.60
N THR C 201 15.21 -6.17 14.42
CA THR C 201 14.47 -5.40 15.42
C THR C 201 14.38 -6.15 16.74
N GLY C 202 14.07 -7.45 16.71
CA GLY C 202 14.07 -8.22 17.93
C GLY C 202 15.44 -8.33 18.57
N VAL C 203 16.48 -8.43 17.73
CA VAL C 203 17.84 -8.52 18.24
C VAL C 203 18.22 -7.24 18.98
N VAL C 204 17.93 -6.09 18.38
CA VAL C 204 18.27 -4.83 19.03
C VAL C 204 17.37 -4.59 20.24
N ARG C 205 16.15 -5.13 20.23
CA ARG C 205 15.30 -5.04 21.41
C ARG C 205 15.91 -5.83 22.58
N GLN C 206 16.41 -7.03 22.31
CA GLN C 206 17.08 -7.79 23.36
C GLN C 206 18.39 -7.13 23.79
N TRP C 207 19.07 -6.47 22.85
CA TRP C 207 20.29 -5.73 23.19
C TRP C 207 19.98 -4.55 24.12
N LEU C 208 18.87 -3.85 23.86
CA LEU C 208 18.46 -2.76 24.72
C LEU C 208 17.93 -3.24 26.05
N ASN C 209 17.41 -4.48 26.10
CA ASN C 209 16.99 -5.09 27.35
C ASN C 209 18.16 -5.73 28.09
N GLN C 210 19.40 -5.41 27.71
CA GLN C 210 20.58 -5.97 28.35
C GLN C 210 21.57 -4.86 28.62
N GLY C 211 22.65 -5.22 29.30
CA GLY C 211 23.66 -4.26 29.69
C GLY C 211 24.45 -3.75 28.50
N ASP C 212 25.02 -2.58 28.68
CA ASP C 212 25.77 -1.96 27.61
C ASP C 212 27.12 -2.66 27.43
N GLY C 213 27.35 -3.16 26.23
CA GLY C 213 28.58 -3.86 25.95
C GLY C 213 28.81 -3.90 24.47
N ILE C 214 29.51 -4.93 24.02
CA ILE C 214 29.79 -5.14 22.59
C ILE C 214 29.09 -6.43 22.19
N GLN C 215 27.97 -6.31 21.48
CA GLN C 215 27.25 -7.45 20.94
C GLN C 215 27.07 -7.26 19.45
N GLY C 216 27.17 -8.36 18.70
CA GLY C 216 27.16 -8.24 17.25
C GLY C 216 26.67 -9.45 16.49
N PHE C 217 26.90 -9.45 15.18
CA PHE C 217 26.36 -10.46 14.27
C PHE C 217 27.48 -11.24 13.61
N ARG C 218 27.10 -12.36 13.00
CA ARG C 218 27.98 -13.12 12.13
C ARG C 218 27.38 -13.20 10.73
N PHE C 219 28.11 -12.68 9.75
CA PHE C 219 27.74 -12.76 8.35
C PHE C 219 28.50 -13.96 7.78
N SER C 220 27.80 -15.09 7.65
CA SER C 220 28.42 -16.35 7.27
C SER C 220 27.89 -16.82 5.92
N ALA C 221 28.68 -17.65 5.25
CA ALA C 221 28.20 -18.33 4.06
C ALA C 221 27.37 -19.54 4.47
N HIS C 222 26.45 -19.95 3.60
CA HIS C 222 25.63 -21.11 3.89
C HIS C 222 26.31 -22.36 3.37
N CYS C 223 26.70 -23.25 4.28
CA CYS C 223 27.25 -24.55 3.92
C CYS C 223 26.13 -25.57 3.94
N SER C 224 25.91 -26.24 2.80
CA SER C 224 24.93 -27.30 2.75
C SER C 224 25.40 -28.49 3.57
N CYS C 225 24.45 -29.22 4.16
CA CYS C 225 24.80 -30.26 5.12
C CYS C 225 25.48 -31.46 4.47
N ASP C 226 25.35 -31.63 3.16
CA ASP C 226 26.02 -32.71 2.45
C ASP C 226 27.37 -32.30 1.86
N SER C 227 27.80 -31.06 2.07
CA SER C 227 29.03 -30.55 1.48
C SER C 227 29.99 -30.10 2.58
N LYS C 228 31.25 -29.93 2.19
CA LYS C 228 32.27 -29.46 3.11
C LYS C 228 32.13 -27.95 3.34
N ASP C 229 32.94 -27.44 4.27
CA ASP C 229 32.90 -26.02 4.60
C ASP C 229 33.49 -25.21 3.46
N ASN C 230 32.66 -24.41 2.80
CA ASN C 230 33.12 -23.51 1.76
C ASN C 230 33.31 -22.10 2.30
N LYS C 231 34.20 -21.36 1.66
CA LYS C 231 34.53 -20.00 2.10
C LYS C 231 33.50 -19.01 1.60
N LEU C 232 33.46 -17.85 2.26
CA LEU C 232 32.54 -16.78 1.92
C LEU C 232 33.18 -15.89 0.88
N HIS C 233 32.59 -15.84 -0.31
CA HIS C 233 33.20 -15.22 -1.48
C HIS C 233 32.78 -13.78 -1.70
N VAL C 234 31.87 -13.23 -0.89
CA VAL C 234 31.35 -11.89 -1.09
C VAL C 234 32.07 -10.93 -0.17
N GLU C 235 32.49 -9.78 -0.70
CA GLU C 235 33.26 -8.81 0.06
C GLU C 235 32.35 -7.67 0.50
N ILE C 236 32.31 -7.41 1.81
CA ILE C 236 31.51 -6.34 2.38
C ILE C 236 32.38 -5.10 2.51
N ASN C 237 31.85 -3.95 2.10
CA ASN C 237 32.59 -2.70 2.20
C ASN C 237 32.75 -2.32 3.67
N GLY C 238 33.90 -1.73 3.98
CA GLY C 238 34.21 -1.31 5.33
C GLY C 238 34.73 -2.40 6.24
N ILE C 239 34.84 -3.63 5.75
CA ILE C 239 35.36 -4.76 6.52
C ILE C 239 36.52 -5.42 5.81
N SER C 240 36.30 -5.87 4.57
CA SER C 240 37.33 -6.57 3.81
C SER C 240 38.16 -5.58 2.99
N ASN C 254 32.62 3.51 4.16
CA ASN C 254 31.19 3.19 4.16
C ASN C 254 30.99 1.80 4.75
N ARG C 255 31.14 1.71 6.07
CA ARG C 255 31.05 0.45 6.78
C ARG C 255 29.64 0.23 7.31
N PRO C 256 29.24 -1.03 7.52
CA PRO C 256 27.84 -1.32 7.86
C PRO C 256 27.40 -0.68 9.17
N PHE C 257 26.10 -0.40 9.25
CA PHE C 257 25.52 0.33 10.36
C PHE C 257 24.12 -0.20 10.67
N LEU C 258 23.38 0.55 11.46
CA LEU C 258 22.01 0.23 11.83
C LEU C 258 21.12 1.45 11.61
N LEU C 259 19.91 1.21 11.13
CA LEU C 259 18.86 2.23 11.16
C LEU C 259 17.93 1.90 12.31
N LEU C 260 17.68 2.88 13.16
CA LEU C 260 16.90 2.69 14.39
C LEU C 260 15.64 3.53 14.29
N MET C 261 14.58 2.94 13.75
CA MET C 261 13.28 3.61 13.69
C MET C 261 12.69 3.65 15.10
N ALA C 262 12.82 4.78 15.76
CA ALA C 262 12.41 4.92 17.15
C ALA C 262 11.35 6.00 17.28
N THR C 263 10.33 5.73 18.07
CA THR C 263 9.42 6.78 18.49
C THR C 263 10.19 7.79 19.34
N PRO C 264 10.13 9.07 19.03
CA PRO C 264 10.86 10.05 19.84
C PRO C 264 10.32 10.08 21.27
N LEU C 265 11.25 10.16 22.22
CA LEU C 265 10.87 10.04 23.63
C LEU C 265 10.15 11.27 24.15
N GLU C 266 10.15 12.37 23.41
CA GLU C 266 9.40 13.55 23.79
C GLU C 266 7.92 13.45 23.47
N ARG C 267 7.52 12.48 22.65
CA ARG C 267 6.11 12.27 22.32
C ARG C 267 5.78 10.78 22.32
N ALA C 268 6.28 10.06 23.32
CA ALA C 268 6.03 8.63 23.44
C ALA C 268 4.57 8.35 23.76
N GLU D 290 -21.56 3.75 15.05
CA GLU D 290 -20.54 4.74 15.38
C GLU D 290 -19.64 5.05 14.18
N LYS D 291 -18.66 5.92 14.39
CA LYS D 291 -17.81 6.41 13.33
C LYS D 291 -16.52 5.62 13.17
N ASN D 292 -16.36 4.53 13.91
CA ASN D 292 -15.16 3.70 13.84
C ASN D 292 -15.45 2.47 12.99
N CYS D 293 -14.57 2.19 12.05
CA CYS D 293 -14.69 0.98 11.24
C CYS D 293 -14.17 -0.23 12.00
N CYS D 294 -14.98 -1.27 12.06
CA CYS D 294 -14.59 -2.54 12.67
C CYS D 294 -15.45 -3.63 12.05
N VAL D 295 -14.97 -4.87 12.16
CA VAL D 295 -15.73 -6.00 11.65
C VAL D 295 -17.01 -6.17 12.47
N ARG D 296 -18.12 -6.38 11.77
CA ARG D 296 -19.39 -6.65 12.39
C ARG D 296 -19.71 -8.13 12.24
N GLN D 297 -20.16 -8.75 13.33
CA GLN D 297 -20.43 -10.18 13.30
C GLN D 297 -21.62 -10.48 12.39
N LEU D 298 -21.32 -11.08 11.25
CA LEU D 298 -22.36 -11.52 10.31
C LEU D 298 -22.02 -12.96 9.92
N TYR D 299 -22.66 -13.91 10.58
CA TYR D 299 -22.53 -15.32 10.24
C TYR D 299 -23.59 -15.66 9.19
N ILE D 300 -23.14 -15.96 7.97
CA ILE D 300 -24.02 -16.20 6.85
C ILE D 300 -24.16 -17.70 6.64
N ASP D 301 -25.41 -18.13 6.42
CA ASP D 301 -25.73 -19.55 6.32
C ASP D 301 -26.15 -19.87 4.89
N PHE D 302 -25.54 -20.91 4.31
CA PHE D 302 -25.88 -21.30 2.95
C PHE D 302 -27.22 -22.02 2.86
N ARG D 303 -27.69 -22.61 3.96
CA ARG D 303 -28.93 -23.38 3.95
C ARG D 303 -30.15 -22.49 4.14
N LYS D 304 -30.17 -21.72 5.23
CA LYS D 304 -31.36 -20.94 5.58
C LYS D 304 -31.33 -19.52 5.05
N ASP D 305 -30.16 -18.90 4.94
CA ASP D 305 -30.07 -17.51 4.52
C ASP D 305 -29.85 -17.36 3.02
N LEU D 306 -29.44 -18.42 2.33
CA LEU D 306 -29.29 -18.39 0.88
C LEU D 306 -30.30 -19.29 0.17
N GLY D 307 -30.86 -20.28 0.84
CA GLY D 307 -31.70 -21.26 0.16
C GLY D 307 -30.94 -22.10 -0.84
N TRP D 308 -29.72 -22.51 -0.47
CA TRP D 308 -28.83 -23.23 -1.38
C TRP D 308 -28.68 -24.67 -0.90
N LYS D 309 -28.74 -25.60 -1.86
CA LYS D 309 -28.44 -27.00 -1.60
C LYS D 309 -27.17 -27.49 -2.26
N TRP D 310 -26.59 -26.70 -3.17
CA TRP D 310 -25.41 -27.15 -3.90
C TRP D 310 -24.15 -27.09 -3.04
N ILE D 311 -24.08 -26.16 -2.09
CA ILE D 311 -22.94 -26.08 -1.19
C ILE D 311 -23.16 -27.07 -0.05
N HIS D 312 -22.19 -27.97 0.14
CA HIS D 312 -22.27 -29.01 1.15
C HIS D 312 -21.45 -28.68 2.39
N GLU D 313 -20.14 -28.47 2.24
CA GLU D 313 -19.31 -27.94 3.31
C GLU D 313 -18.63 -26.68 2.82
N PRO D 314 -18.55 -25.63 3.66
CA PRO D 314 -19.14 -25.56 4.99
C PRO D 314 -20.63 -25.22 4.96
N LYS D 315 -21.36 -25.59 6.02
CA LYS D 315 -22.77 -25.22 6.11
C LYS D 315 -22.93 -23.71 6.24
N GLY D 316 -21.94 -23.03 6.83
CA GLY D 316 -21.94 -21.59 6.93
C GLY D 316 -20.58 -21.14 7.40
N TYR D 317 -20.35 -19.83 7.29
CA TYR D 317 -19.06 -19.27 7.69
C TYR D 317 -19.25 -17.84 8.15
N HIS D 318 -18.31 -17.37 8.95
CA HIS D 318 -18.34 -16.00 9.42
C HIS D 318 -17.88 -15.06 8.32
N ALA D 319 -18.79 -14.21 7.83
CA ALA D 319 -18.48 -13.22 6.81
C ALA D 319 -18.73 -11.84 7.40
N ASN D 320 -17.72 -11.30 8.06
CA ASN D 320 -17.82 -9.97 8.63
C ASN D 320 -17.74 -8.91 7.53
N PHE D 321 -18.47 -7.82 7.72
CA PHE D 321 -18.50 -6.73 6.75
C PHE D 321 -17.98 -5.46 7.40
N CYS D 322 -17.19 -4.70 6.66
CA CYS D 322 -16.67 -3.44 7.17
C CYS D 322 -17.73 -2.35 7.06
N LEU D 323 -18.20 -1.88 8.21
CA LEU D 323 -19.16 -0.80 8.28
C LEU D 323 -18.55 0.36 9.04
N GLY D 324 -18.74 1.55 8.49
CA GLY D 324 -18.39 2.77 9.17
C GLY D 324 -18.22 3.92 8.20
N PRO D 325 -18.79 5.06 8.53
CA PRO D 325 -18.69 6.23 7.65
C PRO D 325 -17.42 7.02 7.89
N CYS D 326 -16.31 6.65 7.24
CA CYS D 326 -15.07 7.39 7.38
C CYS D 326 -15.23 8.77 6.75
N PRO D 327 -15.16 9.85 7.52
CA PRO D 327 -15.33 11.17 6.92
C PRO D 327 -14.00 11.82 6.58
N TYR D 328 -13.96 12.61 5.52
CA TYR D 328 -12.75 13.36 5.16
C TYR D 328 -12.50 14.42 6.22
N ILE D 329 -11.35 14.38 6.84
CA ILE D 329 -10.98 15.29 7.90
C ILE D 329 -10.23 16.46 7.25
N TRP D 330 -10.84 17.63 7.32
CA TRP D 330 -10.25 18.80 6.71
C TRP D 330 -9.03 19.18 7.49
N SER D 331 -8.11 19.84 6.85
CA SER D 331 -6.86 20.12 7.53
C SER D 331 -6.68 21.59 7.80
N LEU D 332 -5.94 21.89 8.87
CA LEU D 332 -5.52 23.23 9.22
C LEU D 332 -4.06 23.18 9.62
N ASP D 333 -3.37 24.31 9.47
CA ASP D 333 -2.01 24.41 9.98
C ASP D 333 -1.99 24.35 11.50
N THR D 334 -2.95 25.00 12.15
CA THR D 334 -3.00 25.07 13.60
C THR D 334 -4.32 24.44 14.07
N GLN D 335 -4.25 23.16 14.39
CA GLN D 335 -5.41 22.43 14.93
C GLN D 335 -5.06 21.90 16.32
N TYR D 336 -5.99 21.16 16.91
CA TYR D 336 -5.83 20.71 18.29
C TYR D 336 -5.13 19.36 18.34
N SER D 337 -4.49 19.09 19.48
CA SER D 337 -3.77 17.83 19.63
C SER D 337 -4.71 16.64 19.73
N LYS D 338 -5.95 16.88 20.16
CA LYS D 338 -6.93 15.80 20.26
C LYS D 338 -7.50 15.41 18.91
N VAL D 339 -7.62 16.36 17.97
CA VAL D 339 -8.17 16.03 16.66
C VAL D 339 -7.10 15.48 15.72
N LEU D 340 -5.83 15.58 16.11
CA LEU D 340 -4.79 14.90 15.35
C LEU D 340 -4.91 13.39 15.48
N ALA D 341 -5.55 12.92 16.55
CA ALA D 341 -5.79 11.50 16.74
C ALA D 341 -7.03 11.01 16.00
N LEU D 342 -7.80 11.90 15.39
CA LEU D 342 -8.95 11.48 14.60
C LEU D 342 -8.58 11.09 13.18
N TYR D 343 -7.38 11.46 12.73
CA TYR D 343 -6.93 11.02 11.41
C TYR D 343 -6.75 9.51 11.36
N ASN D 344 -6.20 8.92 12.42
CA ASN D 344 -5.84 7.50 12.42
C ASN D 344 -7.04 6.59 12.20
N GLN D 345 -8.24 7.00 12.61
CA GLN D 345 -9.42 6.17 12.52
C GLN D 345 -10.39 6.65 11.45
N HIS D 346 -10.12 7.79 10.80
CA HIS D 346 -10.99 8.29 9.74
C HIS D 346 -10.26 8.44 8.41
N ASN D 347 -9.09 9.08 8.40
CA ASN D 347 -8.34 9.32 7.17
C ASN D 347 -6.87 8.94 7.38
N PRO D 348 -6.57 7.64 7.53
CA PRO D 348 -5.18 7.24 7.81
C PRO D 348 -4.23 7.60 6.69
N GLY D 349 -4.50 7.13 5.48
CA GLY D 349 -3.82 7.59 4.29
C GLY D 349 -4.70 8.61 3.58
N ALA D 350 -4.07 9.68 3.11
CA ALA D 350 -4.80 10.74 2.43
C ALA D 350 -5.44 10.19 1.16
N SER D 351 -6.75 10.06 1.17
CA SER D 351 -7.48 9.41 0.08
C SER D 351 -8.31 10.37 -0.74
N ALA D 352 -8.75 11.49 -0.14
CA ALA D 352 -9.59 12.49 -0.86
C ALA D 352 -10.99 11.96 -0.97
N SER D 353 -11.26 10.83 -0.37
CA SER D 353 -12.58 10.25 -0.21
C SER D 353 -12.47 9.00 0.62
N PRO D 354 -12.25 9.11 1.94
CA PRO D 354 -12.03 7.92 2.76
C PRO D 354 -13.27 7.02 2.79
N CYS D 355 -13.02 5.72 2.90
CA CYS D 355 -14.07 4.72 2.82
C CYS D 355 -13.66 3.49 3.63
N CYS D 356 -14.67 2.70 4.01
CA CYS D 356 -14.48 1.60 4.94
C CYS D 356 -14.19 0.32 4.16
N VAL D 357 -12.92 0.12 3.81
CA VAL D 357 -12.48 -1.07 3.10
C VAL D 357 -11.91 -2.09 4.07
N PRO D 358 -11.87 -3.38 3.73
CA PRO D 358 -11.13 -4.34 4.53
C PRO D 358 -9.64 -4.17 4.40
N GLN D 359 -8.92 -4.64 5.41
CA GLN D 359 -7.46 -4.64 5.44
C GLN D 359 -6.87 -6.03 5.50
N ALA D 360 -7.43 -6.91 6.33
CA ALA D 360 -7.00 -8.29 6.45
C ALA D 360 -8.11 -9.20 5.93
N LEU D 361 -7.74 -10.11 5.03
CA LEU D 361 -8.71 -10.97 4.35
C LEU D 361 -8.29 -12.44 4.49
N GLU D 362 -9.28 -13.29 4.75
CA GLU D 362 -9.03 -14.72 4.93
C GLU D 362 -9.82 -15.51 3.89
N PRO D 363 -9.17 -16.32 3.06
CA PRO D 363 -9.90 -17.10 2.05
C PRO D 363 -10.76 -18.18 2.69
N LEU D 364 -11.77 -18.60 1.93
CA LEU D 364 -12.74 -19.60 2.38
C LEU D 364 -12.76 -20.79 1.42
N PRO D 365 -12.45 -22.00 1.88
CA PRO D 365 -12.61 -23.18 1.01
C PRO D 365 -14.03 -23.73 1.09
N ILE D 366 -14.60 -24.04 -0.06
CA ILE D 366 -15.94 -24.64 -0.13
C ILE D 366 -15.88 -25.86 -1.03
N VAL D 367 -16.81 -26.78 -0.80
CA VAL D 367 -16.98 -27.96 -1.64
C VAL D 367 -18.43 -28.00 -2.13
N TYR D 368 -18.61 -28.26 -3.41
CA TYR D 368 -19.93 -28.28 -4.03
C TYR D 368 -19.96 -29.40 -5.06
N TYR D 369 -21.17 -29.92 -5.27
CA TYR D 369 -21.38 -31.11 -6.10
C TYR D 369 -21.85 -30.65 -7.48
N VAL D 370 -20.95 -30.72 -8.46
CA VAL D 370 -21.26 -30.44 -9.86
C VAL D 370 -20.83 -31.64 -10.68
N GLY D 371 -21.78 -32.18 -11.46
CA GLY D 371 -21.49 -33.37 -12.23
C GLY D 371 -21.46 -34.61 -11.37
N ARG D 372 -20.86 -35.66 -11.92
CA ARG D 372 -20.80 -36.95 -11.23
C ARG D 372 -19.80 -36.96 -10.08
N LYS D 373 -18.89 -35.99 -10.01
CA LYS D 373 -17.86 -35.98 -8.98
C LYS D 373 -17.85 -34.64 -8.25
N PRO D 374 -17.79 -34.66 -6.93
CA PRO D 374 -17.68 -33.43 -6.16
C PRO D 374 -16.33 -32.77 -6.39
N LYS D 375 -16.26 -31.48 -6.10
CA LYS D 375 -14.99 -30.75 -6.18
C LYS D 375 -14.96 -29.70 -5.08
N VAL D 376 -13.86 -29.67 -4.34
CA VAL D 376 -13.64 -28.66 -3.33
C VAL D 376 -12.79 -27.55 -3.93
N GLU D 377 -13.05 -26.30 -3.55
CA GLU D 377 -12.44 -25.17 -4.24
C GLU D 377 -12.31 -24.01 -3.27
N GLN D 378 -11.19 -23.29 -3.35
CA GLN D 378 -10.92 -22.23 -2.40
C GLN D 378 -11.33 -20.87 -2.95
N LEU D 379 -12.10 -20.13 -2.15
CA LEU D 379 -12.59 -18.80 -2.50
C LEU D 379 -11.68 -17.77 -1.82
N SER D 380 -10.93 -17.02 -2.62
CA SER D 380 -9.98 -16.06 -2.07
C SER D 380 -10.68 -14.78 -1.64
N ASN D 381 -10.21 -14.23 -0.51
CA ASN D 381 -10.71 -12.98 0.07
C ASN D 381 -12.22 -13.00 0.25
N MET D 382 -12.67 -13.88 1.15
CA MET D 382 -14.09 -14.04 1.42
C MET D 382 -14.45 -13.91 2.89
N ILE D 383 -13.46 -13.75 3.76
CA ILE D 383 -13.69 -13.48 5.18
C ILE D 383 -12.84 -12.26 5.57
N VAL D 384 -13.46 -11.32 6.26
CA VAL D 384 -12.83 -10.06 6.64
C VAL D 384 -12.45 -10.12 8.10
N ARG D 385 -11.19 -9.79 8.39
CA ARG D 385 -10.67 -9.76 9.76
C ARG D 385 -10.39 -8.36 10.27
N SER D 386 -10.01 -7.43 9.39
CA SER D 386 -9.70 -6.07 9.77
C SER D 386 -10.48 -5.09 8.89
N CYS D 387 -10.81 -3.93 9.44
CA CYS D 387 -11.52 -2.88 8.73
C CYS D 387 -10.74 -1.58 8.91
N LYS D 388 -10.17 -1.08 7.81
CA LYS D 388 -9.33 0.11 7.84
C LYS D 388 -9.96 1.18 6.96
N CYS D 389 -10.09 2.40 7.51
CA CYS D 389 -10.51 3.52 6.69
C CYS D 389 -9.43 3.87 5.67
N SER D 390 -9.87 4.30 4.49
CA SER D 390 -8.96 4.60 3.40
C SER D 390 -8.06 5.79 3.73
N LYS E 32 -9.56 61.18 15.34
CA LYS E 32 -8.36 60.50 14.85
C LYS E 32 -8.51 58.98 15.00
N GLU E 33 -7.48 58.25 14.57
CA GLU E 33 -7.47 56.80 14.64
C GLU E 33 -6.13 56.32 15.19
N ALA E 34 -6.16 55.15 15.81
CA ALA E 34 -4.97 54.51 16.38
C ALA E 34 -4.82 53.14 15.73
N LEU E 35 -4.12 53.10 14.61
CA LEU E 35 -3.91 51.86 13.87
C LEU E 35 -2.48 51.37 14.09
N CYS E 36 -2.34 50.14 14.54
CA CYS E 36 -1.03 49.52 14.81
C CYS E 36 -1.04 48.12 14.22
N HIS E 37 -0.41 47.96 13.06
CA HIS E 37 -0.30 46.67 12.38
C HIS E 37 1.17 46.37 12.14
N GLY E 38 1.70 45.39 12.87
CA GLY E 38 3.07 44.98 12.67
C GLY E 38 4.12 45.95 13.16
N LEU E 39 3.79 46.77 14.16
CA LEU E 39 4.77 47.71 14.71
C LEU E 39 5.77 47.02 15.63
N GLY E 40 5.54 45.77 16.01
CA GLY E 40 6.49 45.02 16.82
C GLY E 40 6.43 45.30 18.30
N LEU E 41 5.47 46.09 18.77
CA LEU E 41 5.34 46.35 20.19
C LEU E 41 4.89 45.09 20.92
N LEU E 42 5.48 44.86 22.10
CA LEU E 42 5.24 43.64 22.87
C LEU E 42 4.11 43.79 23.89
N GLN E 43 3.48 44.95 23.97
CA GLN E 43 2.45 45.19 24.97
C GLN E 43 1.50 46.24 24.43
N VAL E 44 0.29 46.27 24.99
CA VAL E 44 -0.71 47.27 24.59
C VAL E 44 -0.18 48.67 24.89
N PRO E 45 -0.13 49.58 23.92
CA PRO E 45 0.51 50.87 24.14
C PRO E 45 -0.28 51.74 25.10
N SER E 46 0.45 52.64 25.76
CA SER E 46 -0.13 53.61 26.69
C SER E 46 0.16 55.05 26.29
N VAL E 47 0.90 55.27 25.20
CA VAL E 47 1.21 56.63 24.77
C VAL E 47 -0.04 57.34 24.25
N LEU E 48 -0.95 56.61 23.63
CA LEU E 48 -2.17 57.20 23.11
C LEU E 48 -3.10 57.62 24.26
N SER E 49 -3.86 58.68 24.01
CA SER E 49 -4.73 59.25 25.03
C SER E 49 -6.04 58.47 25.12
N LEU E 50 -6.89 58.90 26.04
CA LEU E 50 -8.20 58.28 26.26
C LEU E 50 -9.26 58.97 25.40
N ASP E 51 -9.02 58.96 24.09
CA ASP E 51 -9.92 59.60 23.15
C ASP E 51 -10.13 58.77 21.88
N ILE E 52 -9.76 57.49 21.90
CA ILE E 52 -9.80 56.63 20.72
C ILE E 52 -11.02 55.75 20.78
N GLN E 53 -11.66 55.55 19.62
CA GLN E 53 -12.79 54.64 19.48
C GLN E 53 -12.46 53.38 18.69
N ALA E 54 -11.38 53.40 17.90
CA ALA E 54 -10.97 52.25 17.10
C ALA E 54 -9.51 51.95 17.42
N LEU E 55 -9.27 50.93 18.23
CA LEU E 55 -7.92 50.49 18.58
C LEU E 55 -7.59 49.27 17.74
N TYR E 56 -6.76 49.49 16.71
CA TYR E 56 -6.38 48.42 15.80
C TYR E 56 -5.00 47.89 16.23
N LEU E 57 -4.98 46.67 16.75
CA LEU E 57 -3.72 46.04 17.17
C LEU E 57 -3.53 44.69 16.49
N SER E 58 -4.17 44.51 15.33
CA SER E 58 -4.13 43.23 14.63
C SER E 58 -2.81 43.08 13.88
N GLY E 59 -2.22 41.89 13.99
CA GLY E 59 -0.99 41.56 13.31
C GLY E 59 0.28 41.84 14.07
N ASN E 60 0.19 42.49 15.23
CA ASN E 60 1.38 42.83 15.99
C ASN E 60 1.81 41.64 16.86
N GLN E 61 2.92 41.81 17.57
CA GLN E 61 3.45 40.76 18.42
C GLN E 61 2.91 40.88 19.84
N LEU E 62 1.74 40.29 20.10
CA LEU E 62 1.12 40.29 21.41
C LEU E 62 0.92 38.87 21.87
N GLN E 63 1.49 38.51 23.01
CA GLN E 63 1.39 37.16 23.55
C GLN E 63 0.36 37.02 24.66
N SER E 64 0.04 38.09 25.37
CA SER E 64 -0.97 38.05 26.41
C SER E 64 -1.48 39.47 26.65
N ILE E 65 -2.79 39.61 26.81
CA ILE E 65 -3.41 40.91 27.05
C ILE E 65 -3.64 41.02 28.56
N LEU E 66 -2.86 41.89 29.20
CA LEU E 66 -3.05 42.17 30.62
C LEU E 66 -4.25 43.09 30.80
N VAL E 67 -4.69 43.25 32.05
CA VAL E 67 -5.74 44.22 32.36
C VAL E 67 -5.25 45.62 32.07
N SER E 68 -4.07 45.96 32.58
CA SER E 68 -3.44 47.23 32.25
C SER E 68 -2.70 47.12 30.92
N PRO E 69 -2.79 48.14 30.06
CA PRO E 69 -3.60 49.35 30.25
C PRO E 69 -4.99 49.24 29.65
N LEU E 70 -5.36 48.06 29.14
CA LEU E 70 -6.63 47.92 28.41
C LEU E 70 -7.83 48.09 29.33
N GLY E 71 -7.69 47.78 30.61
CA GLY E 71 -8.79 47.99 31.54
C GLY E 71 -9.09 49.46 31.77
N PHE E 72 -8.10 50.33 31.57
CA PHE E 72 -8.34 51.76 31.73
C PHE E 72 -9.20 52.30 30.60
N TYR E 73 -8.97 51.83 29.38
CA TYR E 73 -9.80 52.25 28.25
C TYR E 73 -11.22 51.73 28.40
N THR E 74 -12.19 52.62 28.15
CA THR E 74 -13.60 52.29 28.33
C THR E 74 -14.50 52.74 27.18
N ALA E 75 -13.97 53.40 26.17
CA ALA E 75 -14.77 53.99 25.09
C ALA E 75 -14.24 53.56 23.73
N LEU E 76 -14.02 52.26 23.57
CA LEU E 76 -13.52 51.71 22.32
C LEU E 76 -14.61 50.89 21.63
N ARG E 77 -14.93 51.26 20.40
CA ARG E 77 -15.92 50.53 19.60
C ARG E 77 -15.34 49.32 18.90
N HIS E 78 -14.01 49.23 18.77
CA HIS E 78 -13.37 48.14 18.06
C HIS E 78 -12.13 47.68 18.83
N LEU E 79 -12.07 46.40 19.12
CA LEU E 79 -10.91 45.77 19.76
C LEU E 79 -10.38 44.71 18.79
N ASP E 80 -9.51 45.13 17.89
CA ASP E 80 -8.93 44.24 16.89
C ASP E 80 -7.62 43.68 17.42
N LEU E 81 -7.66 42.45 17.94
CA LEU E 81 -6.49 41.76 18.45
C LEU E 81 -6.28 40.45 17.70
N SER E 82 -6.66 40.40 16.44
CA SER E 82 -6.48 39.21 15.62
C SER E 82 -5.04 39.08 15.16
N ASP E 83 -4.68 37.86 14.75
CA ASP E 83 -3.35 37.51 14.24
C ASP E 83 -2.28 37.90 15.25
N ASN E 84 -2.47 37.50 16.50
CA ASN E 84 -1.49 37.67 17.57
C ASN E 84 -1.17 36.31 18.18
N GLN E 85 -0.38 36.34 19.26
CA GLN E 85 0.07 35.14 19.94
C GLN E 85 -0.66 34.99 21.26
N ILE E 86 -1.94 35.37 21.27
CA ILE E 86 -2.69 35.53 22.51
C ILE E 86 -2.90 34.18 23.18
N SER E 87 -2.47 34.07 24.44
CA SER E 87 -2.53 32.82 25.16
C SER E 87 -3.26 32.97 26.49
N PHE E 88 -3.08 34.10 27.16
CA PHE E 88 -3.58 34.30 28.50
C PHE E 88 -4.43 35.57 28.57
N LEU E 89 -5.64 35.43 29.10
CA LEU E 89 -6.51 36.56 29.42
C LEU E 89 -7.06 36.38 30.83
N GLN E 90 -7.01 37.45 31.62
CA GLN E 90 -7.53 37.37 32.97
C GLN E 90 -9.06 37.35 32.95
N ALA E 91 -9.63 36.99 34.10
CA ALA E 91 -11.08 36.99 34.24
C ALA E 91 -11.57 38.44 34.38
N GLY E 92 -12.43 38.86 33.45
CA GLY E 92 -13.01 40.19 33.50
C GLY E 92 -12.24 41.27 32.78
N VAL E 93 -11.31 40.91 31.89
CA VAL E 93 -10.64 41.94 31.09
C VAL E 93 -11.63 42.59 30.14
N PHE E 94 -12.42 41.77 29.46
CA PHE E 94 -13.40 42.28 28.50
C PHE E 94 -14.62 42.87 29.19
N GLN E 95 -14.88 42.50 30.45
CA GLN E 95 -15.96 43.11 31.21
C GLN E 95 -15.60 44.49 31.74
N ALA E 96 -14.31 44.85 31.73
CA ALA E 96 -13.90 46.21 32.06
C ALA E 96 -14.26 47.21 30.97
N LEU E 97 -14.66 46.74 29.80
CA LEU E 97 -15.11 47.61 28.72
C LEU E 97 -16.63 47.69 28.76
N PRO E 98 -17.20 48.87 28.99
CA PRO E 98 -18.68 49.01 28.95
C PRO E 98 -19.24 49.50 27.63
N TYR E 99 -18.40 49.77 26.62
CA TYR E 99 -18.84 50.37 25.37
C TYR E 99 -18.16 49.71 24.18
N LEU E 100 -18.02 48.38 24.21
CA LEU E 100 -17.30 47.66 23.16
C LEU E 100 -18.29 46.99 22.22
N GLU E 101 -17.98 47.04 20.92
CA GLU E 101 -18.85 46.44 19.92
C GLU E 101 -18.19 45.32 19.12
N HIS E 102 -16.88 45.39 18.88
CA HIS E 102 -16.20 44.42 18.04
C HIS E 102 -15.05 43.79 18.82
N LEU E 103 -15.07 42.46 18.94
CA LEU E 103 -13.99 41.69 19.51
C LEU E 103 -13.39 40.82 18.42
N ASN E 104 -12.19 41.19 17.96
CA ASN E 104 -11.50 40.47 16.89
C ASN E 104 -10.35 39.70 17.51
N LEU E 105 -10.55 38.40 17.75
CA LEU E 105 -9.50 37.52 18.25
C LEU E 105 -9.43 36.33 17.28
N ALA E 106 -8.67 36.50 16.20
CA ALA E 106 -8.52 35.48 15.18
C ALA E 106 -7.06 35.12 15.03
N HIS E 107 -6.81 33.86 14.68
CA HIS E 107 -5.46 33.31 14.49
C HIS E 107 -4.62 33.49 15.77
N ASN E 108 -5.15 32.94 16.86
CA ASN E 108 -4.49 32.97 18.15
C ASN E 108 -4.28 31.53 18.65
N ARG E 109 -3.83 31.41 19.89
CA ARG E 109 -3.55 30.12 20.52
C ARG E 109 -4.30 30.00 21.84
N LEU E 110 -5.59 30.36 21.82
CA LEU E 110 -6.40 30.28 23.04
C LEU E 110 -6.66 28.85 23.49
N ALA E 111 -6.39 27.84 22.66
CA ALA E 111 -6.52 26.45 23.11
C ALA E 111 -5.44 26.09 24.12
N THR E 112 -4.18 26.23 23.72
CA THR E 112 -3.06 25.86 24.58
C THR E 112 -2.84 26.81 25.74
N GLY E 113 -3.52 27.95 25.76
CA GLY E 113 -3.37 28.92 26.82
C GLY E 113 -4.59 29.05 27.71
N MET E 114 -5.76 28.68 27.18
CA MET E 114 -6.99 28.81 27.94
C MET E 114 -7.38 27.49 28.60
N ALA E 115 -6.80 26.37 28.16
CA ALA E 115 -7.04 25.08 28.79
C ALA E 115 -6.17 24.84 30.02
N LEU E 116 -5.29 25.78 30.37
CA LEU E 116 -4.48 25.72 31.59
C LEU E 116 -5.08 26.56 32.69
N ASN E 117 -6.41 26.61 32.76
CA ASN E 117 -7.18 27.40 33.72
C ASN E 117 -6.86 28.89 33.59
N SER E 118 -7.19 29.43 32.42
CA SER E 118 -7.13 30.86 32.15
C SER E 118 -8.54 31.44 32.13
N GLY E 119 -8.65 32.72 32.45
CA GLY E 119 -9.92 33.40 32.50
C GLY E 119 -10.65 33.45 31.17
N GLY E 120 -11.92 33.09 31.18
CA GLY E 120 -12.76 33.15 29.99
C GLY E 120 -13.33 34.53 29.75
N LEU E 121 -14.19 34.61 28.75
CA LEU E 121 -14.82 35.88 28.39
C LEU E 121 -15.90 36.29 29.40
N GLY E 122 -16.73 35.34 29.82
CA GLY E 122 -17.75 35.65 30.81
C GLY E 122 -18.88 36.45 30.19
N ARG E 123 -19.41 37.40 30.96
CA ARG E 123 -20.53 38.23 30.52
C ARG E 123 -20.04 39.39 29.67
N LEU E 124 -20.62 39.55 28.49
CA LEU E 124 -20.36 40.71 27.63
C LEU E 124 -21.68 41.43 27.39
N PRO E 125 -21.81 42.68 27.83
CA PRO E 125 -23.12 43.35 27.78
C PRO E 125 -23.61 43.69 26.38
N LEU E 126 -22.77 44.36 25.58
CA LEU E 126 -23.21 44.97 24.33
C LEU E 126 -22.34 44.61 23.13
N LEU E 127 -21.48 43.60 23.27
CA LEU E 127 -20.60 43.19 22.18
C LEU E 127 -21.40 42.50 21.08
N VAL E 128 -21.59 43.17 19.94
CA VAL E 128 -22.47 42.68 18.89
C VAL E 128 -21.73 41.82 17.87
N SER E 129 -20.40 41.79 17.90
CA SER E 129 -19.64 41.05 16.89
C SER E 129 -18.43 40.42 17.55
N LEU E 130 -18.41 39.08 17.59
CA LEU E 130 -17.33 38.31 18.16
C LEU E 130 -16.65 37.48 17.08
N ASP E 131 -15.32 37.50 17.06
CA ASP E 131 -14.52 36.71 16.12
C ASP E 131 -13.58 35.84 16.92
N LEU E 132 -13.82 34.52 16.88
CA LEU E 132 -12.95 33.54 17.53
C LEU E 132 -12.65 32.43 16.52
N SER E 133 -11.64 32.65 15.69
CA SER E 133 -11.30 31.71 14.63
C SER E 133 -9.81 31.40 14.69
N GLY E 134 -9.48 30.14 14.42
CA GLY E 134 -8.09 29.72 14.54
C GLY E 134 -7.61 29.50 15.95
N ASN E 135 -8.51 29.45 16.92
CA ASN E 135 -8.14 29.28 18.32
C ASN E 135 -8.08 27.82 18.74
N SER E 136 -8.33 26.88 17.83
CA SER E 136 -8.11 25.44 18.05
C SER E 136 -8.93 24.91 19.22
N LEU E 137 -10.11 25.47 19.44
CA LEU E 137 -10.95 25.09 20.55
C LEU E 137 -11.55 23.70 20.32
N HIS E 138 -11.83 23.01 21.42
CA HIS E 138 -12.58 21.77 21.43
C HIS E 138 -13.99 22.12 21.92
N GLY E 139 -14.82 21.10 22.11
CA GLY E 139 -16.21 21.36 22.50
C GLY E 139 -16.34 22.02 23.85
N ASN E 140 -15.62 21.51 24.85
CA ASN E 140 -15.69 22.11 26.17
C ASN E 140 -14.97 23.46 26.21
N LEU E 141 -13.90 23.61 25.42
CA LEU E 141 -13.17 24.87 25.40
C LEU E 141 -14.05 26.01 24.87
N VAL E 142 -14.75 25.77 23.76
CA VAL E 142 -15.67 26.79 23.25
C VAL E 142 -16.91 26.90 24.13
N GLU E 143 -17.26 25.81 24.84
CA GLU E 143 -18.39 25.87 25.77
C GLU E 143 -18.11 26.84 26.91
N ARG E 144 -16.92 26.76 27.50
CA ARG E 144 -16.58 27.56 28.66
C ARG E 144 -15.68 28.75 28.32
N LEU E 145 -15.54 29.07 27.03
CA LEU E 145 -14.82 30.27 26.63
C LEU E 145 -15.75 31.46 26.43
N LEU E 146 -16.82 31.27 25.63
CA LEU E 146 -17.67 32.39 25.26
C LEU E 146 -18.55 32.88 26.41
N GLY E 147 -18.91 32.01 27.34
CA GLY E 147 -19.70 32.41 28.49
C GLY E 147 -21.13 32.79 28.15
N GLU E 148 -21.51 34.04 28.41
CA GLU E 148 -22.85 34.53 28.11
C GLU E 148 -22.75 35.92 27.49
N THR E 149 -23.65 36.20 26.55
CA THR E 149 -23.72 37.49 25.89
C THR E 149 -25.15 37.73 25.42
N PRO E 150 -25.90 38.64 26.05
CA PRO E 150 -27.31 38.82 25.68
C PRO E 150 -27.53 39.30 24.26
N ARG E 151 -26.65 40.13 23.72
CA ARG E 151 -26.80 40.65 22.36
C ARG E 151 -25.48 40.44 21.61
N LEU E 152 -25.56 39.73 20.49
CA LEU E 152 -24.39 39.44 19.65
C LEU E 152 -24.91 39.03 18.27
N ARG E 153 -24.63 39.86 17.27
CA ARG E 153 -25.15 39.58 15.93
C ARG E 153 -24.44 38.39 15.29
N THR E 154 -23.10 38.38 15.32
CA THR E 154 -22.32 37.37 14.63
C THR E 154 -21.42 36.62 15.61
N LEU E 155 -21.35 35.31 15.43
CA LEU E 155 -20.46 34.45 16.21
C LEU E 155 -19.60 33.65 15.25
N SER E 156 -18.28 33.86 15.33
CA SER E 156 -17.34 33.21 14.43
C SER E 156 -16.61 32.11 15.18
N LEU E 157 -16.84 30.86 14.79
CA LEU E 157 -16.12 29.71 15.33
C LEU E 157 -15.47 28.91 14.21
N ALA E 158 -15.02 29.60 13.16
CA ALA E 158 -14.40 28.95 12.02
C ALA E 158 -12.97 28.56 12.35
N GLU E 159 -12.37 27.76 11.47
CA GLU E 159 -10.96 27.37 11.56
C GLU E 159 -10.65 26.74 12.91
N ASN E 160 -11.56 25.90 13.38
CA ASN E 160 -11.54 25.45 14.76
C ASN E 160 -11.52 23.92 14.78
N SER E 161 -11.68 23.30 15.95
CA SER E 161 -11.51 21.86 16.07
C SER E 161 -12.64 21.22 16.87
N LEU E 162 -13.86 21.72 16.71
CA LEU E 162 -15.00 21.17 17.42
C LEU E 162 -15.35 19.78 16.92
N THR E 163 -15.22 18.77 17.77
CA THR E 163 -15.55 17.42 17.36
C THR E 163 -17.06 17.21 17.31
N ARG E 164 -17.80 17.80 18.25
CA ARG E 164 -19.25 17.59 18.31
C ARG E 164 -19.94 18.84 18.83
N LEU E 165 -21.23 18.93 18.54
CA LEU E 165 -22.08 20.03 18.98
C LEU E 165 -23.13 19.48 19.94
N ALA E 166 -23.21 20.06 21.12
CA ALA E 166 -24.12 19.58 22.16
C ALA E 166 -25.32 20.52 22.31
N ARG E 167 -26.28 20.08 23.11
CA ARG E 167 -27.45 20.90 23.40
C ARG E 167 -27.07 22.17 24.14
N HIS E 168 -26.12 22.08 25.06
CA HIS E 168 -25.74 23.19 25.92
C HIS E 168 -24.66 24.07 25.31
N THR E 169 -24.29 23.83 24.05
CA THR E 169 -23.18 24.56 23.43
C THR E 169 -23.50 26.05 23.28
N PHE E 170 -24.75 26.38 22.93
CA PHE E 170 -25.16 27.76 22.70
C PHE E 170 -26.25 28.18 23.68
N TRP E 171 -26.13 27.76 24.94
CA TRP E 171 -27.10 28.17 25.95
C TRP E 171 -26.85 29.56 26.50
N GLY E 172 -25.67 30.13 26.26
CA GLY E 172 -25.36 31.46 26.70
C GLY E 172 -25.70 32.56 25.72
N MET E 173 -26.35 32.23 24.61
CA MET E 173 -26.70 33.20 23.58
C MET E 173 -28.20 33.18 23.35
N PRO E 174 -28.91 34.27 23.65
CA PRO E 174 -30.36 34.30 23.38
C PRO E 174 -30.69 34.27 21.90
N ALA E 175 -30.03 35.12 21.12
CA ALA E 175 -30.36 35.26 19.69
C ALA E 175 -29.13 35.74 18.94
N VAL E 176 -28.56 34.88 18.11
CA VAL E 176 -27.44 35.23 17.23
C VAL E 176 -27.92 35.14 15.79
N GLU E 177 -27.46 36.08 14.97
CA GLU E 177 -27.87 36.09 13.56
C GLU E 177 -26.89 35.28 12.71
N GLN E 178 -25.61 35.55 12.82
CA GLN E 178 -24.61 34.97 11.93
C GLN E 178 -23.82 33.93 12.70
N LEU E 179 -23.77 32.71 12.17
CA LEU E 179 -22.98 31.65 12.79
C LEU E 179 -22.04 31.06 11.76
N ASP E 180 -20.76 31.00 12.10
CA ASP E 180 -19.71 30.58 11.17
C ASP E 180 -19.01 29.37 11.76
N LEU E 181 -19.38 28.18 11.31
CA LEU E 181 -18.76 26.93 11.72
C LEU E 181 -18.18 26.25 10.48
N HIS E 182 -16.98 26.67 10.08
CA HIS E 182 -16.34 26.05 8.93
C HIS E 182 -14.87 25.81 9.22
N SER E 183 -14.26 25.00 8.35
CA SER E 183 -12.89 24.52 8.52
C SER E 183 -12.71 23.83 9.87
N ASN E 184 -13.72 23.07 10.27
CA ASN E 184 -13.70 22.36 11.54
C ASN E 184 -13.62 20.86 11.30
N VAL E 185 -13.68 20.10 12.40
CA VAL E 185 -13.52 18.66 12.37
C VAL E 185 -14.82 18.13 12.99
N LEU E 186 -15.92 18.81 12.70
CA LEU E 186 -17.22 18.40 13.21
C LEU E 186 -17.65 17.07 12.60
N MET E 187 -18.15 16.16 13.43
CA MET E 187 -18.83 14.96 12.94
C MET E 187 -20.27 14.85 13.41
N ASP E 188 -20.54 15.05 14.69
CA ASP E 188 -21.85 14.75 15.25
C ASP E 188 -22.49 16.04 15.78
N ILE E 189 -23.74 16.27 15.39
CA ILE E 189 -24.55 17.34 15.93
C ILE E 189 -25.82 16.71 16.47
N GLU E 190 -26.00 16.75 17.78
CA GLU E 190 -27.14 16.08 18.39
C GLU E 190 -28.40 16.93 18.27
N ASP E 191 -29.54 16.30 18.52
CA ASP E 191 -30.82 16.99 18.42
C ASP E 191 -30.95 18.07 19.50
N GLY E 192 -31.50 19.21 19.11
CA GLY E 192 -31.65 20.33 20.02
C GLY E 192 -30.42 21.20 20.16
N ALA E 193 -29.35 20.93 19.41
CA ALA E 193 -28.14 21.74 19.48
C ALA E 193 -28.31 23.11 18.84
N PHE E 194 -29.39 23.33 18.08
CA PHE E 194 -29.64 24.62 17.46
C PHE E 194 -30.97 25.24 17.84
N GLU E 195 -31.82 24.53 18.59
CA GLU E 195 -33.10 25.11 18.98
C GLU E 195 -32.95 26.18 20.07
N ALA E 196 -31.76 26.32 20.64
CA ALA E 196 -31.50 27.40 21.59
C ALA E 196 -31.26 28.73 20.90
N LEU E 197 -31.19 28.73 19.56
CA LEU E 197 -30.94 29.93 18.77
C LEU E 197 -32.06 30.09 17.74
N PRO E 198 -33.23 30.60 18.14
CA PRO E 198 -34.36 30.68 17.22
C PRO E 198 -34.33 31.87 16.27
N HIS E 199 -33.32 32.74 16.34
CA HIS E 199 -33.19 33.86 15.42
C HIS E 199 -31.95 33.72 14.55
N LEU E 200 -31.60 32.49 14.21
CA LEU E 200 -30.41 32.21 13.39
C LEU E 200 -30.83 32.17 11.92
N THR E 201 -30.23 33.05 11.11
CA THR E 201 -30.55 33.08 9.69
C THR E 201 -29.44 32.47 8.83
N HIS E 202 -28.22 32.98 8.97
CA HIS E 202 -27.07 32.42 8.28
C HIS E 202 -26.42 31.34 9.13
N LEU E 203 -26.09 30.22 8.49
CA LEU E 203 -25.42 29.11 9.17
C LEU E 203 -24.43 28.49 8.21
N ASN E 204 -23.14 28.60 8.53
CA ASN E 204 -22.10 28.05 7.68
C ASN E 204 -21.59 26.77 8.34
N LEU E 205 -21.73 25.66 7.62
CA LEU E 205 -21.22 24.36 8.03
C LEU E 205 -20.36 23.76 6.95
N SER E 206 -19.68 24.62 6.19
CA SER E 206 -18.86 24.15 5.10
C SER E 206 -17.54 23.58 5.62
N ARG E 207 -16.88 22.80 4.77
CA ARG E 207 -15.54 22.28 5.01
C ARG E 207 -15.47 21.50 6.32
N ASN E 208 -16.48 20.66 6.54
CA ASN E 208 -16.64 19.89 7.76
C ASN E 208 -16.82 18.41 7.42
N SER E 209 -17.22 17.62 8.39
CA SER E 209 -17.30 16.17 8.23
C SER E 209 -18.59 15.61 8.84
N LEU E 210 -19.72 16.27 8.58
CA LEU E 210 -20.96 15.97 9.29
C LEU E 210 -21.52 14.59 8.99
N THR E 211 -21.26 14.03 7.80
CA THR E 211 -21.78 12.73 7.35
C THR E 211 -23.31 12.81 7.36
N CYS E 212 -24.02 11.90 8.02
CA CYS E 212 -25.47 11.85 7.96
C CYS E 212 -26.08 13.07 8.62
N ILE E 213 -27.11 13.62 7.98
CA ILE E 213 -27.87 14.76 8.49
C ILE E 213 -29.35 14.40 8.46
N SER E 214 -30.01 14.54 9.60
CA SER E 214 -31.42 14.17 9.69
C SER E 214 -32.14 15.15 10.60
N ASP E 215 -33.47 15.18 10.45
CA ASP E 215 -34.38 15.91 11.33
C ASP E 215 -34.05 17.41 11.37
N PHE E 216 -34.21 18.04 10.22
CA PHE E 216 -34.03 19.49 10.10
C PHE E 216 -35.22 20.17 10.77
N SER E 217 -34.95 20.90 11.86
CA SER E 217 -36.02 21.55 12.61
C SER E 217 -35.62 22.92 13.12
N LEU E 218 -34.76 23.63 12.38
CA LEU E 218 -34.40 24.99 12.80
C LEU E 218 -35.56 25.96 12.60
N GLN E 219 -36.31 25.79 11.52
CA GLN E 219 -37.61 26.38 11.22
C GLN E 219 -37.49 27.88 10.86
N GLN E 220 -36.32 28.50 11.01
CA GLN E 220 -36.21 29.92 10.79
C GLN E 220 -34.95 30.27 9.99
N LEU E 221 -34.10 29.29 9.70
CA LEU E 221 -32.86 29.52 8.97
C LEU E 221 -33.13 30.07 7.58
N GLN E 222 -32.31 31.04 7.18
CA GLN E 222 -32.37 31.66 5.86
C GLN E 222 -31.27 31.13 4.96
N VAL E 223 -30.04 31.07 5.48
CA VAL E 223 -28.84 30.79 4.70
C VAL E 223 -28.13 29.59 5.33
N LEU E 224 -27.87 28.56 4.53
CA LEU E 224 -27.20 27.35 4.99
C LEU E 224 -26.10 26.99 4.01
N ASP E 225 -24.96 26.54 4.53
CA ASP E 225 -23.83 26.09 3.72
C ASP E 225 -23.42 24.70 4.20
N LEU E 226 -23.27 23.77 3.26
CA LEU E 226 -22.76 22.43 3.53
C LEU E 226 -21.76 22.01 2.46
N SER E 227 -20.98 22.96 1.97
CA SER E 227 -20.05 22.70 0.88
C SER E 227 -18.73 22.14 1.41
N CYS E 228 -18.03 21.43 0.52
CA CYS E 228 -16.72 20.83 0.83
C CYS E 228 -16.77 19.90 2.04
N ASN E 229 -17.92 19.30 2.29
CA ASN E 229 -18.03 18.36 3.42
C ASN E 229 -18.04 16.93 2.91
N SER E 230 -18.26 15.98 3.80
CA SER E 230 -18.40 14.57 3.45
C SER E 230 -19.75 14.14 3.99
N ILE E 231 -20.81 14.40 3.22
CA ILE E 231 -22.19 14.17 3.65
C ILE E 231 -22.81 13.13 2.73
N GLU E 232 -23.33 12.06 3.31
CA GLU E 232 -23.82 10.93 2.54
C GLU E 232 -25.34 10.93 2.38
N ALA E 233 -26.07 11.64 3.24
CA ALA E 233 -27.52 11.65 3.14
C ALA E 233 -28.06 12.94 3.72
N PHE E 234 -29.30 13.24 3.34
CA PHE E 234 -30.02 14.41 3.86
C PHE E 234 -31.50 14.06 3.82
N GLN E 235 -32.03 13.66 4.98
CA GLN E 235 -33.44 13.33 5.12
C GLN E 235 -34.08 14.23 6.16
N THR E 236 -35.32 14.61 5.92
CA THR E 236 -36.10 15.43 6.84
C THR E 236 -37.37 14.70 7.20
N ALA E 237 -37.74 14.75 8.48
CA ALA E 237 -38.92 14.03 8.95
C ALA E 237 -40.17 14.60 8.30
N PRO E 238 -41.01 13.77 7.67
CA PRO E 238 -42.21 14.26 6.98
C PRO E 238 -43.41 14.51 7.88
N GLU E 239 -43.22 14.55 9.20
CA GLU E 239 -44.33 14.85 10.10
C GLU E 239 -44.76 16.31 9.93
N PRO E 240 -46.04 16.61 10.16
CA PRO E 240 -46.52 18.00 10.03
C PRO E 240 -45.85 18.91 11.05
N GLN E 241 -45.11 19.89 10.53
CA GLN E 241 -44.39 20.84 11.35
C GLN E 241 -44.62 22.24 10.79
N ALA E 242 -43.94 23.22 11.38
CA ALA E 242 -44.08 24.60 10.93
C ALA E 242 -43.30 24.81 9.64
N GLN E 243 -43.57 25.96 9.00
CA GLN E 243 -42.95 26.26 7.72
C GLN E 243 -41.48 26.59 7.89
N PHE E 244 -40.67 26.14 6.94
CA PHE E 244 -39.24 26.39 6.92
C PHE E 244 -38.91 27.38 5.81
N GLN E 245 -38.02 28.32 6.11
CA GLN E 245 -37.74 29.43 5.21
C GLN E 245 -36.31 29.43 4.70
N LEU E 246 -35.78 28.25 4.36
CA LEU E 246 -34.42 28.18 3.85
C LEU E 246 -34.39 28.60 2.37
N ALA E 247 -33.31 29.29 1.98
CA ALA E 247 -33.14 29.76 0.59
C ALA E 247 -31.89 29.19 -0.08
N TRP E 248 -30.70 29.34 0.50
CA TRP E 248 -29.44 28.88 -0.15
C TRP E 248 -28.99 27.62 0.61
N LEU E 249 -28.69 26.54 -0.10
CA LEU E 249 -28.26 25.27 0.53
C LEU E 249 -27.22 24.62 -0.32
N ASP E 250 -25.96 24.97 -0.15
CA ASP E 250 -24.92 24.22 -0.83
C ASP E 250 -24.92 22.78 -0.35
N LEU E 251 -24.69 21.86 -1.27
CA LEU E 251 -24.30 20.49 -0.97
C LEU E 251 -23.13 20.09 -1.86
N ARG E 252 -22.25 21.05 -2.09
CA ARG E 252 -21.11 20.86 -2.98
C ARG E 252 -20.13 19.84 -2.40
N GLU E 253 -19.58 19.01 -3.28
CA GLU E 253 -18.43 18.14 -2.97
C GLU E 253 -18.73 17.19 -1.81
N ASN E 254 -19.99 16.75 -1.72
CA ASN E 254 -20.41 15.77 -0.74
C ASN E 254 -20.69 14.43 -1.44
N LYS E 255 -21.19 13.47 -0.67
CA LYS E 255 -21.36 12.10 -1.13
C LYS E 255 -22.81 11.64 -1.00
N LEU E 256 -23.77 12.51 -1.31
CA LEU E 256 -25.17 12.15 -1.22
C LEU E 256 -25.50 11.08 -2.25
N LEU E 257 -26.43 10.18 -1.88
CA LEU E 257 -26.86 9.12 -2.78
C LEU E 257 -28.21 9.40 -3.43
N HIS E 258 -29.11 10.07 -2.73
CA HIS E 258 -30.41 10.43 -3.27
C HIS E 258 -30.55 11.94 -3.28
N PHE E 259 -31.45 12.42 -4.13
CA PHE E 259 -31.69 13.86 -4.22
C PHE E 259 -32.42 14.32 -2.96
N PRO E 260 -32.03 15.45 -2.37
CA PRO E 260 -32.72 15.92 -1.17
C PRO E 260 -34.17 16.29 -1.46
N ASP E 261 -35.03 16.05 -0.48
CA ASP E 261 -36.44 16.41 -0.63
C ASP E 261 -36.60 17.92 -0.54
N LEU E 262 -37.35 18.48 -1.49
CA LEU E 262 -37.57 19.92 -1.55
C LEU E 262 -39.01 20.31 -1.27
N ALA E 263 -39.93 19.34 -1.14
CA ALA E 263 -41.30 19.65 -0.73
C ALA E 263 -41.37 20.14 0.72
N VAL E 264 -40.33 19.90 1.51
CA VAL E 264 -40.20 20.44 2.85
C VAL E 264 -39.69 21.87 2.83
N PHE E 265 -39.00 22.27 1.75
CA PHE E 265 -38.39 23.59 1.62
C PHE E 265 -39.06 24.31 0.46
N PRO E 266 -40.20 24.97 0.69
CA PRO E 266 -40.91 25.65 -0.41
C PRO E 266 -40.42 27.06 -0.69
N ARG E 267 -39.48 27.58 0.09
CA ARG E 267 -38.92 28.90 -0.12
C ARG E 267 -37.54 28.84 -0.78
N LEU E 268 -37.18 27.69 -1.35
CA LEU E 268 -35.82 27.48 -1.81
C LEU E 268 -35.54 28.30 -3.07
N ILE E 269 -34.33 28.88 -3.13
CA ILE E 269 -33.89 29.70 -4.25
C ILE E 269 -32.62 29.13 -4.87
N TYR E 270 -31.63 28.81 -4.05
CA TYR E 270 -30.32 28.35 -4.48
C TYR E 270 -30.11 26.91 -4.05
N LEU E 271 -29.51 26.10 -4.93
CA LEU E 271 -29.22 24.72 -4.58
C LEU E 271 -28.04 24.26 -5.44
N ASN E 272 -26.84 24.29 -4.87
CA ASN E 272 -25.62 23.89 -5.58
C ASN E 272 -25.22 22.50 -5.09
N VAL E 273 -25.53 21.50 -5.91
CA VAL E 273 -25.31 20.10 -5.53
C VAL E 273 -24.24 19.62 -6.52
N SER E 274 -23.36 20.52 -6.93
CA SER E 274 -22.28 20.15 -7.84
C SER E 274 -21.31 19.19 -7.16
N ASN E 275 -20.71 18.33 -7.97
CA ASN E 275 -19.72 17.35 -7.54
C ASN E 275 -20.28 16.43 -6.46
N ASN E 276 -21.29 15.66 -6.84
CA ASN E 276 -21.96 14.77 -5.90
C ASN E 276 -22.14 13.42 -6.57
N LEU E 277 -22.87 12.52 -5.91
CA LEU E 277 -23.05 11.14 -6.37
C LEU E 277 -24.51 10.72 -6.30
N ILE E 278 -25.41 11.60 -6.76
CA ILE E 278 -26.84 11.33 -6.69
C ILE E 278 -27.32 10.65 -7.97
N GLN E 279 -28.01 9.53 -7.80
CA GLN E 279 -28.68 8.83 -8.89
C GLN E 279 -30.14 9.26 -8.91
N LEU E 280 -30.63 9.68 -10.08
CA LEU E 280 -32.04 10.01 -10.22
C LEU E 280 -32.77 8.83 -10.84
N PRO E 281 -33.67 8.16 -10.11
CA PRO E 281 -34.44 7.02 -10.63
C PRO E 281 -35.45 7.44 -11.69
N PRO E 314 -45.68 25.72 -2.30
CA PRO E 314 -45.50 24.94 -3.54
C PRO E 314 -44.03 24.67 -3.84
N LEU E 315 -43.78 23.72 -4.73
CA LEU E 315 -42.43 23.33 -5.11
C LEU E 315 -41.84 24.24 -6.18
N SER E 316 -42.66 25.06 -6.83
CA SER E 316 -42.22 25.89 -7.95
C SER E 316 -41.66 27.20 -7.40
N GLN E 317 -40.45 27.12 -6.84
CA GLN E 317 -39.80 28.28 -6.26
C GLN E 317 -38.31 28.42 -6.60
N LEU E 318 -37.64 27.37 -7.07
CA LEU E 318 -36.19 27.40 -7.25
C LEU E 318 -35.79 28.38 -8.34
N LEU E 319 -34.74 29.16 -8.05
CA LEU E 319 -34.14 30.06 -9.03
C LEU E 319 -32.83 29.51 -9.57
N ASN E 320 -31.91 29.13 -8.68
CA ASN E 320 -30.64 28.54 -9.05
C ASN E 320 -30.65 27.06 -8.68
N LEU E 321 -30.16 26.22 -9.57
CA LEU E 321 -30.05 24.79 -9.30
C LEU E 321 -28.88 24.25 -10.09
N ASP E 322 -27.88 23.70 -9.40
CA ASP E 322 -26.69 23.15 -10.02
C ASP E 322 -26.62 21.66 -9.74
N LEU E 323 -26.45 20.86 -10.80
CA LEU E 323 -26.30 19.42 -10.69
C LEU E 323 -25.09 18.96 -11.49
N SER E 324 -24.10 19.84 -11.66
CA SER E 324 -22.94 19.52 -12.46
C SER E 324 -22.05 18.50 -11.75
N TYR E 325 -21.32 17.71 -12.54
CA TYR E 325 -20.40 16.67 -12.07
C TYR E 325 -21.08 15.66 -11.17
N ASN E 326 -22.38 15.45 -11.35
CA ASN E 326 -23.16 14.54 -10.54
C ASN E 326 -23.20 13.16 -11.19
N GLU E 327 -24.11 12.29 -10.74
CA GLU E 327 -24.23 10.95 -11.27
C GLU E 327 -25.64 10.68 -11.78
N ILE E 328 -26.19 11.60 -12.55
CA ILE E 328 -27.54 11.48 -13.08
C ILE E 328 -27.47 10.73 -14.40
N GLU E 329 -27.94 9.47 -14.41
CA GLU E 329 -27.97 8.70 -15.66
C GLU E 329 -29.08 9.18 -16.58
N LEU E 330 -30.23 9.54 -16.01
CA LEU E 330 -31.38 9.99 -16.78
C LEU E 330 -32.29 10.80 -15.87
N VAL E 331 -32.70 11.96 -16.34
CA VAL E 331 -33.57 12.83 -15.54
C VAL E 331 -35.02 12.41 -15.76
N PRO E 332 -35.79 12.17 -14.70
CA PRO E 332 -37.22 11.88 -14.88
C PRO E 332 -37.96 13.09 -15.43
N ALA E 333 -39.02 12.81 -16.20
CA ALA E 333 -39.88 13.88 -16.68
C ALA E 333 -40.73 14.45 -15.54
N SER E 334 -41.09 13.62 -14.56
CA SER E 334 -41.87 14.09 -13.43
C SER E 334 -41.07 15.04 -12.56
N PHE E 335 -39.73 14.90 -12.56
CA PHE E 335 -38.88 15.82 -11.83
C PHE E 335 -38.98 17.24 -12.41
N LEU E 336 -39.01 17.36 -13.74
CA LEU E 336 -39.17 18.66 -14.36
C LEU E 336 -40.63 19.12 -14.33
N GLU E 337 -41.57 18.18 -14.24
CA GLU E 337 -42.99 18.54 -14.25
C GLU E 337 -43.39 19.30 -12.99
N HIS E 338 -42.83 18.93 -11.84
CA HIS E 338 -43.19 19.52 -10.57
C HIS E 338 -42.38 20.75 -10.21
N LEU E 339 -41.49 21.19 -11.11
CA LEU E 339 -40.60 22.33 -10.85
C LEU E 339 -40.74 23.28 -12.04
N THR E 340 -41.52 24.35 -11.86
CA THR E 340 -41.91 25.23 -12.96
C THR E 340 -41.48 26.68 -12.78
N SER E 341 -40.54 26.97 -11.89
CA SER E 341 -40.10 28.36 -11.68
C SER E 341 -38.61 28.52 -11.87
N LEU E 342 -37.96 27.59 -12.54
CA LEU E 342 -36.50 27.56 -12.63
C LEU E 342 -35.98 28.73 -13.47
N ARG E 343 -34.79 29.22 -13.11
CA ARG E 343 -34.12 30.27 -13.87
C ARG E 343 -32.74 29.84 -14.31
N PHE E 344 -32.10 28.93 -13.59
CA PHE E 344 -30.76 28.47 -13.93
C PHE E 344 -30.67 26.98 -13.67
N LEU E 345 -30.01 26.26 -14.56
CA LEU E 345 -29.80 24.83 -14.37
C LEU E 345 -28.48 24.45 -15.01
N ASN E 346 -27.53 23.96 -14.21
CA ASN E 346 -26.19 23.65 -14.66
C ASN E 346 -25.96 22.15 -14.57
N LEU E 347 -25.53 21.56 -15.68
CA LEU E 347 -25.08 20.17 -15.70
C LEU E 347 -23.86 20.08 -16.61
N SER E 348 -22.67 20.08 -16.01
CA SER E 348 -21.45 20.00 -16.77
C SER E 348 -20.71 18.74 -16.34
N ARG E 349 -20.36 17.92 -17.34
CA ARG E 349 -19.66 16.65 -17.14
C ARG E 349 -20.50 15.74 -16.24
N ASN E 350 -21.72 15.47 -16.71
CA ASN E 350 -22.63 14.52 -16.10
C ASN E 350 -22.68 13.25 -16.96
N CYS E 351 -23.62 12.35 -16.66
CA CYS E 351 -23.83 11.14 -17.44
C CYS E 351 -25.28 11.07 -17.93
N LEU E 352 -25.80 12.17 -18.46
CA LEU E 352 -27.16 12.18 -18.99
C LEU E 352 -27.28 11.29 -20.21
N ARG E 353 -28.41 10.60 -20.32
CA ARG E 353 -28.73 9.81 -21.50
C ARG E 353 -29.43 10.66 -22.56
N SER E 354 -30.56 11.26 -22.21
CA SER E 354 -31.30 12.13 -23.12
C SER E 354 -32.16 13.08 -22.30
N PHE E 355 -32.40 14.28 -22.83
CA PHE E 355 -33.20 15.28 -22.14
C PHE E 355 -34.63 15.22 -22.67
N GLU E 356 -35.55 14.70 -21.85
CA GLU E 356 -36.95 14.54 -22.24
C GLU E 356 -37.73 15.79 -21.85
N ALA E 357 -37.54 16.85 -22.64
CA ALA E 357 -38.31 18.08 -22.49
C ALA E 357 -39.47 18.07 -23.49
N ARG E 358 -40.41 17.16 -23.26
CA ARG E 358 -41.56 17.00 -24.14
C ARG E 358 -42.86 16.82 -23.36
N GLN E 359 -43.03 17.55 -22.26
CA GLN E 359 -44.24 17.47 -21.45
C GLN E 359 -44.68 18.88 -21.04
N VAL E 360 -45.98 19.00 -20.76
CA VAL E 360 -46.57 20.30 -20.47
C VAL E 360 -46.07 20.82 -19.13
N ASP E 361 -45.97 22.15 -19.04
CA ASP E 361 -45.48 22.92 -17.87
C ASP E 361 -44.24 22.28 -17.24
N SER E 362 -43.20 22.16 -18.06
CA SER E 362 -41.89 21.65 -17.62
C SER E 362 -40.85 22.73 -17.93
N LEU E 363 -40.38 23.40 -16.89
CA LEU E 363 -39.40 24.48 -16.94
C LEU E 363 -39.80 25.58 -17.92
N PRO E 364 -40.86 26.35 -17.63
CA PRO E 364 -41.29 27.38 -18.58
C PRO E 364 -40.55 28.71 -18.43
N CYS E 365 -39.72 28.88 -17.41
CA CYS E 365 -39.03 30.13 -17.16
C CYS E 365 -37.51 29.97 -17.20
N LEU E 366 -37.03 28.84 -17.71
CA LEU E 366 -35.60 28.54 -17.73
C LEU E 366 -34.86 29.50 -18.65
N VAL E 367 -33.64 29.85 -18.26
CA VAL E 367 -32.83 30.84 -18.97
C VAL E 367 -31.59 30.18 -19.60
N LEU E 368 -30.74 29.55 -18.79
CA LEU E 368 -29.62 28.77 -19.29
C LEU E 368 -29.85 27.30 -18.97
N LEU E 369 -29.59 26.43 -19.95
CA LEU E 369 -29.63 24.98 -19.80
C LEU E 369 -28.25 24.46 -20.17
N ASP E 370 -27.38 24.34 -19.18
CA ASP E 370 -26.02 23.84 -19.41
C ASP E 370 -26.05 22.32 -19.36
N LEU E 371 -25.85 21.69 -20.52
CA LEU E 371 -25.75 20.24 -20.65
C LEU E 371 -24.46 19.96 -21.42
N SER E 372 -23.35 19.85 -20.70
CA SER E 372 -22.04 19.73 -21.32
C SER E 372 -21.36 18.44 -20.88
N HIS E 373 -20.57 17.87 -21.80
CA HIS E 373 -19.70 16.71 -21.53
C HIS E 373 -20.51 15.50 -21.06
N ASN E 374 -21.51 15.14 -21.86
CA ASN E 374 -22.39 14.00 -21.59
C ASN E 374 -22.40 13.06 -22.79
N VAL E 375 -23.37 12.16 -22.86
CA VAL E 375 -23.67 11.40 -24.08
C VAL E 375 -25.17 11.52 -24.34
N LEU E 376 -25.54 12.46 -25.21
CA LEU E 376 -26.94 12.79 -25.50
C LEU E 376 -27.25 12.36 -26.93
N GLU E 377 -27.69 11.11 -27.08
CA GLU E 377 -27.91 10.55 -28.41
C GLU E 377 -29.13 11.15 -29.10
N ALA E 378 -30.04 11.77 -28.35
CA ALA E 378 -31.24 12.35 -28.92
C ALA E 378 -31.74 13.46 -28.01
N LEU E 379 -31.95 14.64 -28.57
CA LEU E 379 -32.47 15.79 -27.85
C LEU E 379 -33.88 16.10 -28.35
N GLU E 380 -34.85 16.12 -27.44
CA GLU E 380 -36.24 16.32 -27.81
C GLU E 380 -36.81 17.53 -27.07
N LEU E 381 -36.94 18.64 -27.79
CA LEU E 381 -37.55 19.86 -27.29
C LEU E 381 -38.58 20.36 -28.30
N GLY E 382 -39.69 20.87 -27.79
CA GLY E 382 -40.76 21.35 -28.64
C GLY E 382 -41.46 22.55 -28.05
N THR E 383 -42.36 23.13 -28.83
CA THR E 383 -43.11 24.30 -28.40
C THR E 383 -44.12 23.92 -27.34
N LYS E 384 -44.59 24.95 -26.61
CA LYS E 384 -45.54 24.83 -25.49
C LYS E 384 -45.00 23.94 -24.37
N VAL E 385 -43.70 23.73 -24.32
CA VAL E 385 -43.07 22.91 -23.29
C VAL E 385 -41.98 23.74 -22.62
N LEU E 386 -41.05 24.26 -23.44
CA LEU E 386 -39.93 25.05 -22.94
C LEU E 386 -39.56 26.02 -24.05
N GLY E 387 -40.07 27.25 -23.95
CA GLY E 387 -39.85 28.23 -24.99
C GLY E 387 -39.32 29.56 -24.48
N SER E 388 -38.69 29.55 -23.30
CA SER E 388 -38.08 30.73 -22.73
C SER E 388 -36.58 30.59 -22.58
N LEU E 389 -35.99 29.52 -23.11
CA LEU E 389 -34.55 29.30 -22.99
C LEU E 389 -33.80 30.42 -23.70
N GLN E 390 -32.76 30.94 -23.03
CA GLN E 390 -32.04 32.10 -23.53
C GLN E 390 -30.67 31.69 -24.08
N THR E 391 -29.94 30.86 -23.33
CA THR E 391 -28.63 30.37 -23.72
C THR E 391 -28.60 28.85 -23.58
N LEU E 392 -28.14 28.17 -24.63
CA LEU E 392 -28.00 26.72 -24.64
C LEU E 392 -26.52 26.36 -24.78
N LEU E 393 -26.00 25.63 -23.79
CA LEU E 393 -24.59 25.23 -23.79
C LEU E 393 -24.52 23.71 -23.94
N LEU E 394 -24.45 23.25 -25.19
CA LEU E 394 -24.28 21.83 -25.50
C LEU E 394 -22.86 21.63 -26.02
N GLN E 395 -22.08 20.83 -25.32
CA GLN E 395 -20.66 20.67 -25.64
C GLN E 395 -20.30 19.18 -25.63
N ASP E 396 -20.08 18.63 -26.82
CA ASP E 396 -19.47 17.30 -27.01
C ASP E 396 -20.27 16.19 -26.33
N ASN E 397 -21.58 16.16 -26.57
CA ASN E 397 -22.33 15.13 -25.89
C ASN E 397 -22.51 13.87 -26.74
N ALA E 398 -23.39 13.91 -27.74
CA ALA E 398 -23.42 12.89 -28.78
C ALA E 398 -23.98 13.40 -30.10
N LEU E 399 -24.25 14.69 -30.25
CA LEU E 399 -25.18 15.18 -31.27
C LEU E 399 -24.67 14.89 -32.69
N GLN E 400 -25.42 14.08 -33.42
CA GLN E 400 -25.05 13.65 -34.77
C GLN E 400 -26.16 13.88 -35.78
N GLU E 401 -27.42 13.73 -35.39
CA GLU E 401 -28.54 13.89 -36.31
C GLU E 401 -29.80 14.15 -35.52
N LEU E 402 -30.40 15.32 -35.70
CA LEU E 402 -31.60 15.72 -34.97
C LEU E 402 -32.67 16.19 -35.94
N PRO E 403 -33.95 15.99 -35.59
CA PRO E 403 -35.03 16.49 -36.45
C PRO E 403 -35.05 18.01 -36.46
N PRO E 404 -35.53 18.62 -37.54
CA PRO E 404 -35.53 20.09 -37.66
C PRO E 404 -36.70 20.75 -36.94
N TYR E 405 -36.80 20.49 -35.63
CA TYR E 405 -37.83 21.10 -34.80
C TYR E 405 -37.32 21.64 -33.47
N THR E 406 -36.18 21.16 -32.97
CA THR E 406 -35.68 21.64 -31.69
C THR E 406 -35.20 23.09 -31.78
N PHE E 407 -34.51 23.43 -32.86
CA PHE E 407 -33.96 24.77 -33.05
C PHE E 407 -34.66 25.55 -34.15
N ALA E 408 -35.80 25.07 -34.65
CA ALA E 408 -36.53 25.74 -35.72
C ALA E 408 -37.82 26.38 -35.27
N SER E 409 -38.40 25.96 -34.13
CA SER E 409 -39.65 26.51 -33.65
C SER E 409 -39.58 27.11 -32.25
N LEU E 410 -38.51 26.83 -31.50
CA LEU E 410 -38.37 27.39 -30.16
C LEU E 410 -37.98 28.87 -30.25
N ALA E 411 -38.51 29.68 -29.34
CA ALA E 411 -38.29 31.12 -29.37
C ALA E 411 -37.40 31.56 -28.20
N SER E 412 -36.83 32.75 -28.36
CA SER E 412 -36.01 33.49 -27.40
C SER E 412 -34.64 32.86 -27.16
N LEU E 413 -34.23 31.86 -27.93
CA LEU E 413 -32.87 31.32 -27.85
C LEU E 413 -31.93 32.30 -28.55
N GLN E 414 -30.86 32.70 -27.86
CA GLN E 414 -29.84 33.55 -28.47
C GLN E 414 -28.54 32.83 -28.75
N ARG E 415 -28.15 31.88 -27.89
CA ARG E 415 -26.86 31.22 -27.98
C ARG E 415 -27.07 29.74 -28.22
N LEU E 416 -26.36 29.19 -29.21
CA LEU E 416 -26.42 27.77 -29.51
C LEU E 416 -25.01 27.23 -29.67
N ASN E 417 -24.74 26.07 -29.09
CA ASN E 417 -23.42 25.46 -29.14
C ASN E 417 -23.54 24.06 -29.72
N LEU E 418 -22.77 23.79 -30.77
CA LEU E 418 -22.69 22.48 -31.40
C LEU E 418 -21.23 22.10 -31.62
N GLN E 419 -20.40 22.32 -30.61
CA GLN E 419 -18.97 22.11 -30.74
C GLN E 419 -18.66 20.61 -30.70
N GLY E 420 -17.89 20.15 -31.69
CA GLY E 420 -17.54 18.74 -31.78
C GLY E 420 -18.73 17.83 -31.99
N ASN E 421 -19.65 18.22 -32.86
CA ASN E 421 -20.88 17.48 -33.07
C ASN E 421 -21.11 17.29 -34.57
N GLN E 422 -21.69 16.15 -34.92
CA GLN E 422 -21.89 15.76 -36.31
C GLN E 422 -23.18 16.29 -36.90
N VAL E 423 -23.93 17.12 -36.16
CA VAL E 423 -25.15 17.70 -36.70
C VAL E 423 -24.81 18.69 -37.81
N SER E 424 -25.73 18.82 -38.77
CA SER E 424 -25.52 19.67 -39.92
C SER E 424 -26.70 20.61 -40.12
N PRO E 425 -26.45 21.83 -40.61
CA PRO E 425 -27.55 22.75 -40.87
C PRO E 425 -28.36 22.33 -42.09
N CYS E 426 -29.61 22.81 -42.13
CA CYS E 426 -30.49 22.54 -43.25
C CYS E 426 -30.19 23.48 -44.41
N GLY E 427 -30.69 23.11 -45.59
CA GLY E 427 -30.60 23.91 -46.79
C GLY E 427 -31.86 24.69 -47.05
N GLY E 428 -32.13 24.95 -48.33
CA GLY E 428 -33.31 25.65 -48.74
C GLY E 428 -33.93 25.07 -50.00
N PRO E 429 -34.81 25.83 -50.64
CA PRO E 429 -35.39 25.36 -51.91
C PRO E 429 -34.36 25.17 -53.02
N ALA E 430 -33.29 25.96 -53.02
CA ALA E 430 -32.24 25.87 -54.03
C ALA E 430 -30.93 25.32 -53.47
N GLU E 431 -30.97 24.71 -52.29
CA GLU E 431 -29.79 24.15 -51.67
C GLU E 431 -30.01 22.68 -51.34
N PRO E 432 -29.08 21.80 -51.74
CA PRO E 432 -29.23 20.36 -51.47
C PRO E 432 -28.83 19.97 -50.05
N GLY E 433 -29.68 20.33 -49.10
CA GLY E 433 -29.46 20.03 -47.71
C GLY E 433 -29.55 18.54 -47.43
N PRO E 434 -28.75 18.06 -46.48
CA PRO E 434 -28.83 16.64 -46.12
C PRO E 434 -30.16 16.31 -45.49
N PRO E 435 -30.67 15.09 -45.70
CA PRO E 435 -31.95 14.73 -45.10
C PRO E 435 -31.87 14.62 -43.59
N GLY E 436 -32.97 14.96 -42.93
CA GLY E 436 -33.03 14.91 -41.48
C GLY E 436 -32.18 15.94 -40.77
N CYS E 437 -31.90 17.08 -41.41
CA CYS E 437 -31.04 18.09 -40.84
C CYS E 437 -31.77 18.87 -39.74
N VAL E 438 -31.13 19.93 -39.26
CA VAL E 438 -31.70 20.82 -38.25
C VAL E 438 -31.84 22.20 -38.87
N ASP E 439 -33.05 22.75 -38.85
CA ASP E 439 -33.30 24.06 -39.42
C ASP E 439 -33.00 25.14 -38.41
N PHE E 440 -32.15 26.10 -38.79
CA PHE E 440 -31.78 27.22 -37.93
C PHE E 440 -32.49 28.51 -38.32
N SER E 441 -33.47 28.44 -39.21
CA SER E 441 -34.24 29.61 -39.64
C SER E 441 -35.65 29.51 -39.07
N GLY E 442 -36.12 30.62 -38.50
CA GLY E 442 -37.43 30.65 -37.88
C GLY E 442 -37.43 31.44 -36.59
N ILE E 443 -36.24 31.77 -36.10
CA ILE E 443 -36.05 32.57 -34.90
C ILE E 443 -35.18 33.77 -35.27
N PRO E 444 -35.56 35.00 -34.91
CA PRO E 444 -34.74 36.15 -35.29
C PRO E 444 -33.64 36.49 -34.30
N THR E 445 -33.78 36.05 -33.05
CA THR E 445 -32.87 36.46 -31.99
C THR E 445 -31.68 35.52 -31.82
N LEU E 446 -31.58 34.47 -32.64
CA LEU E 446 -30.39 33.62 -32.64
C LEU E 446 -29.25 34.34 -33.35
N HIS E 447 -28.32 34.90 -32.59
CA HIS E 447 -27.16 35.58 -33.15
C HIS E 447 -25.83 34.99 -32.71
N VAL E 448 -25.84 34.05 -31.78
CA VAL E 448 -24.63 33.35 -31.35
C VAL E 448 -24.76 31.90 -31.78
N LEU E 449 -23.91 31.47 -32.72
CA LEU E 449 -23.95 30.13 -33.26
C LEU E 449 -22.53 29.57 -33.30
N ASN E 450 -22.36 28.35 -32.80
CA ASN E 450 -21.09 27.66 -32.81
C ASN E 450 -21.30 26.27 -33.39
N MET E 451 -20.52 25.94 -34.43
CA MET E 451 -20.60 24.65 -35.09
C MET E 451 -19.20 24.09 -35.26
N ALA E 452 -19.03 22.82 -34.90
CA ALA E 452 -17.73 22.16 -35.01
C ALA E 452 -17.94 20.65 -35.07
N GLY E 453 -17.04 19.99 -35.79
CA GLY E 453 -17.05 18.54 -35.86
C GLY E 453 -18.01 17.93 -36.84
N ASN E 454 -18.58 18.72 -37.76
CA ASN E 454 -19.52 18.15 -38.73
C ASN E 454 -18.80 17.35 -39.81
N SER E 455 -17.54 17.69 -40.09
CA SER E 455 -16.69 17.00 -41.07
C SER E 455 -17.35 16.97 -42.45
N MET E 456 -17.95 18.10 -42.81
CA MET E 456 -18.65 18.25 -44.09
C MET E 456 -18.10 19.48 -44.80
N GLY E 457 -17.90 19.38 -46.11
CA GLY E 457 -17.06 20.32 -46.82
C GLY E 457 -17.73 21.52 -47.46
N MET E 458 -19.05 21.53 -47.61
CA MET E 458 -19.70 22.63 -48.31
C MET E 458 -21.04 22.94 -47.64
N LEU E 459 -21.07 24.02 -46.86
CA LEU E 459 -22.22 24.37 -46.06
C LEU E 459 -23.40 24.77 -46.94
N ARG E 460 -24.59 24.78 -46.34
CA ARG E 460 -25.82 25.08 -47.04
C ARG E 460 -26.25 26.53 -46.78
N ALA E 461 -27.21 26.98 -47.57
CA ALA E 461 -27.75 28.32 -47.47
C ALA E 461 -29.23 28.25 -47.13
N GLY E 462 -29.67 29.08 -46.19
CA GLY E 462 -31.05 29.10 -45.78
C GLY E 462 -31.22 29.00 -44.27
N SER E 463 -30.35 28.22 -43.63
CA SER E 463 -30.41 28.08 -42.17
C SER E 463 -29.92 29.35 -41.47
N PHE E 464 -28.95 30.05 -42.05
CA PHE E 464 -28.41 31.26 -41.47
C PHE E 464 -29.13 32.51 -41.93
N LEU E 465 -30.14 32.39 -42.77
CA LEU E 465 -30.90 33.53 -43.26
C LEU E 465 -32.03 33.88 -42.29
N HIS E 466 -32.71 34.98 -42.59
CA HIS E 466 -33.86 35.51 -41.85
C HIS E 466 -33.53 35.88 -40.41
N THR E 467 -32.25 35.99 -40.06
CA THR E 467 -31.83 36.36 -38.71
C THR E 467 -30.41 36.87 -38.76
N PRO E 468 -30.06 37.85 -37.93
CA PRO E 468 -28.66 38.27 -37.84
C PRO E 468 -27.85 37.32 -36.98
N LEU E 469 -26.60 37.11 -37.39
CA LEU E 469 -25.66 36.25 -36.68
C LEU E 469 -24.44 37.10 -36.34
N THR E 470 -24.40 37.64 -35.13
CA THR E 470 -23.33 38.56 -34.75
C THR E 470 -22.00 37.85 -34.53
N GLU E 471 -22.00 36.53 -34.35
CA GLU E 471 -20.77 35.78 -34.14
C GLU E 471 -20.97 34.35 -34.62
N LEU E 472 -19.99 33.85 -35.36
CA LEU E 472 -20.00 32.48 -35.86
C LEU E 472 -18.70 31.82 -35.50
N ASP E 473 -18.77 30.67 -34.82
CA ASP E 473 -17.60 29.91 -34.42
C ASP E 473 -17.55 28.62 -35.21
N LEU E 474 -16.49 28.44 -36.00
CA LEU E 474 -16.32 27.26 -36.84
C LEU E 474 -14.91 26.71 -36.62
N SER E 475 -14.82 25.41 -36.35
CA SER E 475 -13.54 24.77 -36.12
C SER E 475 -13.68 23.27 -36.37
N THR E 476 -12.54 22.61 -36.56
CA THR E 476 -12.46 21.16 -36.77
C THR E 476 -13.33 20.71 -37.93
N ASN E 477 -13.21 21.41 -39.05
CA ASN E 477 -14.00 21.13 -40.26
C ASN E 477 -13.04 20.98 -41.43
N PRO E 478 -12.43 19.80 -41.60
CA PRO E 478 -11.52 19.59 -42.73
C PRO E 478 -12.26 19.63 -44.05
N GLY E 479 -11.64 20.27 -45.04
CA GLY E 479 -12.23 20.39 -46.36
C GLY E 479 -13.36 21.40 -46.47
N LEU E 480 -13.58 22.20 -45.43
CA LEU E 480 -14.67 23.17 -45.45
C LEU E 480 -14.38 24.30 -46.43
N ASP E 481 -15.41 24.69 -47.17
CA ASP E 481 -15.33 25.83 -48.08
C ASP E 481 -16.60 26.66 -47.91
N VAL E 482 -16.43 27.98 -47.88
CA VAL E 482 -17.52 28.91 -47.61
C VAL E 482 -17.76 29.79 -48.83
N ALA E 483 -18.99 29.75 -49.34
CA ALA E 483 -19.42 30.67 -50.39
C ALA E 483 -20.84 31.21 -50.20
N THR E 484 -21.65 30.62 -49.34
CA THR E 484 -23.04 31.02 -49.16
C THR E 484 -23.34 31.18 -47.68
N GLY E 485 -24.35 31.98 -47.39
CA GLY E 485 -24.74 32.25 -46.00
C GLY E 485 -23.95 33.33 -45.31
N ALA E 486 -22.62 33.27 -45.38
CA ALA E 486 -21.78 34.30 -44.78
C ALA E 486 -21.61 35.52 -45.68
N LEU E 487 -22.14 35.49 -46.90
CA LEU E 487 -22.08 36.63 -47.81
C LEU E 487 -23.41 37.00 -48.43
N VAL E 488 -24.35 36.06 -48.57
CA VAL E 488 -25.66 36.33 -49.15
C VAL E 488 -26.71 36.27 -48.03
N GLY E 489 -27.61 37.25 -48.04
CA GLY E 489 -28.64 37.34 -47.03
C GLY E 489 -28.24 38.09 -45.77
N LEU E 490 -26.96 38.39 -45.61
CA LEU E 490 -26.46 39.13 -44.45
C LEU E 490 -25.64 40.32 -44.95
N GLU E 491 -26.04 41.52 -44.57
CA GLU E 491 -25.32 42.71 -44.98
C GLU E 491 -24.96 43.63 -43.82
N ALA E 492 -25.83 43.75 -42.82
CA ALA E 492 -25.61 44.63 -41.67
C ALA E 492 -25.39 43.84 -40.39
N SER E 493 -24.70 42.71 -40.50
CA SER E 493 -24.43 41.84 -39.37
C SER E 493 -23.10 41.13 -39.60
N LEU E 494 -22.86 40.04 -38.88
CA LEU E 494 -21.66 39.21 -38.98
C LEU E 494 -20.41 40.06 -38.69
N GLU E 495 -20.34 40.49 -37.44
CA GLU E 495 -19.18 41.25 -36.99
C GLU E 495 -17.96 40.35 -36.79
N VAL E 496 -18.17 39.15 -36.26
CA VAL E 496 -17.09 38.23 -35.93
C VAL E 496 -17.32 36.93 -36.67
N LEU E 497 -16.30 36.45 -37.39
CA LEU E 497 -16.36 35.18 -38.11
C LEU E 497 -14.94 34.65 -38.21
N GLU E 498 -14.61 33.67 -37.38
CA GLU E 498 -13.26 33.13 -37.32
C GLU E 498 -13.26 31.66 -37.72
N LEU E 499 -12.19 31.24 -38.39
CA LEU E 499 -12.01 29.86 -38.83
C LEU E 499 -10.61 29.42 -38.45
N GLN E 500 -10.51 28.40 -37.60
CA GLN E 500 -9.22 27.87 -37.18
C GLN E 500 -9.37 26.39 -36.89
N GLY E 501 -8.28 25.66 -37.07
CA GLY E 501 -8.30 24.22 -36.90
C GLY E 501 -9.09 23.48 -37.95
N ASN E 502 -9.34 24.10 -39.10
CA ASN E 502 -10.15 23.52 -40.15
C ASN E 502 -9.46 23.71 -41.49
N GLY E 503 -9.79 22.85 -42.44
CA GLY E 503 -9.19 22.90 -43.76
C GLY E 503 -9.93 23.82 -44.71
N LEU E 504 -9.42 25.03 -44.88
CA LEU E 504 -9.99 26.01 -45.79
C LEU E 504 -8.96 26.35 -46.86
N THR E 505 -9.35 26.24 -48.13
CA THR E 505 -8.46 26.45 -49.25
C THR E 505 -8.78 27.68 -50.07
N VAL E 506 -10.05 27.87 -50.44
CA VAL E 506 -10.47 29.02 -51.25
C VAL E 506 -11.47 29.83 -50.43
N LEU E 507 -11.25 31.13 -50.37
CA LEU E 507 -12.11 32.05 -49.63
C LEU E 507 -12.99 32.81 -50.61
N ARG E 508 -14.32 32.69 -50.43
CA ARG E 508 -15.28 33.39 -51.27
C ARG E 508 -16.08 34.43 -50.51
N VAL E 509 -16.00 34.47 -49.19
CA VAL E 509 -16.70 35.48 -48.40
C VAL E 509 -15.93 36.79 -48.49
N ASP E 510 -16.63 37.86 -48.85
CA ASP E 510 -16.00 39.16 -49.07
C ASP E 510 -15.94 39.91 -47.75
N LEU E 511 -14.74 39.97 -47.17
CA LEU E 511 -14.54 40.80 -45.97
C LEU E 511 -14.80 42.29 -46.20
N PRO E 512 -14.33 42.94 -47.28
CA PRO E 512 -14.65 44.37 -47.45
C PRO E 512 -16.13 44.66 -47.66
N CYS E 513 -16.94 43.65 -48.00
CA CYS E 513 -18.38 43.87 -48.15
C CYS E 513 -19.02 44.28 -46.85
N PHE E 514 -18.60 43.67 -45.74
CA PHE E 514 -19.14 44.01 -44.43
C PHE E 514 -18.37 45.18 -43.84
N LEU E 515 -19.09 46.23 -43.47
CA LEU E 515 -18.48 47.44 -42.91
C LEU E 515 -18.48 47.45 -41.39
N ARG E 516 -19.00 46.41 -40.74
CA ARG E 516 -19.09 46.35 -39.30
C ARG E 516 -18.13 45.32 -38.69
N LEU E 517 -17.10 44.92 -39.45
CA LEU E 517 -16.13 43.96 -38.95
C LEU E 517 -15.28 44.59 -37.85
N LYS E 518 -15.10 43.86 -36.75
CA LYS E 518 -14.28 44.37 -35.65
C LYS E 518 -13.28 43.34 -35.16
N ARG E 519 -13.57 42.05 -35.35
CA ARG E 519 -12.70 40.99 -34.83
C ARG E 519 -12.75 39.82 -35.82
N LEU E 520 -11.64 39.60 -36.53
CA LEU E 520 -11.52 38.52 -37.49
C LEU E 520 -10.29 37.67 -37.17
N ASN E 521 -10.35 36.41 -37.57
CA ASN E 521 -9.26 35.47 -37.38
C ASN E 521 -9.29 34.44 -38.50
N LEU E 522 -8.14 34.23 -39.15
CA LEU E 522 -7.98 33.24 -40.21
C LEU E 522 -6.73 32.41 -39.98
N ALA E 523 -6.55 31.97 -38.73
CA ALA E 523 -5.35 31.24 -38.36
C ALA E 523 -5.43 29.78 -38.82
N GLU E 524 -4.24 29.18 -38.99
CA GLU E 524 -4.02 27.80 -39.44
C GLU E 524 -5.00 27.36 -40.54
N ASN E 525 -5.09 28.19 -41.57
CA ASN E 525 -5.86 27.88 -42.77
C ASN E 525 -4.98 28.06 -43.99
N GLN E 526 -5.07 27.12 -44.93
CA GLN E 526 -4.21 27.12 -46.11
C GLN E 526 -4.82 28.04 -47.19
N LEU E 527 -4.47 29.32 -47.08
CA LEU E 527 -4.89 30.34 -48.03
C LEU E 527 -3.66 30.93 -48.72
N SER E 528 -3.70 30.97 -50.05
CA SER E 528 -2.67 31.62 -50.85
C SER E 528 -3.12 32.97 -51.38
N HIS E 529 -4.36 33.38 -51.09
CA HIS E 529 -4.90 34.64 -51.53
C HIS E 529 -5.59 35.33 -50.35
N LEU E 530 -5.75 36.65 -50.47
CA LEU E 530 -6.35 37.43 -49.41
C LEU E 530 -7.13 38.56 -50.08
N PRO E 531 -8.37 38.80 -49.66
CA PRO E 531 -9.19 39.82 -50.34
C PRO E 531 -8.67 41.23 -50.12
N ALA E 532 -8.84 42.06 -51.15
CA ALA E 532 -8.35 43.44 -51.12
C ALA E 532 -9.47 44.39 -50.70
N TRP E 533 -9.17 45.27 -49.75
CA TRP E 533 -10.12 46.25 -49.26
C TRP E 533 -10.13 47.48 -50.16
N THR E 534 -11.34 47.93 -50.51
CA THR E 534 -11.50 49.14 -51.29
C THR E 534 -12.57 50.07 -50.72
N ARG E 535 -13.26 49.66 -49.66
CA ARG E 535 -14.31 50.45 -49.03
C ARG E 535 -13.99 50.65 -47.55
N ALA E 536 -14.88 51.34 -46.86
CA ALA E 536 -14.69 51.62 -45.45
C ALA E 536 -14.85 50.35 -44.62
N VAL E 537 -13.99 50.19 -43.62
CA VAL E 537 -14.03 49.05 -42.71
C VAL E 537 -13.48 49.50 -41.36
N SER E 538 -13.93 48.83 -40.29
CA SER E 538 -13.51 49.15 -38.94
C SER E 538 -12.77 47.98 -38.28
N LEU E 539 -12.08 47.18 -39.08
CA LEU E 539 -11.37 46.02 -38.55
C LEU E 539 -10.17 46.46 -37.71
N GLU E 540 -9.93 45.72 -36.63
CA GLU E 540 -8.84 46.01 -35.70
C GLU E 540 -7.80 44.90 -35.66
N VAL E 541 -8.23 43.64 -35.55
CA VAL E 541 -7.32 42.52 -35.37
C VAL E 541 -7.48 41.55 -36.54
N LEU E 542 -6.36 41.06 -37.05
CA LEU E 542 -6.34 40.06 -38.12
C LEU E 542 -5.21 39.09 -37.82
N ASP E 543 -5.57 37.88 -37.39
CA ASP E 543 -4.61 36.88 -36.95
C ASP E 543 -4.46 35.80 -38.01
N LEU E 544 -3.22 35.51 -38.40
CA LEU E 544 -2.90 34.45 -39.35
C LEU E 544 -1.71 33.67 -38.80
N ARG E 545 -1.97 32.48 -38.26
CA ARG E 545 -0.95 31.65 -37.63
C ARG E 545 -0.58 30.50 -38.55
N ASN E 546 0.72 30.35 -38.81
CA ASN E 546 1.27 29.25 -39.61
C ASN E 546 0.63 29.17 -40.99
N ASN E 547 0.42 30.33 -41.61
CA ASN E 547 -0.17 30.42 -42.95
C ASN E 547 0.91 30.79 -43.94
N SER E 548 1.03 30.01 -45.01
CA SER E 548 2.04 30.25 -46.03
C SER E 548 1.65 31.44 -46.90
N PHE E 549 2.55 32.42 -47.01
CA PHE E 549 2.31 33.61 -47.81
C PHE E 549 3.66 34.08 -48.37
N SER E 550 3.95 33.67 -49.61
CA SER E 550 5.19 34.09 -50.25
C SER E 550 5.20 35.59 -50.52
N LEU E 551 4.08 36.14 -50.96
CA LEU E 551 3.96 37.57 -51.24
C LEU E 551 2.68 38.10 -50.63
N LEU E 552 2.73 39.36 -50.16
CA LEU E 552 1.58 40.02 -49.57
C LEU E 552 1.74 41.53 -49.65
N PRO E 553 1.27 42.16 -50.72
CA PRO E 553 1.41 43.62 -50.85
C PRO E 553 0.48 44.39 -49.92
N GLY E 554 0.74 45.67 -49.73
CA GLY E 554 -0.07 46.50 -48.87
C GLY E 554 -0.61 47.75 -49.54
N ASN E 555 -0.01 48.13 -50.67
CA ASN E 555 -0.47 49.32 -51.39
C ASN E 555 -1.87 49.14 -51.96
N ALA E 556 -2.17 47.96 -52.48
CA ALA E 556 -3.53 47.68 -52.94
C ALA E 556 -4.44 47.27 -51.79
N MET E 557 -3.89 47.14 -50.59
CA MET E 557 -4.62 46.72 -49.40
C MET E 557 -4.97 47.90 -48.51
N GLY E 558 -5.05 49.10 -49.10
CA GLY E 558 -5.10 50.33 -48.33
C GLY E 558 -6.41 50.59 -47.62
N GLY E 559 -7.51 49.94 -48.05
CA GLY E 559 -8.79 50.18 -47.43
C GLY E 559 -8.93 49.58 -46.05
N LEU E 560 -8.03 48.68 -45.67
CA LEU E 560 -8.09 48.08 -44.34
C LEU E 560 -7.59 49.04 -43.26
N GLU E 561 -6.58 49.84 -43.59
CA GLU E 561 -5.90 50.69 -42.61
C GLU E 561 -6.79 51.88 -42.26
N THR E 562 -7.76 51.62 -41.38
CA THR E 562 -8.63 52.66 -40.84
C THR E 562 -8.67 52.66 -39.33
N SER E 563 -8.64 51.49 -38.68
CA SER E 563 -8.62 51.41 -37.23
C SER E 563 -7.67 50.34 -36.71
N LEU E 564 -6.68 49.95 -37.50
CA LEU E 564 -5.75 48.89 -37.10
C LEU E 564 -4.77 49.38 -36.05
N ARG E 565 -4.53 48.55 -35.04
CA ARG E 565 -3.51 48.83 -34.04
C ARG E 565 -2.64 47.63 -33.69
N ARG E 566 -3.04 46.42 -34.06
CA ARG E 566 -2.28 45.22 -33.75
C ARG E 566 -2.65 44.12 -34.73
N LEU E 567 -1.66 43.63 -35.47
CA LEU E 567 -1.86 42.53 -36.41
C LEU E 567 -0.86 41.42 -36.12
N TYR E 568 -1.32 40.18 -36.17
CA TYR E 568 -0.49 39.02 -35.90
C TYR E 568 -0.36 38.17 -37.16
N LEU E 569 0.88 37.91 -37.57
CA LEU E 569 1.15 37.04 -38.71
C LEU E 569 2.56 36.49 -38.57
N GLN E 570 2.72 35.21 -38.87
CA GLN E 570 4.02 34.55 -38.84
C GLN E 570 3.95 33.32 -39.72
N GLY E 571 4.99 32.49 -39.65
CA GLY E 571 5.08 31.30 -40.49
C GLY E 571 5.67 31.54 -41.86
N ASN E 572 6.07 32.76 -42.18
CA ASN E 572 6.66 33.06 -43.48
C ASN E 572 8.11 33.52 -43.33
N ALA F 22 26.94 -16.44 38.28
CA ALA F 22 27.33 -15.75 39.51
C ALA F 22 28.80 -15.36 39.46
N LEU F 23 29.15 -14.30 40.18
CA LEU F 23 30.53 -13.84 40.29
C LEU F 23 31.14 -14.39 41.58
N THR F 24 32.31 -14.99 41.48
CA THR F 24 32.98 -15.61 42.61
C THR F 24 34.23 -14.82 42.96
N GLN F 25 34.37 -14.50 44.24
CA GLN F 25 35.56 -13.83 44.76
C GLN F 25 35.76 -14.24 46.21
N LEU F 26 37.02 -14.28 46.63
CA LEU F 26 37.37 -14.74 47.97
C LEU F 26 36.82 -13.80 49.03
N SER F 27 36.35 -14.38 50.14
CA SER F 27 35.63 -13.60 51.15
C SER F 27 36.54 -12.70 51.97
N SER F 28 37.71 -13.18 52.39
CA SER F 28 38.57 -12.43 53.29
C SER F 28 39.91 -12.18 52.63
N MET F 29 40.48 -11.01 52.92
CA MET F 29 41.78 -10.63 52.39
C MET F 29 42.46 -9.72 53.40
N SER F 30 43.77 -9.91 53.58
CA SER F 30 44.54 -9.11 54.52
C SER F 30 45.87 -8.72 53.88
N GLY F 31 46.32 -7.51 54.19
CA GLY F 31 47.59 -7.02 53.69
C GLY F 31 48.14 -5.94 54.60
N SER F 32 49.47 -5.81 54.57
CA SER F 32 50.12 -4.79 55.36
C SER F 32 49.89 -3.41 54.72
N PRO F 33 49.79 -2.36 55.54
CA PRO F 33 49.68 -1.00 54.99
C PRO F 33 50.92 -0.64 54.18
N GLY F 34 50.68 -0.04 53.01
CA GLY F 34 51.74 0.30 52.09
C GLY F 34 52.08 -0.79 51.09
N GLN F 35 51.40 -1.93 51.14
CA GLN F 35 51.66 -3.05 50.25
C GLN F 35 50.55 -3.14 49.21
N THR F 36 50.95 -3.23 47.94
CA THR F 36 49.97 -3.30 46.85
C THR F 36 49.34 -4.68 46.83
N VAL F 37 48.01 -4.73 46.91
CA VAL F 37 47.26 -5.98 46.96
C VAL F 37 46.18 -5.94 45.90
N THR F 38 45.94 -7.08 45.25
CA THR F 38 45.03 -7.17 44.12
C THR F 38 43.81 -8.00 44.49
N ILE F 39 42.62 -7.48 44.17
CA ILE F 39 41.36 -8.20 44.37
C ILE F 39 40.89 -8.70 43.02
N THR F 40 40.64 -10.01 42.92
CA THR F 40 40.24 -10.65 41.68
C THR F 40 38.91 -11.37 41.86
N CYS F 41 38.01 -11.19 40.90
CA CYS F 41 36.79 -12.00 40.81
C CYS F 41 36.66 -12.54 39.39
N THR F 42 36.22 -13.79 39.29
CA THR F 42 36.18 -14.51 38.03
C THR F 42 34.76 -14.58 37.49
N GLY F 43 34.62 -14.43 36.17
CA GLY F 43 33.32 -14.46 35.54
C GLY F 43 32.93 -15.85 35.09
N SER F 44 31.93 -15.89 34.19
CA SER F 44 31.39 -17.15 33.69
C SER F 44 31.08 -17.07 32.19
N SER F 45 31.89 -16.30 31.45
CA SER F 45 31.82 -16.13 30.01
C SER F 45 30.57 -15.36 29.56
N SER F 46 29.69 -15.05 30.51
CA SER F 46 28.59 -14.13 30.29
C SER F 46 28.56 -13.01 31.31
N ASN F 47 29.23 -13.17 32.45
CA ASN F 47 29.37 -12.07 33.40
C ASN F 47 30.30 -11.00 32.85
N ILE F 48 31.56 -11.36 32.64
CA ILE F 48 32.56 -10.45 32.12
C ILE F 48 33.07 -10.87 30.74
N GLY F 49 33.05 -12.17 30.43
CA GLY F 49 33.46 -12.62 29.11
C GLY F 49 32.54 -12.19 28.00
N GLY F 50 31.34 -11.73 28.32
CA GLY F 50 30.38 -11.24 27.36
C GLY F 50 30.57 -9.81 26.93
N GLY F 51 31.70 -9.19 27.28
CA GLY F 51 31.98 -7.84 26.85
C GLY F 51 31.22 -6.75 27.58
N TYR F 52 30.58 -7.10 28.71
CA TYR F 52 29.73 -6.17 29.48
C TYR F 52 30.54 -5.20 30.32
N TYR F 53 29.92 -4.43 31.23
CA TYR F 53 30.67 -3.36 31.96
C TYR F 53 31.03 -3.78 33.39
N LEU F 54 32.29 -4.13 33.72
CA LEU F 54 32.54 -4.52 35.13
C LEU F 54 32.84 -3.27 35.94
N ASN F 55 32.05 -3.02 36.96
CA ASN F 55 32.30 -1.88 37.84
C ASN F 55 32.76 -2.40 39.20
N TRP F 56 33.60 -1.62 39.86
CA TRP F 56 34.16 -1.98 41.16
C TRP F 56 33.67 -0.99 42.21
N TYR F 57 33.13 -1.51 43.30
CA TYR F 57 32.54 -0.69 44.35
C TYR F 57 33.20 -1.00 45.69
N GLN F 58 33.49 0.05 46.44
CA GLN F 58 34.02 -0.09 47.80
C GLN F 58 32.93 0.36 48.77
N GLN F 59 32.83 -0.33 49.89
CA GLN F 59 31.80 -0.07 50.90
C GLN F 59 32.47 0.02 52.26
N LEU F 60 32.69 1.25 52.72
CA LEU F 60 33.20 1.47 54.06
C LEU F 60 32.13 1.07 55.08
N PRO F 61 32.53 0.65 56.28
CA PRO F 61 31.54 0.26 57.30
C PRO F 61 30.68 1.45 57.71
N GLY F 62 29.37 1.23 57.71
CA GLY F 62 28.43 2.30 57.98
C GLY F 62 28.41 3.37 56.91
N ALA F 63 28.49 2.98 55.64
CA ALA F 63 28.51 3.94 54.55
C ALA F 63 27.97 3.28 53.30
N ALA F 64 27.60 4.10 52.33
CA ALA F 64 27.09 3.62 51.06
C ALA F 64 28.22 3.15 50.16
N PRO F 65 27.95 2.19 49.28
CA PRO F 65 28.95 1.84 48.26
C PRO F 65 29.23 3.01 47.34
N LYS F 66 30.46 3.08 46.85
CA LYS F 66 30.88 4.16 45.97
C LYS F 66 31.55 3.57 44.74
N LEU F 67 31.34 4.23 43.60
CA LEU F 67 32.00 3.81 42.37
C LEU F 67 33.50 4.08 42.45
N VAL F 68 34.31 3.08 42.11
CA VAL F 68 35.75 3.21 42.11
C VAL F 68 36.33 3.03 40.71
N ILE F 69 36.09 1.88 40.09
CA ILE F 69 36.54 1.58 38.74
C ILE F 69 35.33 1.21 37.92
N TYR F 70 35.14 1.88 36.78
CA TYR F 70 34.06 1.54 35.87
C TYR F 70 34.63 1.06 34.54
N ASN F 71 33.88 0.18 33.87
CA ASN F 71 34.29 -0.50 32.65
C ASN F 71 35.58 -1.30 32.91
N ALA F 72 35.75 -1.73 34.15
CA ALA F 72 36.77 -2.67 34.61
C ALA F 72 38.20 -2.15 34.52
N ASN F 73 38.40 -0.97 33.93
CA ASN F 73 39.75 -0.43 33.82
C ASN F 73 39.85 1.08 33.95
N ASN F 74 38.76 1.80 34.21
CA ASN F 74 38.76 3.25 34.15
C ASN F 74 38.35 3.80 35.52
N ARG F 75 39.17 4.71 36.05
CA ARG F 75 38.91 5.28 37.36
C ARG F 75 37.75 6.26 37.32
N ALA F 76 36.96 6.27 38.38
CA ALA F 76 35.79 7.13 38.47
C ALA F 76 36.21 8.55 38.87
N SER F 77 35.22 9.42 39.03
CA SER F 77 35.46 10.79 39.45
C SER F 77 35.37 10.89 40.97
N GLY F 78 36.31 11.62 41.56
CA GLY F 78 36.38 11.77 43.00
C GLY F 78 37.17 10.69 43.72
N VAL F 79 37.58 9.64 43.01
CA VAL F 79 38.40 8.58 43.59
C VAL F 79 39.84 9.08 43.56
N PRO F 80 40.66 8.81 44.57
CA PRO F 80 42.08 9.12 44.44
C PRO F 80 42.77 8.13 43.53
N ASP F 81 43.81 8.61 42.83
CA ASP F 81 44.46 7.83 41.78
C ASP F 81 45.45 6.81 42.36
N ARG F 82 44.93 5.98 43.26
CA ARG F 82 45.65 4.83 43.77
C ARG F 82 44.97 3.52 43.41
N PHE F 83 43.84 3.57 42.71
CA PHE F 83 43.09 2.38 42.32
C PHE F 83 43.22 2.19 40.82
N SER F 84 43.57 0.97 40.41
CA SER F 84 43.65 0.62 39.00
C SER F 84 42.89 -0.69 38.78
N GLY F 85 42.25 -0.81 37.61
CA GLY F 85 41.50 -1.98 37.30
C GLY F 85 42.02 -2.66 36.04
N SER F 86 41.77 -3.96 35.96
CA SER F 86 42.21 -4.74 34.82
C SER F 86 41.17 -5.79 34.50
N LYS F 87 41.04 -6.10 33.22
CA LYS F 87 40.12 -7.11 32.72
C LYS F 87 40.89 -8.07 31.82
N SER F 88 40.76 -9.36 32.08
CA SER F 88 41.48 -10.39 31.33
C SER F 88 40.55 -11.59 31.14
N GLY F 89 39.88 -11.64 30.00
CA GLY F 89 39.04 -12.78 29.69
C GLY F 89 37.85 -12.88 30.62
N ASN F 90 37.87 -13.89 31.48
CA ASN F 90 36.82 -14.08 32.47
C ASN F 90 37.24 -13.65 33.87
N LEU F 91 38.32 -12.88 33.99
CA LEU F 91 38.88 -12.51 35.28
C LEU F 91 38.99 -10.99 35.35
N ALA F 92 38.56 -10.42 36.47
CA ALA F 92 38.60 -8.98 36.70
C ALA F 92 39.50 -8.69 37.88
N SER F 93 40.52 -7.86 37.66
CA SER F 93 41.51 -7.51 38.69
C SER F 93 41.34 -6.04 39.04
N LEU F 94 41.20 -5.75 40.34
CA LEU F 94 41.28 -4.40 40.87
C LEU F 94 42.53 -4.32 41.73
N THR F 95 43.52 -3.55 41.28
CA THR F 95 44.81 -3.44 41.93
C THR F 95 44.85 -2.16 42.75
N ILE F 96 45.03 -2.31 44.06
CA ILE F 96 45.11 -1.17 44.97
C ILE F 96 46.58 -0.91 45.22
N THR F 97 47.12 0.11 44.56
CA THR F 97 48.54 0.46 44.70
C THR F 97 48.78 1.02 46.09
N GLY F 98 49.46 0.24 46.94
CA GLY F 98 49.65 0.62 48.31
C GLY F 98 48.45 0.28 49.17
N LEU F 99 48.54 0.68 50.44
CA LEU F 99 47.47 0.42 51.40
C LEU F 99 47.58 1.47 52.51
N GLN F 100 46.50 2.23 52.70
CA GLN F 100 46.47 3.28 53.70
C GLN F 100 45.38 2.99 54.72
N ALA F 101 45.13 3.95 55.61
CA ALA F 101 44.14 3.81 56.67
C ALA F 101 42.74 4.22 56.24
N GLU F 102 42.49 4.35 54.93
CA GLU F 102 41.17 4.73 54.43
C GLU F 102 40.65 3.71 53.42
N ASP F 103 41.25 2.52 53.36
CA ASP F 103 40.83 1.48 52.43
C ASP F 103 40.16 0.32 53.13
N GLU F 104 39.81 0.47 54.41
CA GLU F 104 39.12 -0.56 55.17
C GLU F 104 37.66 -0.60 54.71
N ALA F 105 37.43 -1.38 53.65
CA ALA F 105 36.12 -1.46 53.05
C ALA F 105 35.90 -2.84 52.44
N VAL F 106 34.64 -3.19 52.27
CA VAL F 106 34.26 -4.43 51.61
C VAL F 106 34.08 -4.13 50.13
N TYR F 107 34.90 -4.75 49.29
CA TYR F 107 34.95 -4.42 47.89
C TYR F 107 34.12 -5.38 47.06
N PHE F 108 33.37 -4.82 46.11
CA PHE F 108 32.44 -5.58 45.28
C PHE F 108 32.72 -5.30 43.82
N CYS F 109 32.69 -6.34 43.00
CA CYS F 109 32.71 -6.18 41.56
C CYS F 109 31.31 -6.46 41.03
N GLY F 110 30.76 -5.50 40.30
CA GLY F 110 29.42 -5.64 39.77
C GLY F 110 29.41 -5.53 38.26
N CYS F 111 28.77 -6.48 37.60
CA CYS F 111 28.67 -6.48 36.15
C CYS F 111 27.39 -7.19 35.75
N TYR F 112 26.91 -6.90 34.54
CA TYR F 112 25.73 -7.58 34.03
C TYR F 112 26.10 -8.99 33.60
N ASP F 113 25.09 -9.84 33.42
CA ASP F 113 25.30 -11.15 32.81
C ASP F 113 24.18 -11.45 31.81
N SER F 114 24.50 -12.34 30.87
CA SER F 114 23.53 -12.81 29.90
C SER F 114 22.88 -14.13 30.29
N SER F 115 23.25 -14.68 31.45
CA SER F 115 22.69 -15.95 31.90
C SER F 115 21.48 -15.73 32.81
N LEU F 116 21.67 -15.00 33.90
CA LEU F 116 20.60 -14.72 34.85
C LEU F 116 19.84 -13.44 34.52
N SER F 117 20.33 -12.67 33.54
CA SER F 117 19.72 -11.40 33.11
C SER F 117 19.55 -10.44 34.29
N SER F 118 20.60 -10.32 35.09
CA SER F 118 20.60 -9.45 36.26
C SER F 118 21.99 -8.90 36.47
N VAL F 119 22.08 -7.80 37.21
CA VAL F 119 23.38 -7.26 37.58
C VAL F 119 23.89 -8.03 38.80
N VAL F 120 25.01 -8.73 38.64
CA VAL F 120 25.51 -9.63 39.67
C VAL F 120 26.67 -8.96 40.38
N PHE F 121 26.67 -9.06 41.71
CA PHE F 121 27.77 -8.61 42.54
C PHE F 121 28.48 -9.82 43.14
N GLY F 122 29.75 -9.65 43.46
CA GLY F 122 30.48 -10.71 44.12
C GLY F 122 30.21 -10.75 45.61
N GLY F 123 30.78 -11.77 46.25
CA GLY F 123 30.73 -11.83 47.71
C GLY F 123 31.90 -11.06 48.30
N GLY F 124 31.62 -9.85 48.78
CA GLY F 124 32.62 -8.83 49.04
C GLY F 124 33.85 -9.22 49.83
N THR F 125 34.97 -8.60 49.48
CA THR F 125 36.26 -8.90 50.10
C THR F 125 36.49 -7.98 51.29
N HIS F 126 36.59 -8.56 52.48
CA HIS F 126 36.86 -7.78 53.69
C HIS F 126 38.34 -7.44 53.76
N LEU F 127 38.72 -6.42 53.01
CA LEU F 127 40.12 -5.97 52.99
C LEU F 127 40.44 -5.26 54.29
N THR F 128 41.48 -5.70 54.97
CA THR F 128 41.88 -5.16 56.27
C THR F 128 43.32 -4.67 56.21
N VAL F 129 43.83 -4.25 57.37
CA VAL F 129 45.21 -3.84 57.56
C VAL F 129 45.78 -4.60 58.76
N LEU F 130 46.96 -4.19 59.21
CA LEU F 130 47.63 -4.74 60.39
C LEU F 130 46.70 -5.00 61.60
N VAL G 21 24.86 16.52 43.47
CA VAL G 21 24.09 15.30 43.20
C VAL G 21 23.86 14.52 44.49
N GLN G 22 22.62 14.09 44.69
CA GLN G 22 22.26 13.27 45.85
C GLN G 22 20.97 12.52 45.54
N LEU G 23 20.77 11.43 46.25
CA LEU G 23 19.55 10.63 46.12
C LEU G 23 19.10 10.24 47.54
N VAL G 24 18.30 11.10 48.15
CA VAL G 24 17.77 10.82 49.48
C VAL G 24 16.67 9.77 49.34
N GLU G 25 16.56 8.90 50.34
CA GLU G 25 15.61 7.80 50.31
C GLU G 25 14.69 7.87 51.52
N SER G 26 13.68 7.00 51.52
CA SER G 26 12.71 6.96 52.60
C SER G 26 12.05 5.57 52.58
N GLY G 27 11.00 5.42 53.38
CA GLY G 27 10.24 4.18 53.41
C GLY G 27 10.80 3.10 54.31
N GLY G 28 11.85 3.37 55.06
CA GLY G 28 12.40 2.35 55.94
C GLY G 28 11.49 2.10 57.13
N GLY G 29 11.26 0.83 57.42
CA GLY G 29 10.41 0.45 58.53
C GLY G 29 10.14 -1.03 58.61
N LEU G 30 9.81 -1.52 59.81
CA LEU G 30 9.52 -2.94 60.00
C LEU G 30 8.22 -3.29 59.30
N VAL G 31 8.23 -4.45 58.63
CA VAL G 31 7.07 -4.97 57.92
C VAL G 31 6.78 -6.38 58.42
N GLN G 32 5.53 -6.62 58.81
CA GLN G 32 5.10 -7.96 59.13
C GLN G 32 5.19 -8.82 57.88
N PRO G 33 5.75 -10.04 57.99
CA PRO G 33 5.81 -10.93 56.82
C PRO G 33 4.45 -11.21 56.22
N GLY G 34 4.42 -11.26 54.89
CA GLY G 34 3.19 -11.26 54.13
C GLY G 34 2.63 -9.90 53.82
N GLY G 35 3.33 -8.82 54.16
CA GLY G 35 2.87 -7.47 53.93
C GLY G 35 3.45 -6.83 52.70
N SER G 36 3.47 -5.49 52.70
CA SER G 36 3.95 -4.72 51.57
C SER G 36 4.51 -3.39 52.07
N LEU G 37 5.31 -2.75 51.22
CA LEU G 37 5.95 -1.49 51.57
C LEU G 37 6.40 -0.80 50.29
N ARG G 38 6.37 0.53 50.30
CA ARG G 38 6.77 1.33 49.16
C ARG G 38 7.84 2.33 49.56
N LEU G 39 8.98 2.30 48.87
CA LEU G 39 10.04 3.27 49.08
C LEU G 39 9.91 4.46 48.14
N SER G 40 10.82 5.41 48.31
CA SER G 40 10.87 6.59 47.47
C SER G 40 12.32 7.07 47.42
N CYS G 41 12.71 7.60 46.27
CA CYS G 41 14.08 8.09 46.06
C CYS G 41 13.99 9.49 45.44
N ALA G 42 13.89 10.50 46.30
CA ALA G 42 13.81 11.89 45.85
C ALA G 42 15.20 12.30 45.38
N ALA G 43 15.42 12.25 44.07
CA ALA G 43 16.74 12.45 43.49
C ALA G 43 16.86 13.88 43.01
N SER G 44 18.01 14.50 43.29
CA SER G 44 18.28 15.88 42.88
C SER G 44 19.75 16.03 42.52
N GLY G 45 20.04 17.08 41.78
CA GLY G 45 21.39 17.38 41.36
C GLY G 45 21.75 16.90 39.97
N PHE G 46 20.95 16.02 39.38
CA PHE G 46 21.16 15.52 38.04
C PHE G 46 19.84 15.52 37.28
N THR G 47 19.93 15.37 35.96
CA THR G 47 18.75 15.32 35.12
C THR G 47 18.09 13.96 35.30
N PHE G 48 17.06 13.90 36.15
CA PHE G 48 16.45 12.63 36.49
C PHE G 48 15.77 11.97 35.31
N SER G 49 15.31 12.77 34.35
CA SER G 49 14.67 12.23 33.14
C SER G 49 15.67 11.77 32.10
N SER G 50 16.96 11.71 32.45
CA SER G 50 18.00 11.27 31.54
C SER G 50 19.01 10.36 32.22
N TYR G 51 18.57 9.57 33.20
CA TYR G 51 19.45 8.63 33.89
C TYR G 51 18.69 7.36 34.24
N TYR G 52 19.32 6.21 33.99
CA TYR G 52 18.74 4.93 34.35
C TYR G 52 18.79 4.72 35.86
N MET G 53 17.72 4.13 36.40
CA MET G 53 17.54 3.97 37.83
C MET G 53 17.68 2.52 38.27
N TYR G 54 18.21 2.34 39.49
CA TYR G 54 18.51 1.02 40.03
C TYR G 54 18.09 0.95 41.49
N TRP G 55 17.94 -0.28 41.97
CA TRP G 55 17.74 -0.57 43.38
C TRP G 55 18.66 -1.71 43.77
N VAL G 56 19.38 -1.55 44.88
CA VAL G 56 20.34 -2.54 45.36
C VAL G 56 20.12 -2.72 46.86
N ARG G 57 20.11 -3.97 47.32
CA ARG G 57 20.00 -4.27 48.74
C ARG G 57 21.17 -5.15 49.17
N GLN G 58 21.40 -5.18 50.48
CA GLN G 58 22.33 -6.14 51.07
C GLN G 58 21.82 -6.54 52.44
N ALA G 59 21.71 -7.84 52.67
CA ALA G 59 21.38 -8.34 54.00
C ALA G 59 22.54 -8.04 54.95
N PRO G 60 22.25 -7.81 56.23
CA PRO G 60 23.33 -7.52 57.18
C PRO G 60 24.28 -8.70 57.31
N GLY G 61 25.57 -8.42 57.14
CA GLY G 61 26.59 -9.46 57.12
C GLY G 61 26.77 -10.15 55.79
N LYS G 62 26.01 -9.75 54.77
CA LYS G 62 26.09 -10.36 53.45
C LYS G 62 26.50 -9.31 52.41
N GLY G 63 26.46 -9.70 51.15
CA GLY G 63 26.88 -8.83 50.06
C GLY G 63 25.72 -8.14 49.37
N LEU G 64 26.09 -7.22 48.48
CA LEU G 64 25.10 -6.45 47.72
C LEU G 64 24.37 -7.36 46.73
N GLU G 65 23.06 -7.16 46.63
CA GLU G 65 22.25 -7.92 45.69
C GLU G 65 21.36 -6.96 44.91
N TRP G 66 21.30 -7.14 43.60
CA TRP G 66 20.49 -6.30 42.74
C TRP G 66 19.01 -6.52 43.02
N VAL G 67 18.24 -5.44 43.11
CA VAL G 67 16.82 -5.54 43.41
C VAL G 67 16.03 -5.34 42.13
N SER G 68 16.14 -4.16 41.53
CA SER G 68 15.46 -3.88 40.28
C SER G 68 16.15 -2.72 39.59
N GLY G 69 15.87 -2.58 38.31
CA GLY G 69 16.42 -1.50 37.52
C GLY G 69 15.51 -1.18 36.36
N THR G 70 15.37 0.12 36.09
CA THR G 70 14.41 0.60 35.12
C THR G 70 15.10 1.60 34.21
N SER G 71 14.38 2.03 33.17
CA SER G 71 14.91 2.87 32.11
C SER G 71 14.25 4.23 32.14
N ILE G 72 14.57 5.04 31.13
CA ILE G 72 14.01 6.38 30.99
C ILE G 72 12.51 6.28 30.77
N GLY G 73 11.74 6.91 31.65
CA GLY G 73 10.30 6.89 31.55
C GLY G 73 9.64 5.68 32.20
N GLY G 74 10.41 4.71 32.66
CA GLY G 74 9.84 3.55 33.32
C GLY G 74 9.11 2.59 32.40
N GLY G 75 9.27 2.73 31.09
CA GLY G 75 8.60 1.82 30.18
C GLY G 75 9.12 0.40 30.26
N SER G 76 10.43 0.24 30.36
CA SER G 76 11.06 -1.07 30.48
C SER G 76 11.68 -1.18 31.86
N THR G 77 11.25 -2.20 32.61
CA THR G 77 11.71 -2.46 33.97
C THR G 77 12.33 -3.85 34.05
N TRP G 78 13.49 -3.94 34.68
CA TRP G 78 14.27 -5.17 34.75
C TRP G 78 14.50 -5.53 36.20
N TYR G 79 14.38 -6.83 36.52
CA TYR G 79 14.42 -7.27 37.91
C TYR G 79 15.35 -8.47 38.06
N ALA G 80 15.86 -8.63 39.28
CA ALA G 80 16.49 -9.88 39.66
C ALA G 80 15.44 -10.97 39.79
N ASP G 81 15.85 -12.21 39.49
CA ASP G 81 14.91 -13.32 39.46
C ASP G 81 14.37 -13.66 40.84
N SER G 82 15.11 -13.33 41.90
CA SER G 82 14.65 -13.63 43.25
C SER G 82 13.48 -12.75 43.68
N VAL G 83 13.30 -11.60 43.04
CA VAL G 83 12.20 -10.69 43.38
C VAL G 83 11.43 -10.33 42.11
N LYS G 84 11.57 -11.15 41.07
CA LYS G 84 10.97 -10.84 39.78
C LYS G 84 9.46 -10.89 39.87
N GLY G 85 8.81 -9.80 39.45
CA GLY G 85 7.36 -9.69 39.52
C GLY G 85 6.79 -9.45 40.90
N ARG G 86 7.29 -10.20 41.90
CA ARG G 86 6.80 -10.08 43.26
C ARG G 86 7.15 -8.72 43.87
N PHE G 87 8.25 -8.12 43.42
CA PHE G 87 8.53 -6.70 43.62
C PHE G 87 8.23 -5.99 42.30
N THR G 88 7.77 -4.74 42.39
CA THR G 88 7.60 -3.91 41.21
C THR G 88 8.25 -2.55 41.41
N ILE G 89 8.80 -2.01 40.31
CA ILE G 89 9.43 -0.69 40.30
C ILE G 89 8.60 0.22 39.41
N SER G 90 8.73 1.54 39.63
CA SER G 90 8.08 2.53 38.79
C SER G 90 8.86 3.82 38.88
N ARG G 91 8.66 4.68 37.88
CA ARG G 91 9.31 5.98 37.81
C ARG G 91 8.30 7.07 37.53
N ASP G 92 8.50 8.22 38.17
CA ASP G 92 7.72 9.44 37.90
C ASP G 92 8.72 10.56 37.69
N ASN G 93 9.03 10.85 36.42
CA ASN G 93 10.06 11.83 36.09
C ASN G 93 9.68 13.26 36.46
N ALA G 94 8.39 13.52 36.71
CA ALA G 94 7.95 14.88 37.00
C ALA G 94 8.45 15.35 38.37
N LYS G 95 8.31 14.50 39.39
CA LYS G 95 8.72 14.84 40.74
C LYS G 95 10.18 14.46 41.03
N ASN G 96 10.89 13.94 40.04
CA ASN G 96 12.24 13.38 40.21
C ASN G 96 12.26 12.32 41.31
N THR G 97 11.25 11.48 41.34
CA THR G 97 11.09 10.46 42.37
C THR G 97 11.14 9.07 41.74
N LEU G 98 11.34 8.06 42.59
CA LEU G 98 11.51 6.68 42.17
C LEU G 98 10.74 5.83 43.16
N TYR G 99 9.99 4.86 42.67
CA TYR G 99 9.19 4.02 43.57
C TYR G 99 9.52 2.54 43.40
N LEU G 100 9.40 1.80 44.51
CA LEU G 100 9.62 0.36 44.54
C LEU G 100 8.54 -0.21 45.48
N GLN G 101 7.46 -0.70 44.88
CA GLN G 101 6.35 -1.28 45.63
C GLN G 101 6.62 -2.76 45.85
N MET G 102 7.03 -3.12 47.06
CA MET G 102 7.19 -4.52 47.39
C MET G 102 5.83 -5.15 47.69
N ASN G 103 5.79 -6.47 47.65
CA ASN G 103 4.67 -7.25 48.14
C ASN G 103 5.25 -8.47 48.85
N ASN G 104 4.48 -9.03 49.77
CA ASN G 104 4.68 -10.38 50.32
C ASN G 104 6.11 -10.54 50.87
N LEU G 105 6.45 -9.66 51.82
CA LEU G 105 7.79 -9.67 52.40
C LEU G 105 7.98 -10.92 53.24
N LYS G 106 9.18 -11.50 53.19
CA LYS G 106 9.51 -12.67 53.98
C LYS G 106 11.01 -12.72 54.27
N SER G 107 11.47 -13.90 54.70
CA SER G 107 12.64 -14.04 55.58
C SER G 107 13.92 -13.37 55.06
N GLU G 108 14.30 -13.58 53.80
CA GLU G 108 15.59 -13.07 53.36
C GLU G 108 15.51 -11.68 52.76
N ASP G 109 14.34 -11.04 52.78
CA ASP G 109 14.21 -9.69 52.27
C ASP G 109 14.63 -8.63 53.30
N THR G 110 14.98 -9.04 54.50
CA THR G 110 15.46 -8.10 55.51
C THR G 110 16.83 -7.57 55.09
N ALA G 111 16.87 -6.35 54.59
CA ALA G 111 18.10 -5.79 54.06
C ALA G 111 18.00 -4.27 54.14
N VAL G 112 19.10 -3.60 53.78
CA VAL G 112 19.12 -2.16 53.60
C VAL G 112 19.16 -1.88 52.10
N TYR G 113 18.21 -1.08 51.63
CA TYR G 113 17.99 -0.88 50.20
C TYR G 113 18.64 0.43 49.76
N TYR G 114 19.44 0.34 48.71
CA TYR G 114 20.24 1.46 48.24
C TYR G 114 19.74 1.94 46.89
N CYS G 115 19.50 3.25 46.80
CA CYS G 115 19.15 3.88 45.53
C CYS G 115 20.42 4.26 44.79
N ALA G 116 20.43 4.01 43.48
CA ALA G 116 21.61 4.30 42.69
C ALA G 116 21.20 4.71 41.29
N LYS G 117 22.06 5.51 40.66
CA LYS G 117 21.86 5.98 39.30
C LYS G 117 23.09 5.64 38.47
N ASP G 118 22.88 5.39 37.18
CA ASP G 118 23.98 5.03 36.31
C ASP G 118 24.91 6.22 36.10
N LEU G 119 26.21 5.93 35.94
CA LEU G 119 27.18 7.02 35.86
C LEU G 119 27.03 7.82 34.58
N ASN G 120 26.61 7.19 33.49
CA ASN G 120 26.38 7.88 32.24
C ASN G 120 24.89 8.09 32.01
N SER G 121 24.57 9.11 31.22
CA SER G 121 23.18 9.57 31.09
C SER G 121 22.26 8.53 30.47
N ARG G 122 22.46 8.23 29.19
CA ARG G 122 21.61 7.27 28.49
C ARG G 122 22.39 5.97 28.36
N SER G 123 22.36 5.17 29.43
CA SER G 123 23.16 3.96 29.49
C SER G 123 22.59 3.04 30.57
N TYR G 124 22.91 1.76 30.44
CA TYR G 124 22.58 0.73 31.40
C TYR G 124 23.88 0.09 31.89
N LYS G 125 24.89 0.93 32.10
CA LYS G 125 26.25 0.45 32.34
C LYS G 125 26.46 0.03 33.78
N GLY G 126 26.37 0.99 34.70
CA GLY G 126 26.74 0.72 36.08
C GLY G 126 25.91 1.56 37.02
N MET G 127 26.52 1.92 38.15
CA MET G 127 25.85 2.68 39.19
C MET G 127 26.80 3.76 39.67
N GLY G 128 26.54 5.00 39.26
CA GLY G 128 27.49 6.08 39.50
C GLY G 128 27.48 6.61 40.92
N ASP G 129 26.33 7.13 41.37
CA ASP G 129 26.21 7.72 42.69
C ASP G 129 25.11 6.98 43.46
N TRP G 130 25.35 6.81 44.76
CA TRP G 130 24.49 6.00 45.60
C TRP G 130 23.83 6.88 46.64
N GLY G 131 22.74 6.38 47.22
CA GLY G 131 22.02 7.09 48.25
C GLY G 131 22.60 6.87 49.63
N GLN G 132 21.75 6.71 50.63
CA GLN G 132 22.19 6.45 51.99
C GLN G 132 21.64 5.16 52.57
N GLY G 133 20.60 4.58 52.00
CA GLY G 133 20.10 3.31 52.48
C GLY G 133 18.93 3.47 53.45
N THR G 134 17.98 2.55 53.33
CA THR G 134 16.86 2.46 54.25
C THR G 134 16.77 1.04 54.79
N GLN G 135 16.73 0.91 56.11
CA GLN G 135 16.72 -0.40 56.74
C GLN G 135 15.29 -0.91 56.83
N VAL G 136 15.03 -2.06 56.22
CA VAL G 136 13.75 -2.74 56.32
C VAL G 136 13.98 -4.10 56.97
N THR G 137 13.17 -4.41 57.97
CA THR G 137 13.28 -5.72 58.62
C THR G 137 11.97 -6.44 58.32
N VAL G 138 12.01 -7.71 58.01
CA VAL G 138 10.71 -8.40 57.81
C VAL G 138 10.36 -9.25 59.04
N SER G 139 11.31 -10.05 59.55
CA SER G 139 10.95 -10.98 60.65
C SER G 139 10.38 -10.20 61.83
N SER G 140 9.28 -10.68 62.41
CA SER G 140 8.63 -9.91 63.51
C SER G 140 8.67 -10.72 64.81
N VAL H 21 -7.50 -44.47 -34.63
CA VAL H 21 -6.67 -43.29 -34.41
C VAL H 21 -5.79 -43.03 -35.61
N GLN H 22 -5.95 -41.85 -36.22
CA GLN H 22 -5.10 -41.46 -37.34
C GLN H 22 -4.87 -39.96 -37.28
N LEU H 23 -3.72 -39.52 -37.79
CA LEU H 23 -3.33 -38.11 -37.79
C LEU H 23 -2.79 -37.78 -39.18
N VAL H 24 -3.69 -37.35 -40.07
CA VAL H 24 -3.28 -36.91 -41.40
C VAL H 24 -2.68 -35.52 -41.30
N GLU H 25 -1.88 -35.16 -42.29
CA GLU H 25 -1.14 -33.90 -42.28
C GLU H 25 -1.30 -33.18 -43.61
N SER H 26 -0.99 -31.88 -43.61
CA SER H 26 -1.04 -31.07 -44.82
C SER H 26 -0.04 -29.94 -44.69
N GLY H 27 0.33 -29.37 -45.83
CA GLY H 27 1.21 -28.21 -45.83
C GLY H 27 2.65 -28.50 -46.15
N GLY H 28 2.91 -29.36 -47.14
CA GLY H 28 4.26 -29.65 -47.55
C GLY H 28 4.77 -28.69 -48.61
N GLY H 29 5.48 -29.21 -49.60
CA GLY H 29 5.90 -28.39 -50.73
C GLY H 29 7.23 -27.70 -50.50
N LEU H 30 7.89 -27.37 -51.61
CA LEU H 30 9.16 -26.67 -51.55
C LEU H 30 8.96 -25.21 -51.16
N VAL H 31 9.86 -24.70 -50.31
CA VAL H 31 9.81 -23.34 -49.82
C VAL H 31 11.14 -22.66 -50.14
N GLN H 32 11.07 -21.43 -50.65
CA GLN H 32 12.27 -20.64 -50.86
C GLN H 32 12.94 -20.33 -49.53
N PRO H 33 14.27 -20.28 -49.49
CA PRO H 33 14.97 -19.95 -48.24
C PRO H 33 14.57 -18.58 -47.70
N GLY H 34 14.43 -18.50 -46.39
CA GLY H 34 13.94 -17.29 -45.75
C GLY H 34 12.45 -17.12 -45.76
N GLY H 35 11.70 -18.08 -46.31
CA GLY H 35 10.26 -17.97 -46.41
C GLY H 35 9.54 -18.46 -45.18
N SER H 36 8.24 -18.72 -45.36
CA SER H 36 7.39 -19.19 -44.26
C SER H 36 6.38 -20.17 -44.81
N LEU H 37 5.87 -21.03 -43.92
CA LEU H 37 4.89 -22.05 -44.28
C LEU H 37 4.21 -22.51 -42.99
N ARG H 38 3.06 -23.16 -43.12
CA ARG H 38 2.30 -23.68 -42.00
C ARG H 38 1.85 -25.10 -42.28
N LEU H 39 1.86 -25.92 -41.23
CA LEU H 39 1.49 -27.35 -41.35
C LEU H 39 0.30 -27.56 -40.45
N SER H 40 -0.63 -28.41 -40.86
CA SER H 40 -1.80 -28.71 -40.08
C SER H 40 -1.87 -30.21 -39.87
N CYS H 41 -2.42 -30.62 -38.72
CA CYS H 41 -2.50 -32.03 -38.36
C CYS H 41 -3.90 -32.32 -37.87
N ALA H 42 -4.76 -32.76 -38.77
CA ALA H 42 -6.09 -33.21 -38.38
C ALA H 42 -5.99 -34.51 -37.60
N ALA H 43 -6.73 -34.59 -36.51
CA ALA H 43 -6.69 -35.75 -35.63
C ALA H 43 -8.09 -36.31 -35.45
N SER H 44 -8.17 -37.63 -35.35
CA SER H 44 -9.46 -38.31 -35.26
C SER H 44 -9.30 -39.56 -34.40
N GLY H 45 -10.43 -40.05 -33.90
CA GLY H 45 -10.47 -41.28 -33.13
C GLY H 45 -10.18 -41.13 -31.65
N PHE H 46 -9.88 -39.92 -31.18
CA PHE H 46 -9.61 -39.72 -29.76
C PHE H 46 -9.99 -38.29 -29.39
N THR H 47 -10.12 -38.06 -28.09
CA THR H 47 -10.42 -36.73 -27.57
C THR H 47 -9.20 -35.84 -27.74
N PHE H 48 -9.22 -35.01 -28.78
CA PHE H 48 -8.07 -34.16 -29.09
C PHE H 48 -7.78 -33.17 -27.97
N SER H 49 -8.82 -32.58 -27.39
CA SER H 49 -8.59 -31.61 -26.32
C SER H 49 -8.45 -32.31 -24.98
N SER H 50 -7.65 -33.37 -24.95
CA SER H 50 -7.27 -34.01 -23.70
C SER H 50 -5.85 -34.54 -23.70
N TYR H 51 -5.07 -34.33 -24.76
CA TYR H 51 -3.75 -34.93 -24.90
C TYR H 51 -2.73 -33.86 -25.27
N TYR H 52 -1.50 -34.06 -24.80
CA TYR H 52 -0.38 -33.26 -25.28
C TYR H 52 -0.06 -33.67 -26.71
N MET H 53 0.56 -32.75 -27.47
CA MET H 53 0.87 -33.04 -28.86
C MET H 53 2.27 -32.57 -29.19
N TYR H 54 2.90 -33.30 -30.12
CA TYR H 54 4.31 -33.13 -30.43
C TYR H 54 4.51 -33.04 -31.94
N TRP H 55 5.51 -32.28 -32.34
CA TRP H 55 6.01 -32.28 -33.71
C TRP H 55 7.41 -32.89 -33.71
N VAL H 56 7.60 -33.93 -34.52
CA VAL H 56 8.89 -34.60 -34.65
C VAL H 56 9.25 -34.67 -36.11
N ARG H 57 10.43 -34.17 -36.47
CA ARG H 57 10.89 -34.19 -37.84
C ARG H 57 11.98 -35.24 -38.03
N GLN H 58 12.20 -35.62 -39.28
CA GLN H 58 13.23 -36.60 -39.61
C GLN H 58 13.74 -36.29 -41.02
N ALA H 59 14.95 -35.76 -41.11
CA ALA H 59 15.57 -35.58 -42.41
C ALA H 59 15.90 -36.94 -43.01
N PRO H 60 15.80 -37.08 -44.33
CA PRO H 60 16.13 -38.37 -44.96
C PRO H 60 17.59 -38.72 -44.78
N GLY H 61 17.84 -39.90 -44.22
CA GLY H 61 19.19 -40.33 -43.90
C GLY H 61 19.66 -39.97 -42.52
N LYS H 62 18.88 -39.21 -41.74
CA LYS H 62 19.21 -38.84 -40.38
C LYS H 62 18.04 -39.22 -39.48
N GLY H 63 18.32 -39.41 -38.19
CA GLY H 63 17.33 -39.93 -37.26
C GLY H 63 16.26 -38.91 -36.89
N LEU H 64 15.38 -39.33 -35.98
CA LEU H 64 14.30 -38.49 -35.52
C LEU H 64 14.85 -37.31 -34.71
N GLU H 65 14.07 -36.23 -34.68
CA GLU H 65 14.46 -35.03 -33.95
C GLU H 65 13.20 -34.29 -33.52
N TRP H 66 13.18 -33.88 -32.25
CA TRP H 66 12.03 -33.19 -31.70
C TRP H 66 11.98 -31.75 -32.20
N VAL H 67 10.79 -31.28 -32.53
CA VAL H 67 10.59 -29.94 -33.08
C VAL H 67 9.80 -29.07 -32.11
N SER H 68 8.60 -29.50 -31.72
CA SER H 68 7.75 -28.67 -30.90
C SER H 68 6.80 -29.54 -30.09
N GLY H 69 6.25 -28.94 -29.04
CA GLY H 69 5.28 -29.61 -28.20
C GLY H 69 4.39 -28.60 -27.52
N THR H 70 3.16 -29.00 -27.26
CA THR H 70 2.16 -28.11 -26.66
C THR H 70 1.33 -28.87 -25.64
N SER H 71 0.77 -28.13 -24.70
CA SER H 71 -0.02 -28.71 -23.61
C SER H 71 -1.45 -28.97 -24.09
N ILE H 72 -2.34 -29.27 -23.13
CA ILE H 72 -3.75 -29.44 -23.44
C ILE H 72 -4.42 -28.08 -23.41
N GLY H 73 -4.59 -27.47 -24.58
CA GLY H 73 -5.12 -26.13 -24.71
C GLY H 73 -4.13 -25.11 -25.25
N GLY H 74 -2.86 -25.47 -25.36
CA GLY H 74 -1.88 -24.58 -25.96
C GLY H 74 -1.38 -23.49 -25.05
N GLY H 75 -1.71 -23.52 -23.76
CA GLY H 75 -1.25 -22.48 -22.86
C GLY H 75 0.26 -22.48 -22.68
N SER H 76 0.86 -23.66 -22.56
CA SER H 76 2.29 -23.82 -22.45
C SER H 76 2.80 -24.59 -23.65
N THR H 77 3.72 -23.99 -24.39
CA THR H 77 4.28 -24.62 -25.58
C THR H 77 5.79 -24.67 -25.45
N TRP H 78 6.37 -25.78 -25.91
CA TRP H 78 7.80 -26.00 -25.82
C TRP H 78 8.36 -26.31 -27.19
N TYR H 79 9.52 -25.75 -27.48
CA TYR H 79 10.22 -25.95 -28.74
C TYR H 79 11.66 -26.35 -28.45
N ALA H 80 12.24 -27.08 -29.39
CA ALA H 80 13.64 -27.47 -29.25
C ALA H 80 14.55 -26.25 -29.34
N ASP H 81 15.74 -26.36 -28.74
CA ASP H 81 16.64 -25.22 -28.64
C ASP H 81 17.12 -24.77 -30.02
N SER H 82 17.42 -25.71 -30.91
CA SER H 82 17.92 -25.37 -32.24
C SER H 82 16.86 -24.73 -33.12
N VAL H 83 15.58 -24.85 -32.78
CA VAL H 83 14.50 -24.38 -33.65
C VAL H 83 13.58 -23.45 -32.89
N LYS H 84 14.06 -22.90 -31.77
CA LYS H 84 13.23 -22.02 -30.97
C LYS H 84 13.04 -20.67 -31.64
N GLY H 85 11.82 -20.15 -31.56
CA GLY H 85 11.52 -18.84 -32.11
C GLY H 85 11.01 -18.85 -33.54
N ARG H 86 11.69 -19.61 -34.41
CA ARG H 86 11.28 -19.68 -35.80
C ARG H 86 9.95 -20.41 -35.96
N PHE H 87 9.77 -21.49 -35.22
CA PHE H 87 8.56 -22.31 -35.27
C PHE H 87 7.63 -21.91 -34.14
N THR H 88 6.33 -21.95 -34.40
CA THR H 88 5.31 -21.67 -33.40
C THR H 88 4.16 -22.66 -33.57
N ILE H 89 3.72 -23.24 -32.46
CA ILE H 89 2.68 -24.25 -32.46
C ILE H 89 1.42 -23.69 -31.81
N SER H 90 0.26 -24.16 -32.26
CA SER H 90 -1.01 -23.79 -31.65
C SER H 90 -2.01 -24.90 -31.91
N ARG H 91 -3.09 -24.89 -31.15
CA ARG H 91 -4.13 -25.91 -31.24
C ARG H 91 -5.47 -25.26 -31.55
N ASP H 92 -6.30 -26.01 -32.25
CA ASP H 92 -7.71 -25.66 -32.48
C ASP H 92 -8.50 -26.87 -31.99
N ASN H 93 -8.86 -26.86 -30.71
CA ASN H 93 -9.44 -28.02 -30.06
C ASN H 93 -10.85 -28.33 -30.54
N ALA H 94 -11.56 -27.36 -31.12
CA ALA H 94 -12.90 -27.62 -31.61
C ALA H 94 -12.88 -28.41 -32.91
N LYS H 95 -11.91 -28.13 -33.79
CA LYS H 95 -11.81 -28.79 -35.08
C LYS H 95 -10.85 -29.97 -35.08
N ASN H 96 -10.24 -30.28 -33.93
CA ASN H 96 -9.26 -31.34 -33.77
C ASN H 96 -8.10 -31.21 -34.76
N THR H 97 -7.54 -30.01 -34.84
CA THR H 97 -6.38 -29.75 -35.67
C THR H 97 -5.36 -28.94 -34.89
N LEU H 98 -4.10 -29.04 -35.33
CA LEU H 98 -3.01 -28.35 -34.66
C LEU H 98 -2.03 -27.88 -35.72
N TYR H 99 -1.40 -26.73 -35.49
CA TYR H 99 -0.64 -26.05 -36.51
C TYR H 99 0.81 -25.87 -36.07
N LEU H 100 1.72 -25.86 -37.05
CA LEU H 100 3.13 -25.52 -36.83
C LEU H 100 3.50 -24.44 -37.82
N GLN H 101 3.78 -23.24 -37.31
CA GLN H 101 4.03 -22.07 -38.16
C GLN H 101 5.52 -21.92 -38.38
N MET H 102 5.99 -22.34 -39.55
CA MET H 102 7.37 -22.11 -39.93
C MET H 102 7.60 -20.66 -40.29
N ASN H 103 8.72 -20.11 -39.82
CA ASN H 103 9.16 -18.78 -40.21
C ASN H 103 10.67 -18.80 -40.38
N ASN H 104 11.14 -18.15 -41.44
CA ASN H 104 12.57 -17.97 -41.72
C ASN H 104 13.28 -19.33 -41.81
N LEU H 105 12.91 -20.09 -42.84
CA LEU H 105 13.48 -21.41 -43.03
C LEU H 105 14.94 -21.31 -43.44
N LYS H 106 15.72 -22.31 -43.04
CA LYS H 106 17.11 -22.47 -43.44
C LYS H 106 17.38 -23.94 -43.78
N SER H 107 18.58 -24.20 -44.31
CA SER H 107 18.86 -25.36 -45.14
C SER H 107 18.76 -26.69 -44.39
N GLU H 108 18.78 -26.67 -43.05
CA GLU H 108 18.68 -27.92 -42.30
C GLU H 108 17.26 -28.28 -41.93
N ASP H 109 16.27 -27.61 -42.50
CA ASP H 109 14.87 -27.89 -42.21
C ASP H 109 14.23 -28.87 -43.18
N THR H 110 15.00 -29.43 -44.12
CA THR H 110 14.47 -30.38 -45.09
C THR H 110 14.17 -31.71 -44.42
N ALA H 111 12.97 -31.86 -43.87
CA ALA H 111 12.65 -33.07 -43.11
C ALA H 111 11.17 -33.34 -43.19
N VAL H 112 10.81 -34.58 -42.86
CA VAL H 112 9.41 -34.99 -42.80
C VAL H 112 8.91 -34.73 -41.38
N TYR H 113 7.98 -33.79 -41.24
CA TYR H 113 7.52 -33.33 -39.93
C TYR H 113 6.35 -34.20 -39.49
N TYR H 114 6.60 -35.12 -38.56
CA TYR H 114 5.55 -36.01 -38.08
C TYR H 114 4.77 -35.36 -36.95
N CYS H 115 3.47 -35.64 -36.92
CA CYS H 115 2.57 -35.18 -35.87
C CYS H 115 2.22 -36.38 -35.01
N ALA H 116 2.37 -36.25 -33.69
CA ALA H 116 2.31 -37.40 -32.80
C ALA H 116 1.43 -37.13 -31.59
N LYS H 117 0.77 -38.19 -31.12
CA LYS H 117 -0.09 -38.17 -29.94
C LYS H 117 0.76 -38.34 -28.68
N ASP H 118 0.10 -38.62 -27.56
CA ASP H 118 0.77 -38.88 -26.29
C ASP H 118 0.17 -40.15 -25.69
N LEU H 119 0.91 -40.79 -24.79
CA LEU H 119 0.49 -42.06 -24.20
C LEU H 119 -0.82 -41.96 -23.43
N ASN H 120 -0.80 -41.22 -22.34
CA ASN H 120 -2.01 -41.00 -21.54
C ASN H 120 -2.54 -39.60 -21.82
N SER H 121 -3.75 -39.35 -21.32
CA SER H 121 -4.42 -38.09 -21.60
C SER H 121 -3.65 -36.89 -21.07
N ARG H 122 -3.63 -36.72 -19.75
CA ARG H 122 -2.99 -35.54 -19.16
C ARG H 122 -1.56 -35.91 -18.80
N SER H 123 -0.72 -35.99 -19.84
CA SER H 123 0.64 -36.47 -19.64
C SER H 123 1.57 -35.88 -20.67
N TYR H 124 2.83 -35.71 -20.27
CA TYR H 124 3.92 -35.29 -21.15
C TYR H 124 5.01 -36.33 -20.90
N LYS H 125 4.90 -37.46 -21.59
CA LYS H 125 5.82 -38.57 -21.35
C LYS H 125 6.33 -39.26 -22.60
N GLY H 126 5.61 -39.25 -23.70
CA GLY H 126 6.09 -39.96 -24.88
C GLY H 126 5.13 -39.80 -26.04
N MET H 127 5.56 -40.35 -27.18
CA MET H 127 4.81 -40.25 -28.42
C MET H 127 4.11 -41.59 -28.65
N GLY H 128 2.80 -41.55 -28.80
CA GLY H 128 2.02 -42.76 -28.89
C GLY H 128 1.69 -43.12 -30.33
N ASP H 129 0.48 -42.80 -30.77
CA ASP H 129 0.14 -43.00 -32.17
C ASP H 129 0.71 -41.86 -33.01
N TRP H 130 1.44 -42.21 -34.06
CA TRP H 130 2.11 -41.24 -34.91
C TRP H 130 1.28 -40.95 -36.15
N GLY H 131 1.79 -40.04 -36.98
CA GLY H 131 1.16 -39.68 -38.23
C GLY H 131 1.97 -40.19 -39.41
N GLN H 132 1.39 -40.04 -40.61
CA GLN H 132 2.06 -40.50 -41.81
C GLN H 132 3.22 -39.60 -42.20
N GLY H 133 3.17 -38.32 -41.80
CA GLY H 133 4.24 -37.40 -42.09
C GLY H 133 4.20 -36.88 -43.51
N THR H 134 4.50 -35.59 -43.65
CA THR H 134 4.57 -34.94 -44.95
C THR H 134 5.93 -34.28 -45.12
N GLN H 135 6.39 -34.24 -46.36
CA GLN H 135 7.77 -33.89 -46.66
C GLN H 135 7.88 -32.40 -46.95
N VAL H 136 8.70 -31.70 -46.18
CA VAL H 136 8.90 -30.27 -46.29
C VAL H 136 10.37 -30.03 -46.60
N THR H 137 10.65 -29.30 -47.67
CA THR H 137 12.03 -29.07 -48.11
C THR H 137 12.26 -27.59 -48.41
N VAL H 138 13.53 -27.20 -48.37
CA VAL H 138 13.98 -25.87 -48.75
C VAL H 138 15.20 -26.01 -49.65
N SER H 139 15.19 -25.32 -50.79
CA SER H 139 16.26 -25.41 -51.78
C SER H 139 16.14 -24.22 -52.72
N SER H 140 17.04 -24.16 -53.69
CA SER H 140 17.04 -23.09 -54.68
C SER H 140 15.97 -23.34 -55.74
N ALA I 22 24.02 -36.64 -27.61
CA ALA I 22 22.96 -36.61 -26.61
C ALA I 22 22.74 -37.98 -26.02
N LEU I 23 21.92 -38.80 -26.68
CA LEU I 23 21.70 -40.18 -26.27
C LEU I 23 22.62 -41.07 -27.09
N THR I 24 23.60 -41.67 -26.43
CA THR I 24 24.58 -42.49 -27.12
C THR I 24 23.96 -43.82 -27.50
N GLN I 25 23.86 -44.07 -28.80
CA GLN I 25 23.32 -45.31 -29.33
C GLN I 25 24.12 -45.70 -30.55
N LEU I 26 24.35 -47.01 -30.70
CA LEU I 26 25.16 -47.50 -31.81
C LEU I 26 24.45 -47.26 -33.14
N SER I 27 25.25 -47.17 -34.20
CA SER I 27 24.73 -46.78 -35.52
C SER I 27 24.29 -47.98 -36.34
N SER I 28 25.07 -49.05 -36.35
CA SER I 28 24.76 -50.25 -37.13
C SER I 28 24.87 -51.47 -36.24
N MET I 29 23.88 -52.35 -36.33
CA MET I 29 23.86 -53.60 -35.58
C MET I 29 23.25 -54.68 -36.46
N SER I 30 24.05 -55.68 -36.81
CA SER I 30 23.63 -56.74 -37.70
C SER I 30 23.26 -57.99 -36.91
N GLY I 31 22.95 -59.07 -37.61
CA GLY I 31 22.61 -60.31 -36.96
C GLY I 31 21.98 -61.29 -37.93
N SER I 32 21.44 -62.35 -37.34
CA SER I 32 20.79 -63.44 -38.05
C SER I 32 19.43 -63.72 -37.41
N PRO I 33 18.49 -64.29 -38.16
CA PRO I 33 17.20 -64.63 -37.57
C PRO I 33 17.33 -65.69 -36.47
N GLY I 34 16.49 -65.57 -35.45
CA GLY I 34 16.41 -66.56 -34.40
C GLY I 34 17.32 -66.36 -33.20
N GLN I 35 18.11 -65.29 -33.15
CA GLN I 35 18.95 -65.05 -32.00
C GLN I 35 18.21 -64.17 -31.00
N THR I 36 18.94 -63.66 -30.01
CA THR I 36 18.40 -62.71 -29.03
C THR I 36 19.45 -61.61 -28.85
N VAL I 37 19.27 -60.50 -29.56
CA VAL I 37 20.22 -59.40 -29.55
C VAL I 37 19.55 -58.21 -28.88
N THR I 38 20.37 -57.35 -28.27
CA THR I 38 19.90 -56.25 -27.43
C THR I 38 20.39 -54.93 -28.00
N ILE I 39 19.47 -53.97 -28.14
CA ILE I 39 19.79 -52.63 -28.60
C ILE I 39 20.01 -51.73 -27.37
N THR I 40 21.16 -51.07 -27.32
CA THR I 40 21.54 -50.26 -26.17
C THR I 40 21.13 -48.80 -26.35
N CYS I 41 21.07 -48.09 -25.22
CA CYS I 41 20.75 -46.66 -25.21
C CYS I 41 21.28 -46.09 -23.90
N THR I 42 22.29 -45.23 -23.99
CA THR I 42 22.97 -44.69 -22.81
C THR I 42 22.98 -43.17 -22.89
N GLY I 43 22.72 -42.51 -21.76
CA GLY I 43 22.64 -41.06 -21.72
C GLY I 43 23.59 -40.43 -20.71
N SER I 44 23.16 -39.37 -20.05
CA SER I 44 24.00 -38.62 -19.12
C SER I 44 23.23 -38.19 -17.89
N SER I 45 22.42 -39.11 -17.34
CA SER I 45 21.76 -39.00 -16.03
C SER I 45 20.70 -37.90 -15.96
N SER I 46 20.57 -37.10 -17.01
CA SER I 46 19.51 -36.11 -17.13
C SER I 46 18.31 -36.66 -17.88
N ASN I 47 18.52 -37.60 -18.79
CA ASN I 47 17.45 -38.18 -19.59
C ASN I 47 17.06 -39.58 -19.11
N ILE I 48 17.99 -40.51 -19.10
CA ILE I 48 17.69 -41.87 -18.64
C ILE I 48 17.67 -41.95 -17.11
N GLY I 49 18.66 -41.33 -16.45
CA GLY I 49 18.75 -41.37 -15.01
C GLY I 49 17.83 -40.40 -14.29
N GLY I 50 17.09 -39.58 -15.02
CA GLY I 50 16.17 -38.64 -14.42
C GLY I 50 14.82 -39.20 -14.05
N GLY I 51 14.55 -40.47 -14.36
CA GLY I 51 13.29 -41.09 -14.04
C GLY I 51 12.17 -40.83 -15.03
N TYR I 52 12.45 -40.12 -16.13
CA TYR I 52 11.41 -39.81 -17.10
C TYR I 52 11.05 -41.04 -17.93
N TYR I 53 9.93 -40.94 -18.64
CA TYR I 53 9.46 -42.04 -19.48
C TYR I 53 10.40 -42.19 -20.68
N LEU I 54 11.07 -43.33 -20.78
CA LEU I 54 11.89 -43.65 -21.94
C LEU I 54 11.07 -44.53 -22.87
N ASN I 55 11.06 -44.18 -24.15
CA ASN I 55 10.21 -44.84 -25.11
C ASN I 55 11.07 -45.59 -26.12
N TRP I 56 10.48 -46.52 -26.87
CA TRP I 56 11.22 -47.31 -27.84
C TRP I 56 10.42 -47.32 -29.13
N TYR I 57 10.96 -46.69 -30.17
CA TYR I 57 10.28 -46.53 -31.45
C TYR I 57 11.00 -47.32 -32.54
N GLN I 58 10.24 -48.11 -33.30
CA GLN I 58 10.76 -48.80 -34.46
C GLN I 58 10.29 -48.07 -35.71
N GLN I 59 11.21 -47.84 -36.65
CA GLN I 59 10.89 -47.19 -37.91
C GLN I 59 11.07 -48.21 -39.02
N LEU I 60 9.95 -48.78 -39.48
CA LEU I 60 9.99 -49.70 -40.61
C LEU I 60 10.43 -48.94 -41.87
N PRO I 61 11.09 -49.61 -42.81
CA PRO I 61 11.51 -48.93 -44.04
C PRO I 61 10.31 -48.41 -44.82
N GLY I 62 10.31 -47.11 -45.06
CA GLY I 62 9.19 -46.46 -45.72
C GLY I 62 7.91 -46.47 -44.91
N ALA I 63 8.00 -46.17 -43.62
CA ALA I 63 6.82 -46.16 -42.75
C ALA I 63 7.06 -45.15 -41.63
N ALA I 64 6.03 -44.96 -40.81
CA ALA I 64 6.12 -44.06 -39.67
C ALA I 64 6.69 -44.79 -38.46
N PRO I 65 7.33 -44.07 -37.54
CA PRO I 65 7.76 -44.69 -36.28
C PRO I 65 6.57 -45.20 -35.49
N LYS I 66 6.78 -46.33 -34.82
CA LYS I 66 5.73 -47.01 -34.08
C LYS I 66 6.17 -47.19 -32.64
N LEU I 67 5.25 -46.97 -31.70
CA LEU I 67 5.54 -47.16 -30.29
C LEU I 67 5.64 -48.65 -29.98
N VAL I 68 6.72 -49.04 -29.31
CA VAL I 68 6.94 -50.42 -28.90
C VAL I 68 6.96 -50.55 -27.39
N ILE I 69 7.92 -49.92 -26.73
CA ILE I 69 8.12 -50.05 -25.29
C ILE I 69 8.18 -48.66 -24.69
N TYR I 70 7.24 -48.34 -23.80
CA TYR I 70 7.23 -47.08 -23.09
C TYR I 70 7.58 -47.31 -21.62
N ASN I 71 8.31 -46.35 -21.05
CA ASN I 71 8.88 -46.42 -19.70
C ASN I 71 9.86 -47.57 -19.54
N ALA I 72 10.38 -48.09 -20.65
CA ALA I 72 11.41 -49.13 -20.71
C ALA I 72 10.99 -50.44 -20.06
N ASN I 73 9.71 -50.59 -19.71
CA ASN I 73 9.26 -51.81 -19.06
C ASN I 73 8.00 -52.30 -19.78
N ASN I 74 7.14 -51.37 -20.16
CA ASN I 74 5.78 -51.69 -20.57
C ASN I 74 5.69 -51.94 -22.07
N ARG I 75 4.81 -52.85 -22.46
CA ARG I 75 4.59 -53.20 -23.86
C ARG I 75 3.37 -52.46 -24.38
N ALA I 76 3.51 -51.85 -25.55
CA ALA I 76 2.42 -51.09 -26.13
C ALA I 76 1.36 -52.01 -26.74
N SER I 77 0.20 -51.43 -27.02
CA SER I 77 -0.88 -52.18 -27.63
C SER I 77 -0.54 -52.53 -29.08
N GLY I 78 -0.98 -53.72 -29.51
CA GLY I 78 -0.69 -54.17 -30.85
C GLY I 78 0.72 -54.65 -31.06
N VAL I 79 1.50 -54.80 -29.98
CA VAL I 79 2.88 -55.24 -30.04
C VAL I 79 2.95 -56.62 -29.40
N PRO I 80 3.53 -57.61 -30.05
CA PRO I 80 3.63 -58.95 -29.45
C PRO I 80 4.56 -58.94 -28.23
N ASP I 81 4.37 -59.93 -27.36
CA ASP I 81 5.17 -60.07 -26.15
C ASP I 81 6.63 -60.44 -26.44
N ARG I 82 7.00 -60.60 -27.71
CA ARG I 82 8.39 -60.87 -28.07
C ARG I 82 9.32 -59.72 -27.71
N PHE I 83 8.80 -58.50 -27.57
CA PHE I 83 9.60 -57.33 -27.24
C PHE I 83 9.61 -57.12 -25.73
N SER I 84 10.78 -56.76 -25.21
CA SER I 84 10.93 -56.45 -23.78
C SER I 84 12.07 -55.46 -23.61
N GLY I 85 11.87 -54.50 -22.71
CA GLY I 85 12.84 -53.44 -22.48
C GLY I 85 13.50 -53.57 -21.12
N SER I 86 14.66 -52.93 -20.98
CA SER I 86 15.43 -52.96 -19.75
C SER I 86 15.76 -51.54 -19.31
N LYS I 87 15.89 -51.37 -18.00
CA LYS I 87 16.12 -50.05 -17.41
C LYS I 87 17.03 -50.23 -16.20
N SER I 88 18.21 -49.61 -16.23
CA SER I 88 19.14 -49.72 -15.12
C SER I 88 20.08 -48.52 -15.13
N GLY I 89 19.82 -47.58 -14.23
CA GLY I 89 20.74 -46.46 -14.06
C GLY I 89 20.80 -45.59 -15.30
N ASN I 90 22.02 -45.40 -15.82
CA ASN I 90 22.22 -44.69 -17.07
C ASN I 90 21.99 -45.57 -18.29
N LEU I 91 21.79 -46.87 -18.09
CA LEU I 91 21.68 -47.82 -19.19
C LEU I 91 20.23 -48.26 -19.33
N ALA I 92 19.69 -48.13 -20.53
CA ALA I 92 18.39 -48.66 -20.88
C ALA I 92 18.49 -49.35 -22.23
N SER I 93 17.81 -50.48 -22.35
CA SER I 93 17.98 -51.31 -23.54
C SER I 93 16.71 -52.08 -23.83
N LEU I 94 16.59 -52.54 -25.08
CA LEU I 94 15.43 -53.28 -25.56
C LEU I 94 15.92 -54.62 -26.10
N THR I 95 15.25 -55.69 -25.69
CA THR I 95 15.63 -57.05 -26.06
C THR I 95 14.53 -57.69 -26.90
N ILE I 96 14.94 -58.45 -27.91
CA ILE I 96 14.03 -59.18 -28.78
C ILE I 96 14.47 -60.64 -28.79
N THR I 97 13.55 -61.55 -28.48
CA THR I 97 13.83 -62.98 -28.44
C THR I 97 13.34 -63.59 -29.75
N GLY I 98 14.23 -63.64 -30.74
CA GLY I 98 13.88 -64.18 -32.04
C GLY I 98 13.62 -63.10 -33.07
N LEU I 99 14.53 -62.92 -34.01
CA LEU I 99 14.42 -61.90 -35.03
C LEU I 99 13.78 -62.49 -36.29
N GLN I 100 12.82 -61.76 -36.85
CA GLN I 100 12.17 -62.19 -38.09
C GLN I 100 12.38 -61.13 -39.17
N ALA I 101 11.74 -61.32 -40.32
CA ALA I 101 11.91 -60.36 -41.42
C ALA I 101 11.25 -59.03 -41.10
N GLU I 102 10.13 -59.04 -40.38
CA GLU I 102 9.39 -57.82 -40.11
C GLU I 102 10.07 -56.94 -39.07
N ASP I 103 11.04 -57.47 -38.32
CA ASP I 103 11.75 -56.69 -37.32
C ASP I 103 12.91 -55.90 -37.91
N GLU I 104 13.16 -56.01 -39.21
CA GLU I 104 14.26 -55.33 -39.86
C GLU I 104 13.96 -53.84 -39.98
N ALA I 105 14.19 -53.09 -38.91
CA ALA I 105 13.79 -51.69 -38.86
C ALA I 105 14.80 -50.91 -38.02
N VAL I 106 14.79 -49.59 -38.20
CA VAL I 106 15.64 -48.71 -37.40
C VAL I 106 14.93 -48.43 -36.08
N TYR I 107 15.65 -48.60 -34.97
CA TYR I 107 15.07 -48.49 -33.65
C TYR I 107 15.59 -47.24 -32.94
N PHE I 108 14.68 -46.42 -32.44
CA PHE I 108 15.00 -45.19 -31.73
C PHE I 108 14.59 -45.32 -30.28
N CYS I 109 15.44 -44.86 -29.37
CA CYS I 109 15.09 -44.72 -27.97
C CYS I 109 14.79 -43.25 -27.70
N GLY I 110 13.60 -42.98 -27.16
CA GLY I 110 13.21 -41.60 -26.92
C GLY I 110 12.84 -41.35 -25.48
N CYS I 111 13.45 -40.34 -24.87
CA CYS I 111 13.14 -39.98 -23.50
C CYS I 111 13.31 -38.47 -23.34
N TYR I 112 12.56 -37.91 -22.40
CA TYR I 112 12.67 -36.48 -22.13
C TYR I 112 14.01 -36.18 -21.46
N ASP I 113 14.65 -35.13 -21.94
CA ASP I 113 15.89 -34.64 -21.36
C ASP I 113 15.57 -33.36 -20.59
N SER I 114 15.93 -33.33 -19.31
CA SER I 114 15.74 -32.13 -18.51
C SER I 114 16.97 -31.22 -18.52
N SER I 115 18.05 -31.62 -19.18
CA SER I 115 19.18 -30.74 -19.38
C SER I 115 18.96 -29.81 -20.56
N LEU I 116 18.49 -30.35 -21.68
CA LEU I 116 18.14 -29.55 -22.84
C LEU I 116 16.69 -29.10 -22.84
N SER I 117 15.90 -29.56 -21.86
CA SER I 117 14.47 -29.26 -21.75
C SER I 117 13.72 -29.63 -23.03
N SER I 118 14.06 -30.79 -23.58
CA SER I 118 13.44 -31.25 -24.81
C SER I 118 13.42 -32.77 -24.83
N VAL I 119 12.52 -33.33 -25.63
CA VAL I 119 12.40 -34.78 -25.76
C VAL I 119 13.34 -35.24 -26.86
N VAL I 120 14.60 -35.48 -26.51
CA VAL I 120 15.63 -35.76 -27.49
C VAL I 120 15.63 -37.26 -27.79
N PHE I 121 15.86 -37.59 -29.05
CA PHE I 121 15.95 -38.97 -29.51
C PHE I 121 17.41 -39.38 -29.65
N GLY I 122 17.65 -40.68 -29.66
CA GLY I 122 18.97 -41.20 -29.92
C GLY I 122 19.15 -41.58 -31.38
N GLY I 123 20.40 -41.62 -31.81
CA GLY I 123 20.72 -42.05 -33.16
C GLY I 123 20.35 -43.50 -33.37
N GLY I 124 19.37 -43.75 -34.23
CA GLY I 124 18.85 -45.10 -34.37
C GLY I 124 19.85 -46.05 -34.99
N THR I 125 19.67 -47.33 -34.70
CA THR I 125 20.48 -48.39 -35.26
C THR I 125 19.66 -49.17 -36.28
N HIS I 126 20.25 -49.43 -37.44
CA HIS I 126 19.56 -50.18 -38.49
C HIS I 126 19.70 -51.66 -38.18
N LEU I 127 18.67 -52.22 -37.57
CA LEU I 127 18.66 -53.65 -37.25
C LEU I 127 18.50 -54.45 -38.54
N THR I 128 19.57 -55.14 -38.95
CA THR I 128 19.55 -55.94 -40.16
C THR I 128 19.41 -57.41 -39.77
N VAL I 129 18.44 -58.08 -40.37
CA VAL I 129 18.26 -59.52 -40.16
C VAL I 129 18.85 -60.26 -41.35
N LEU I 130 19.75 -61.21 -41.08
CA LEU I 130 20.49 -61.98 -42.09
C LEU I 130 21.27 -61.06 -43.04
C1 NAG J . 3.47 -42.37 -11.78
C2 NAG J . 4.12 -43.74 -11.57
C3 NAG J . 4.06 -44.55 -12.87
C4 NAG J . 2.62 -44.63 -13.38
C5 NAG J . 2.04 -43.22 -13.51
C6 NAG J . 0.58 -43.22 -13.89
C7 NAG J . 5.99 -44.24 -10.05
C8 NAG J . 5.03 -45.13 -9.30
N2 NAG J . 5.50 -43.61 -11.12
O3 NAG J . 4.57 -45.85 -12.61
O4 NAG J . 2.60 -45.25 -14.67
O5 NAG J . 2.13 -42.54 -12.25
O6 NAG J . -0.24 -42.95 -12.77
O7 NAG J . 7.16 -44.11 -9.70
C1 NAG J . 2.11 -46.60 -14.56
C2 NAG J . 1.46 -47.01 -15.89
C3 NAG J . 1.02 -48.48 -15.84
C4 NAG J . 2.17 -49.37 -15.40
C5 NAG J . 2.77 -48.87 -14.09
C6 NAG J . 3.99 -49.64 -13.66
C7 NAG J . -0.78 -45.97 -15.57
C8 NAG J . -1.77 -45.02 -16.17
N2 NAG J . 0.36 -46.14 -16.26
O3 NAG J . 0.55 -48.88 -17.11
O4 NAG J . 1.71 -50.71 -15.23
O5 NAG J . 3.18 -47.51 -14.23
O6 NAG J . 3.92 -51.00 -14.08
O7 NAG J . -1.01 -46.55 -14.51
C1 NAG K . 31.36 1.79 23.32
C2 NAG K . 32.89 1.75 23.30
C3 NAG K . 33.45 2.20 24.65
C4 NAG K . 32.88 3.56 25.04
C5 NAG K . 31.36 3.54 24.98
C6 NAG K . 30.74 4.90 25.21
C7 NAG K . 34.49 0.22 22.27
C8 NAG K . 34.86 -1.22 22.02
N2 NAG K . 33.37 0.42 22.97
O3 NAG K . 34.86 2.25 24.58
O4 NAG K . 33.27 3.90 26.36
O5 NAG K . 30.92 3.11 23.68
O6 NAG K . 30.26 5.46 23.99
O7 NAG K . 35.19 1.14 21.87
C1 NAG K . 34.35 4.86 26.36
C2 NAG K . 34.29 5.67 27.66
C3 NAG K . 35.48 6.62 27.77
C4 NAG K . 36.79 5.86 27.57
C5 NAG K . 36.74 5.08 26.26
C6 NAG K . 37.97 4.22 26.03
C7 NAG K . 32.59 7.36 26.97
C8 NAG K . 31.27 7.96 27.31
N2 NAG K . 33.04 6.40 27.80
O3 NAG K . 35.49 7.25 29.04
O4 NAG K . 37.89 6.76 27.54
O5 NAG K . 35.61 4.19 26.26
O6 NAG K . 38.27 3.43 27.17
O7 NAG K . 33.23 7.72 25.98
C1 NAG L . -18.90 29.70 4.42
C2 NAG L . -19.08 30.90 3.50
C3 NAG L . -18.30 30.70 2.20
C4 NAG L . -16.85 30.34 2.48
C5 NAG L . -16.78 29.17 3.46
C6 NAG L . -15.37 28.84 3.90
C7 NAG L . -21.12 32.27 3.58
C8 NAG L . -22.57 32.35 3.21
N2 NAG L . -20.49 31.15 3.23
O3 NAG L . -18.35 31.90 1.43
O4 NAG L . -16.23 29.97 1.26
O5 NAG L . -17.52 29.49 4.64
O6 NAG L . -14.68 29.98 4.36
O7 NAG L . -20.54 33.18 4.15
C1 NAG L . -15.12 30.87 0.97
C2 NAG L . -14.49 30.43 -0.36
C3 NAG L . -13.34 31.36 -0.71
C4 NAG L . -13.80 32.81 -0.70
C5 NAG L . -14.49 33.15 0.61
C6 NAG L . -15.09 34.53 0.61
C7 NAG L . -14.84 28.01 -0.58
C8 NAG L . -14.21 26.66 -0.47
N2 NAG L . -14.04 29.05 -0.30
O3 NAG L . -12.81 31.01 -1.98
O4 NAG L . -12.68 33.68 -0.88
O5 NAG L . -15.56 32.23 0.86
O6 NAG L . -14.10 35.54 0.52
O7 NAG L . -16.01 28.16 -0.91
C1 NAG M . 21.93 -29.00 -13.37
C2 NAG M . 20.49 -29.02 -13.92
C3 NAG M . 20.21 -27.76 -14.73
C4 NAG M . 20.56 -26.51 -13.94
C5 NAG M . 22.00 -26.60 -13.45
C6 NAG M . 22.40 -25.43 -12.57
C7 NAG M . 19.06 -30.71 -15.01
C8 NAG M . 19.05 -31.95 -15.84
N2 NAG M . 20.28 -30.22 -14.72
O3 NAG M . 18.84 -27.71 -15.09
O4 NAG M . 20.41 -25.36 -14.76
O5 NAG M . 22.16 -27.78 -12.66
O6 NAG M . 23.06 -25.87 -11.40
O7 NAG M . 18.03 -30.19 -14.60
C1 NAG N . -21.69 25.92 -7.65
C2 NAG N . -21.50 27.29 -8.32
C3 NAG N . -20.40 27.21 -9.38
C4 NAG N . -19.12 26.63 -8.79
C5 NAG N . -19.42 25.29 -8.12
C6 NAG N . -18.23 24.71 -7.42
C7 NAG N . -23.05 29.06 -9.04
C8 NAG N . -24.37 29.36 -9.67
N2 NAG N . -22.75 27.76 -8.91
O3 NAG N . -20.15 28.51 -9.90
O4 NAG N . -18.16 26.44 -9.81
O5 NAG N . -20.44 25.47 -7.12
O6 NAG N . -17.01 25.13 -8.02
O7 NAG N . -22.29 29.94 -8.67
#